data_7DA6
# 
_entry.id   7DA6 
# 
_audit_conform.dict_name       mmcif_pdbx.dic 
_audit_conform.dict_version    5.397 
_audit_conform.dict_location   http://mmcif.pdb.org/dictionaries/ascii/mmcif_pdbx.dic 
# 
loop_
_database_2.database_id 
_database_2.database_code 
_database_2.pdbx_database_accession 
_database_2.pdbx_DOI 
PDB   7DA6         pdb_00007da6 10.2210/pdb7da6/pdb 
WWPDB D_1300018836 ?            ?                   
# 
loop_
_pdbx_audit_revision_history.ordinal 
_pdbx_audit_revision_history.data_content_type 
_pdbx_audit_revision_history.major_revision 
_pdbx_audit_revision_history.minor_revision 
_pdbx_audit_revision_history.revision_date 
1 'Structure model' 1 0 2021-08-25 
2 'Structure model' 2 0 2021-11-10 
3 'Structure model' 2 1 2022-06-29 
4 'Structure model' 2 2 2023-11-29 
5 'Structure model' 2 3 2024-10-23 
# 
loop_
_pdbx_audit_revision_details.ordinal 
_pdbx_audit_revision_details.revision_ordinal 
_pdbx_audit_revision_details.data_content_type 
_pdbx_audit_revision_details.provider 
_pdbx_audit_revision_details.type 
_pdbx_audit_revision_details.description 
_pdbx_audit_revision_details.details 
1 1 'Structure model' repository 'Initial release'        ?                            ? 
2 2 'Structure model' author     'Coordinate replacement' 'Model orientation/position' 
'correct the orientation on N-terminus of peptide inhibitor' 
# 
loop_
_pdbx_audit_revision_group.ordinal 
_pdbx_audit_revision_group.revision_ordinal 
_pdbx_audit_revision_group.data_content_type 
_pdbx_audit_revision_group.group 
1  2 'Structure model' Advisory                     
2  2 'Structure model' 'Atomic model'               
3  2 'Structure model' 'Author supporting evidence' 
4  2 'Structure model' 'Data collection'            
5  2 'Structure model' 'Database references'        
6  2 'Structure model' 'Derived calculations'       
7  2 'Structure model' 'Experimental preparation'   
8  2 'Structure model' 'Polymer sequence'           
9  2 'Structure model' 'Refinement description'     
10 2 'Structure model' 'Source and taxonomy'        
11 2 'Structure model' 'Structure summary'          
12 3 'Structure model' 'Database references'        
13 4 'Structure model' 'Data collection'            
14 4 'Structure model' 'Refinement description'     
15 5 'Structure model' 'Structure summary'          
# 
loop_
_pdbx_audit_revision_category.ordinal 
_pdbx_audit_revision_category.revision_ordinal 
_pdbx_audit_revision_category.data_content_type 
_pdbx_audit_revision_category.category 
1  2 'Structure model' atom_site                       
2  2 'Structure model' entity                          
3  2 'Structure model' entity_poly                     
4  2 'Structure model' entity_poly_seq                 
5  2 'Structure model' entity_src_gen                  
6  2 'Structure model' exptl_crystal                   
7  2 'Structure model' pdbx_audit_support              
8  2 'Structure model' pdbx_contact_author             
9  2 'Structure model' pdbx_entity_src_syn             
10 2 'Structure model' pdbx_nonpoly_scheme             
11 2 'Structure model' pdbx_poly_seq_scheme            
12 2 'Structure model' pdbx_struct_conn_angle          
13 2 'Structure model' pdbx_struct_sheet_hbond         
14 2 'Structure model' pdbx_unobs_or_zero_occ_atoms    
15 2 'Structure model' pdbx_unobs_or_zero_occ_residues 
16 2 'Structure model' pdbx_validate_close_contact     
17 2 'Structure model' pdbx_validate_rmsd_angle        
18 2 'Structure model' pdbx_validate_rmsd_bond         
19 2 'Structure model' pdbx_validate_symm_contact      
20 2 'Structure model' pdbx_validate_torsion           
21 2 'Structure model' refine                          
22 2 'Structure model' refine_hist                     
23 2 'Structure model' refine_ls_restr                 
24 2 'Structure model' refine_ls_shell                 
25 2 'Structure model' reflns                          
26 2 'Structure model' reflns_shell                    
27 2 'Structure model' software                        
28 2 'Structure model' struct                          
29 2 'Structure model' struct_conf                     
30 2 'Structure model' struct_conn                     
31 2 'Structure model' struct_ref                      
32 2 'Structure model' struct_ref_seq                  
33 2 'Structure model' struct_ref_seq_dif              
34 2 'Structure model' struct_sheet_range              
35 3 'Structure model' citation                        
36 3 'Structure model' citation_author                 
37 4 'Structure model' chem_comp_atom                  
38 4 'Structure model' chem_comp_bond                  
39 4 'Structure model' pdbx_initial_refinement_model   
40 5 'Structure model' pdbx_entry_details              
41 5 'Structure model' pdbx_modification_feature       
# 
loop_
_pdbx_audit_revision_item.ordinal 
_pdbx_audit_revision_item.revision_ordinal 
_pdbx_audit_revision_item.data_content_type 
_pdbx_audit_revision_item.item 
1  2 'Structure model' '_entity.formula_weight'                         
2  2 'Structure model' '_entity.pdbx_description'                       
3  2 'Structure model' '_entity_poly.pdbx_seq_one_letter_code'          
4  2 'Structure model' '_entity_poly.pdbx_seq_one_letter_code_can'      
5  2 'Structure model' '_entity_src_gen.gene_src_common_name'           
6  2 'Structure model' '_entity_src_gen.pdbx_end_seq_num'               
7  2 'Structure model' '_exptl_crystal.density_Matthews'                
8  2 'Structure model' '_exptl_crystal.density_percent_sol'             
9  2 'Structure model' '_pdbx_entity_src_syn.pdbx_end_seq_num'          
10 2 'Structure model' '_pdbx_nonpoly_scheme.auth_seq_num'              
11 2 'Structure model' '_pdbx_struct_conn_angle.ptnr1_label_seq_id'     
12 2 'Structure model' '_pdbx_struct_conn_angle.ptnr3_label_seq_id'     
13 2 'Structure model' '_pdbx_struct_conn_angle.value'                  
14 2 'Structure model' '_pdbx_struct_sheet_hbond.range_1_auth_comp_id'  
15 2 'Structure model' '_pdbx_struct_sheet_hbond.range_1_auth_seq_id'   
16 2 'Structure model' '_pdbx_struct_sheet_hbond.range_1_label_comp_id' 
17 2 'Structure model' '_pdbx_struct_sheet_hbond.range_1_label_seq_id'  
18 2 'Structure model' '_pdbx_struct_sheet_hbond.range_2_auth_comp_id'  
19 2 'Structure model' '_pdbx_struct_sheet_hbond.range_2_auth_seq_id'   
20 2 'Structure model' '_pdbx_struct_sheet_hbond.range_2_label_comp_id' 
21 2 'Structure model' '_pdbx_struct_sheet_hbond.range_2_label_seq_id'  
22 2 'Structure model' '_pdbx_validate_rmsd_angle.angle_deviation'      
23 2 'Structure model' '_pdbx_validate_rmsd_angle.angle_value'          
24 2 'Structure model' '_refine.B_iso_max'                              
25 2 'Structure model' '_refine.B_iso_mean'                             
26 2 'Structure model' '_refine.B_iso_min'                              
27 2 'Structure model' '_refine.ls_R_factor_R_free'                     
28 2 'Structure model' '_refine.ls_R_factor_R_work'                     
29 2 'Structure model' '_refine.ls_R_factor_obs'                        
30 2 'Structure model' '_refine.ls_d_res_high'                          
31 2 'Structure model' '_refine.ls_number_reflns_R_work'                
32 2 'Structure model' '_refine.ls_number_reflns_obs'                   
33 2 'Structure model' '_refine.ls_percent_reflns_obs'                  
34 2 'Structure model' '_refine.pdbx_overall_phase_error'               
35 2 'Structure model' '_refine_hist.d_res_high'                        
36 2 'Structure model' '_refine_hist.number_atoms_total'                
37 2 'Structure model' '_refine_hist.pdbx_B_iso_mean_ligand'            
38 2 'Structure model' '_refine_hist.pdbx_B_iso_mean_solvent'           
39 2 'Structure model' '_refine_hist.pdbx_number_atoms_protein'         
40 2 'Structure model' '_refine_ls_restr.dev_ideal'                     
41 2 'Structure model' '_refine_ls_restr.number'                        
42 2 'Structure model' '_reflns.B_iso_Wilson_estimate'                  
43 2 'Structure model' '_reflns.d_resolution_high'                      
44 2 'Structure model' '_reflns.d_resolution_low'                       
45 2 'Structure model' '_reflns.pdbx_CC_half'                           
46 2 'Structure model' '_reflns.pdbx_Rpim_I_all'                        
47 2 'Structure model' '_reflns.pdbx_Rrim_I_all'                        
48 2 'Structure model' '_reflns.pdbx_chi_squared'                       
49 2 'Structure model' '_reflns.pdbx_netI_over_sigmaI'                  
50 2 'Structure model' '_reflns.pdbx_number_measured_all'               
51 2 'Structure model' '_software.classification'                       
52 2 'Structure model' '_software.name'                                 
53 2 'Structure model' '_software.version'                              
54 2 'Structure model' '_struct.title'                                  
55 2 'Structure model' '_struct_conn.pdbx_dist_value'                   
56 2 'Structure model' '_struct_conn.ptnr1_label_seq_id'                
57 2 'Structure model' '_struct_conn.ptnr2_label_seq_id'                
58 2 'Structure model' '_struct_ref.db_code'                            
59 2 'Structure model' '_struct_ref.pdbx_align_begin'                   
60 2 'Structure model' '_struct_ref.pdbx_db_accession'                  
61 2 'Structure model' '_struct_ref.pdbx_seq_one_letter_code'           
62 2 'Structure model' '_struct_ref_seq.db_align_beg'                   
63 2 'Structure model' '_struct_ref_seq.db_align_end'                   
64 2 'Structure model' '_struct_ref_seq.pdbx_auth_seq_align_beg'        
65 2 'Structure model' '_struct_ref_seq.pdbx_auth_seq_align_end'        
66 2 'Structure model' '_struct_ref_seq.pdbx_db_accession'              
67 2 'Structure model' '_struct_ref_seq.seq_align_beg'                  
68 2 'Structure model' '_struct_ref_seq.seq_align_end'                  
69 2 'Structure model' '_struct_sheet_range.beg_label_seq_id'           
70 2 'Structure model' '_struct_sheet_range.end_label_seq_id'           
71 3 'Structure model' '_citation.country'                              
72 3 'Structure model' '_citation.journal_abbrev'                       
73 3 'Structure model' '_citation.journal_id_CSD'                       
74 3 'Structure model' '_citation.journal_id_ISSN'                      
75 3 'Structure model' '_citation.pdbx_database_id_DOI'                 
76 3 'Structure model' '_citation.title'                                
77 3 'Structure model' '_citation.year'                                 
78 5 'Structure model' '_pdbx_entry_details.has_protein_modification'   
# 
_pdbx_database_status.status_code                     REL 
_pdbx_database_status.status_code_sf                  REL 
_pdbx_database_status.status_code_mr                  ? 
_pdbx_database_status.entry_id                        7DA6 
_pdbx_database_status.recvd_initial_deposition_date   2020-10-15 
_pdbx_database_status.SG_entry                        N 
_pdbx_database_status.deposit_site                    PDBJ 
_pdbx_database_status.process_site                    PDBJ 
_pdbx_database_status.status_code_cs                  ? 
_pdbx_database_status.status_code_nmr_data            ? 
_pdbx_database_status.methods_development_category    ? 
_pdbx_database_status.pdb_format_compatible           Y 
# 
_pdbx_contact_author.id                 2 
_pdbx_contact_author.email              hanna@sinica.edu.tw 
_pdbx_contact_author.name_first         Hanna 
_pdbx_contact_author.name_last          Yuan 
_pdbx_contact_author.name_mi            S. 
_pdbx_contact_author.role               'principal investigator/group leader' 
_pdbx_contact_author.identifier_ORCID   0000-0001-9671-6967 
# 
loop_
_audit_author.name 
_audit_author.pdbx_ordinal 
_audit_author.identifier_ORCID 
'Yang, W.Z.' 1 0000-0002-0879-9510 
'Yuan, H.S.' 2 0000-0001-9671-6967 
# 
_citation.abstract                  ? 
_citation.abstract_id_CAS           ? 
_citation.book_id_ISBN              ? 
_citation.book_publisher            ? 
_citation.book_publisher_city       ? 
_citation.book_title                ? 
_citation.coordinate_linkage        ? 
_citation.country                   US 
_citation.database_id_Medline       ? 
_citation.details                   ? 
_citation.id                        primary 
_citation.journal_abbrev            'Acs Bio Med Chem Au' 
_citation.journal_id_ASTM           ? 
_citation.journal_id_CSD            ? 
_citation.journal_id_ISSN           2694-2437 
_citation.journal_full              ? 
_citation.journal_issue             ? 
_citation.journal_volume            ? 
_citation.language                  ? 
_citation.page_first                ? 
_citation.page_last                 ? 
_citation.title                     'Efficient Strategy to Design Protease Inhibitors: Application to Enterovirus 71 2A Protease.' 
_citation.year                      2022 
_citation.database_id_CSD           ? 
_citation.pdbx_database_id_DOI      10.1021/acsbiomedchemau.2c00001 
_citation.pdbx_database_id_PubMed   ? 
_citation.pdbx_database_id_patent   ? 
_citation.unpublished_flag          ? 
# 
loop_
_citation_author.citation_id 
_citation_author.name 
_citation_author.ordinal 
_citation_author.identifier_ORCID 
primary 'Chen, T.'     1 ?                   
primary 'Grauffel, C.' 2 ?                   
primary 'Yang, W.Z.'   3 0000-0002-0879-9510 
primary 'Chen, Y.P.'   4 ?                   
primary 'Yuan, H.S.'   5 0000-0001-9671-6967 
primary 'Lim, C.'      6 ?                   
# 
loop_
_entity.id 
_entity.type 
_entity.src_method 
_entity.pdbx_description 
_entity.formula_weight 
_entity.pdbx_number_of_molecules 
_entity.pdbx_ec 
_entity.pdbx_mutation 
_entity.pdbx_fragment 
_entity.details 
1 polymer     man Polyprotein     15197.961 1  ? C110A ? ? 
2 polymer     syn PHE-ARG-GLY-LYS 508.614   1  ? ?     ? ? 
3 non-polymer syn 'ZINC ION'      65.409    1  ? ?     ? ? 
4 water       nat water           18.015    48 ? ?     ? ? 
# 
loop_
_entity_poly.entity_id 
_entity_poly.type 
_entity_poly.nstd_linkage 
_entity_poly.nstd_monomer 
_entity_poly.pdbx_seq_one_letter_code 
_entity_poly.pdbx_seq_one_letter_code_can 
_entity_poly.pdbx_strand_id 
_entity_poly.pdbx_target_identifier 
1 'polypeptide(L)' no no 
;SGAIYVGNFRVVNRHLATHNDWANLVWEDSSRDLLVSSTTAQGCDTIARCNCQTGVYYCNSRRKHYPVSFSKPSLIYVEA
SEYYPARYQSHLMLAQGHSEPGDAGGILRCQHGVVGIVSTGGNGLVGFADVRDLLWLD
;
;SGAIYVGNFRVVNRHLATHNDWANLVWEDSSRDLLVSSTTAQGCDTIARCNCQTGVYYCNSRRKHYPVSFSKPSLIYVEA
SEYYPARYQSHLMLAQGHSEPGDAGGILRCQHGVVGIVSTGGNGLVGFADVRDLLWLD
;
A ? 
2 'polypeptide(L)' no no FRGK FRGK C ? 
# 
loop_
_pdbx_entity_nonpoly.entity_id 
_pdbx_entity_nonpoly.name 
_pdbx_entity_nonpoly.comp_id 
3 'ZINC ION' ZN  
4 water      HOH 
# 
loop_
_entity_poly_seq.entity_id 
_entity_poly_seq.num 
_entity_poly_seq.mon_id 
_entity_poly_seq.hetero 
1 1   SER n 
1 2   GLY n 
1 3   ALA n 
1 4   ILE n 
1 5   TYR n 
1 6   VAL n 
1 7   GLY n 
1 8   ASN n 
1 9   PHE n 
1 10  ARG n 
1 11  VAL n 
1 12  VAL n 
1 13  ASN n 
1 14  ARG n 
1 15  HIS n 
1 16  LEU n 
1 17  ALA n 
1 18  THR n 
1 19  HIS n 
1 20  ASN n 
1 21  ASP n 
1 22  TRP n 
1 23  ALA n 
1 24  ASN n 
1 25  LEU n 
1 26  VAL n 
1 27  TRP n 
1 28  GLU n 
1 29  ASP n 
1 30  SER n 
1 31  SER n 
1 32  ARG n 
1 33  ASP n 
1 34  LEU n 
1 35  LEU n 
1 36  VAL n 
1 37  SER n 
1 38  SER n 
1 39  THR n 
1 40  THR n 
1 41  ALA n 
1 42  GLN n 
1 43  GLY n 
1 44  CYS n 
1 45  ASP n 
1 46  THR n 
1 47  ILE n 
1 48  ALA n 
1 49  ARG n 
1 50  CYS n 
1 51  ASN n 
1 52  CYS n 
1 53  GLN n 
1 54  THR n 
1 55  GLY n 
1 56  VAL n 
1 57  TYR n 
1 58  TYR n 
1 59  CYS n 
1 60  ASN n 
1 61  SER n 
1 62  ARG n 
1 63  ARG n 
1 64  LYS n 
1 65  HIS n 
1 66  TYR n 
1 67  PRO n 
1 68  VAL n 
1 69  SER n 
1 70  PHE n 
1 71  SER n 
1 72  LYS n 
1 73  PRO n 
1 74  SER n 
1 75  LEU n 
1 76  ILE n 
1 77  TYR n 
1 78  VAL n 
1 79  GLU n 
1 80  ALA n 
1 81  SER n 
1 82  GLU n 
1 83  TYR n 
1 84  TYR n 
1 85  PRO n 
1 86  ALA n 
1 87  ARG n 
1 88  TYR n 
1 89  GLN n 
1 90  SER n 
1 91  HIS n 
1 92  LEU n 
1 93  MET n 
1 94  LEU n 
1 95  ALA n 
1 96  GLN n 
1 97  GLY n 
1 98  HIS n 
1 99  SER n 
1 100 GLU n 
1 101 PRO n 
1 102 GLY n 
1 103 ASP n 
1 104 ALA n 
1 105 GLY n 
1 106 GLY n 
1 107 ILE n 
1 108 LEU n 
1 109 ARG n 
1 110 CYS n 
1 111 GLN n 
1 112 HIS n 
1 113 GLY n 
1 114 VAL n 
1 115 VAL n 
1 116 GLY n 
1 117 ILE n 
1 118 VAL n 
1 119 SER n 
1 120 THR n 
1 121 GLY n 
1 122 GLY n 
1 123 ASN n 
1 124 GLY n 
1 125 LEU n 
1 126 VAL n 
1 127 GLY n 
1 128 PHE n 
1 129 ALA n 
1 130 ASP n 
1 131 VAL n 
1 132 ARG n 
1 133 ASP n 
1 134 LEU n 
1 135 LEU n 
1 136 TRP n 
1 137 LEU n 
1 138 ASP n 
2 1   PHE n 
2 2   ARG n 
2 3   GLY n 
2 4   LYS n 
# 
_entity_src_gen.entity_id                          1 
_entity_src_gen.pdbx_src_id                        1 
_entity_src_gen.pdbx_alt_source_flag               sample 
_entity_src_gen.pdbx_seq_type                      'Biological sequence' 
_entity_src_gen.pdbx_beg_seq_num                   1 
_entity_src_gen.pdbx_end_seq_num                   138 
_entity_src_gen.gene_src_common_name               'EV71, EV-71' 
_entity_src_gen.gene_src_genus                     ? 
_entity_src_gen.pdbx_gene_src_gene                 ? 
_entity_src_gen.gene_src_species                   ? 
_entity_src_gen.gene_src_strain                    ? 
_entity_src_gen.gene_src_tissue                    ? 
_entity_src_gen.gene_src_tissue_fraction           ? 
_entity_src_gen.gene_src_details                   ? 
_entity_src_gen.pdbx_gene_src_fragment             ? 
_entity_src_gen.pdbx_gene_src_scientific_name      'Human enterovirus 71' 
_entity_src_gen.pdbx_gene_src_ncbi_taxonomy_id     39054 
_entity_src_gen.pdbx_gene_src_variant              ? 
_entity_src_gen.pdbx_gene_src_cell_line            ? 
_entity_src_gen.pdbx_gene_src_atcc                 ? 
_entity_src_gen.pdbx_gene_src_organ                ? 
_entity_src_gen.pdbx_gene_src_organelle            ? 
_entity_src_gen.pdbx_gene_src_cell                 ? 
_entity_src_gen.pdbx_gene_src_cellular_location    ? 
_entity_src_gen.host_org_common_name               ? 
_entity_src_gen.pdbx_host_org_scientific_name      'Escherichia coli' 
_entity_src_gen.pdbx_host_org_ncbi_taxonomy_id     562 
_entity_src_gen.host_org_genus                     ? 
_entity_src_gen.pdbx_host_org_gene                 ? 
_entity_src_gen.pdbx_host_org_organ                ? 
_entity_src_gen.host_org_species                   ? 
_entity_src_gen.pdbx_host_org_tissue               ? 
_entity_src_gen.pdbx_host_org_tissue_fraction      ? 
_entity_src_gen.pdbx_host_org_strain               ? 
_entity_src_gen.pdbx_host_org_variant              ? 
_entity_src_gen.pdbx_host_org_cell_line            ? 
_entity_src_gen.pdbx_host_org_atcc                 ? 
_entity_src_gen.pdbx_host_org_culture_collection   ? 
_entity_src_gen.pdbx_host_org_cell                 ? 
_entity_src_gen.pdbx_host_org_organelle            ? 
_entity_src_gen.pdbx_host_org_cellular_location    ? 
_entity_src_gen.pdbx_host_org_vector_type          ? 
_entity_src_gen.pdbx_host_org_vector               ? 
_entity_src_gen.host_org_details                   ? 
_entity_src_gen.expression_system_id               ? 
_entity_src_gen.plasmid_name                       pGEX-4T-1 
_entity_src_gen.plasmid_details                    ? 
_entity_src_gen.pdbx_description                   ? 
# 
_pdbx_entity_src_syn.entity_id              2 
_pdbx_entity_src_syn.pdbx_src_id            1 
_pdbx_entity_src_syn.pdbx_alt_source_flag   sample 
_pdbx_entity_src_syn.pdbx_beg_seq_num       1 
_pdbx_entity_src_syn.pdbx_end_seq_num       4 
_pdbx_entity_src_syn.organism_scientific    'synthetic construct' 
_pdbx_entity_src_syn.organism_common_name   ? 
_pdbx_entity_src_syn.ncbi_taxonomy_id       32630 
_pdbx_entity_src_syn.details                ? 
# 
loop_
_chem_comp.id 
_chem_comp.type 
_chem_comp.mon_nstd_flag 
_chem_comp.name 
_chem_comp.pdbx_synonyms 
_chem_comp.formula 
_chem_comp.formula_weight 
ALA 'L-peptide linking' y ALANINE         ? 'C3 H7 N O2'     89.093  
ARG 'L-peptide linking' y ARGININE        ? 'C6 H15 N4 O2 1' 175.209 
ASN 'L-peptide linking' y ASPARAGINE      ? 'C4 H8 N2 O3'    132.118 
ASP 'L-peptide linking' y 'ASPARTIC ACID' ? 'C4 H7 N O4'     133.103 
CYS 'L-peptide linking' y CYSTEINE        ? 'C3 H7 N O2 S'   121.158 
GLN 'L-peptide linking' y GLUTAMINE       ? 'C5 H10 N2 O3'   146.144 
GLU 'L-peptide linking' y 'GLUTAMIC ACID' ? 'C5 H9 N O4'     147.129 
GLY 'peptide linking'   y GLYCINE         ? 'C2 H5 N O2'     75.067  
HIS 'L-peptide linking' y HISTIDINE       ? 'C6 H10 N3 O2 1' 156.162 
HOH non-polymer         . WATER           ? 'H2 O'           18.015  
ILE 'L-peptide linking' y ISOLEUCINE      ? 'C6 H13 N O2'    131.173 
LEU 'L-peptide linking' y LEUCINE         ? 'C6 H13 N O2'    131.173 
LYS 'L-peptide linking' y LYSINE          ? 'C6 H15 N2 O2 1' 147.195 
MET 'L-peptide linking' y METHIONINE      ? 'C5 H11 N O2 S'  149.211 
PHE 'L-peptide linking' y PHENYLALANINE   ? 'C9 H11 N O2'    165.189 
PRO 'L-peptide linking' y PROLINE         ? 'C5 H9 N O2'     115.130 
SER 'L-peptide linking' y SERINE          ? 'C3 H7 N O3'     105.093 
THR 'L-peptide linking' y THREONINE       ? 'C4 H9 N O3'     119.119 
TRP 'L-peptide linking' y TRYPTOPHAN      ? 'C11 H12 N2 O2'  204.225 
TYR 'L-peptide linking' y TYROSINE        ? 'C9 H11 N O3'    181.189 
VAL 'L-peptide linking' y VALINE          ? 'C5 H11 N O2'    117.146 
ZN  non-polymer         . 'ZINC ION'      ? 'Zn 2'           65.409  
# 
loop_
_pdbx_poly_seq_scheme.asym_id 
_pdbx_poly_seq_scheme.entity_id 
_pdbx_poly_seq_scheme.seq_id 
_pdbx_poly_seq_scheme.mon_id 
_pdbx_poly_seq_scheme.ndb_seq_num 
_pdbx_poly_seq_scheme.pdb_seq_num 
_pdbx_poly_seq_scheme.auth_seq_num 
_pdbx_poly_seq_scheme.pdb_mon_id 
_pdbx_poly_seq_scheme.auth_mon_id 
_pdbx_poly_seq_scheme.pdb_strand_id 
_pdbx_poly_seq_scheme.pdb_ins_code 
_pdbx_poly_seq_scheme.hetero 
A 1 1   SER 1   7   7   SER SER A . n 
A 1 2   GLY 2   8   8   GLY GLY A . n 
A 1 3   ALA 3   9   9   ALA ALA A . n 
A 1 4   ILE 4   10  10  ILE ILE A . n 
A 1 5   TYR 5   11  11  TYR TYR A . n 
A 1 6   VAL 6   12  12  VAL VAL A . n 
A 1 7   GLY 7   13  13  GLY GLY A . n 
A 1 8   ASN 8   14  14  ASN ASN A . n 
A 1 9   PHE 9   15  15  PHE PHE A . n 
A 1 10  ARG 10  16  16  ARG ARG A . n 
A 1 11  VAL 11  17  17  VAL VAL A . n 
A 1 12  VAL 12  18  18  VAL VAL A . n 
A 1 13  ASN 13  19  19  ASN ASN A . n 
A 1 14  ARG 14  20  20  ARG ARG A . n 
A 1 15  HIS 15  21  21  HIS HIS A . n 
A 1 16  LEU 16  22  22  LEU LEU A . n 
A 1 17  ALA 17  23  23  ALA ALA A . n 
A 1 18  THR 18  24  24  THR THR A . n 
A 1 19  HIS 19  25  25  HIS HIS A . n 
A 1 20  ASN 20  26  26  ASN ASN A . n 
A 1 21  ASP 21  27  27  ASP ASP A . n 
A 1 22  TRP 22  28  28  TRP TRP A . n 
A 1 23  ALA 23  29  29  ALA ALA A . n 
A 1 24  ASN 24  30  30  ASN ASN A . n 
A 1 25  LEU 25  31  31  LEU LEU A . n 
A 1 26  VAL 26  32  32  VAL VAL A . n 
A 1 27  TRP 27  33  33  TRP TRP A . n 
A 1 28  GLU 28  34  34  GLU GLU A . n 
A 1 29  ASP 29  35  35  ASP ASP A . n 
A 1 30  SER 30  36  36  SER SER A . n 
A 1 31  SER 31  37  37  SER SER A . n 
A 1 32  ARG 32  38  38  ARG ARG A . n 
A 1 33  ASP 33  39  39  ASP ASP A . n 
A 1 34  LEU 34  40  40  LEU LEU A . n 
A 1 35  LEU 35  41  41  LEU LEU A . n 
A 1 36  VAL 36  42  42  VAL VAL A . n 
A 1 37  SER 37  43  43  SER SER A . n 
A 1 38  SER 38  44  44  SER SER A . n 
A 1 39  THR 39  45  45  THR THR A . n 
A 1 40  THR 40  46  46  THR THR A . n 
A 1 41  ALA 41  47  47  ALA ALA A . n 
A 1 42  GLN 42  48  48  GLN GLN A . n 
A 1 43  GLY 43  49  49  GLY GLY A . n 
A 1 44  CYS 44  50  50  CYS CYS A . n 
A 1 45  ASP 45  51  51  ASP ASP A . n 
A 1 46  THR 46  52  52  THR THR A . n 
A 1 47  ILE 47  53  53  ILE ILE A . n 
A 1 48  ALA 48  54  54  ALA ALA A . n 
A 1 49  ARG 49  55  55  ARG ARG A . n 
A 1 50  CYS 50  56  56  CYS CYS A . n 
A 1 51  ASN 51  57  57  ASN ASN A . n 
A 1 52  CYS 52  58  58  CYS CYS A . n 
A 1 53  GLN 53  59  59  GLN GLN A . n 
A 1 54  THR 54  60  60  THR THR A . n 
A 1 55  GLY 55  61  61  GLY GLY A . n 
A 1 56  VAL 56  62  62  VAL VAL A . n 
A 1 57  TYR 57  63  63  TYR TYR A . n 
A 1 58  TYR 58  64  64  TYR TYR A . n 
A 1 59  CYS 59  65  65  CYS CYS A . n 
A 1 60  ASN 60  66  66  ASN ASN A . n 
A 1 61  SER 61  67  67  SER SER A . n 
A 1 62  ARG 62  68  68  ARG ARG A . n 
A 1 63  ARG 63  69  69  ARG ARG A . n 
A 1 64  LYS 64  70  70  LYS LYS A . n 
A 1 65  HIS 65  71  71  HIS HIS A . n 
A 1 66  TYR 66  72  72  TYR TYR A . n 
A 1 67  PRO 67  73  73  PRO PRO A . n 
A 1 68  VAL 68  74  74  VAL VAL A . n 
A 1 69  SER 69  75  75  SER SER A . n 
A 1 70  PHE 70  76  76  PHE PHE A . n 
A 1 71  SER 71  77  77  SER SER A . n 
A 1 72  LYS 72  78  78  LYS LYS A . n 
A 1 73  PRO 73  79  79  PRO PRO A . n 
A 1 74  SER 74  80  80  SER SER A . n 
A 1 75  LEU 75  81  81  LEU LEU A . n 
A 1 76  ILE 76  82  82  ILE ILE A . n 
A 1 77  TYR 77  83  83  TYR TYR A . n 
A 1 78  VAL 78  84  84  VAL VAL A . n 
A 1 79  GLU 79  85  85  GLU GLU A . n 
A 1 80  ALA 80  86  86  ALA ALA A . n 
A 1 81  SER 81  87  87  SER SER A . n 
A 1 82  GLU 82  88  88  GLU GLU A . n 
A 1 83  TYR 83  89  89  TYR TYR A . n 
A 1 84  TYR 84  90  90  TYR TYR A . n 
A 1 85  PRO 85  91  91  PRO PRO A . n 
A 1 86  ALA 86  92  92  ALA ALA A . n 
A 1 87  ARG 87  93  93  ARG ARG A . n 
A 1 88  TYR 88  94  94  TYR TYR A . n 
A 1 89  GLN 89  95  95  GLN GLN A . n 
A 1 90  SER 90  96  96  SER SER A . n 
A 1 91  HIS 91  97  97  HIS HIS A . n 
A 1 92  LEU 92  98  98  LEU LEU A . n 
A 1 93  MET 93  99  99  MET MET A . n 
A 1 94  LEU 94  100 100 LEU LEU A . n 
A 1 95  ALA 95  101 101 ALA ALA A . n 
A 1 96  GLN 96  102 102 GLN GLN A . n 
A 1 97  GLY 97  103 103 GLY GLY A . n 
A 1 98  HIS 98  104 104 HIS HIS A . n 
A 1 99  SER 99  105 105 SER SER A . n 
A 1 100 GLU 100 106 106 GLU GLU A . n 
A 1 101 PRO 101 107 107 PRO PRO A . n 
A 1 102 GLY 102 108 108 GLY GLY A . n 
A 1 103 ASP 103 109 109 ASP ASP A . n 
A 1 104 ALA 104 110 110 ALA ALA A . n 
A 1 105 GLY 105 111 111 GLY GLY A . n 
A 1 106 GLY 106 112 112 GLY GLY A . n 
A 1 107 ILE 107 113 113 ILE ILE A . n 
A 1 108 LEU 108 114 114 LEU LEU A . n 
A 1 109 ARG 109 115 115 ARG ARG A . n 
A 1 110 CYS 110 116 116 CYS CYS A . n 
A 1 111 GLN 111 117 117 GLN GLN A . n 
A 1 112 HIS 112 118 118 HIS HIS A . n 
A 1 113 GLY 113 119 119 GLY GLY A . n 
A 1 114 VAL 114 120 120 VAL VAL A . n 
A 1 115 VAL 115 121 121 VAL VAL A . n 
A 1 116 GLY 116 122 122 GLY GLY A . n 
A 1 117 ILE 117 123 123 ILE ILE A . n 
A 1 118 VAL 118 124 124 VAL VAL A . n 
A 1 119 SER 119 125 125 SER SER A . n 
A 1 120 THR 120 126 126 THR THR A . n 
A 1 121 GLY 121 127 127 GLY GLY A . n 
A 1 122 GLY 122 128 128 GLY GLY A . n 
A 1 123 ASN 123 129 129 ASN ASN A . n 
A 1 124 GLY 124 130 130 GLY GLY A . n 
A 1 125 LEU 125 131 131 LEU LEU A . n 
A 1 126 VAL 126 132 132 VAL VAL A . n 
A 1 127 GLY 127 133 133 GLY GLY A . n 
A 1 128 PHE 128 134 134 PHE PHE A . n 
A 1 129 ALA 129 135 135 ALA ALA A . n 
A 1 130 ASP 130 136 136 ASP ASP A . n 
A 1 131 VAL 131 137 137 VAL VAL A . n 
A 1 132 ARG 132 138 138 ARG ARG A . n 
A 1 133 ASP 133 139 139 ASP ASP A . n 
A 1 134 LEU 134 140 140 LEU LEU A . n 
A 1 135 LEU 135 141 141 LEU LEU A . n 
A 1 136 TRP 136 142 142 TRP TRP A . n 
A 1 137 LEU 137 143 143 LEU LEU A . n 
A 1 138 ASP 138 144 144 ASP ASP A . n 
B 2 1   PHE 1   -1  -1  PHE PHE C . n 
B 2 2   ARG 2   0   0   ARG ARG C . n 
B 2 3   GLY 3   1   1   GLY GLY C . n 
B 2 4   LYS 4   2   2   LYS LYS C . n 
# 
_pdbx_entity_instance_feature.ordinal        1 
_pdbx_entity_instance_feature.comp_id        ZN 
_pdbx_entity_instance_feature.asym_id        ? 
_pdbx_entity_instance_feature.seq_num        ? 
_pdbx_entity_instance_feature.auth_comp_id   ZN 
_pdbx_entity_instance_feature.auth_asym_id   ? 
_pdbx_entity_instance_feature.auth_seq_num   ? 
_pdbx_entity_instance_feature.feature_type   'SUBJECT OF INVESTIGATION' 
_pdbx_entity_instance_feature.details        ? 
# 
loop_
_pdbx_nonpoly_scheme.asym_id 
_pdbx_nonpoly_scheme.entity_id 
_pdbx_nonpoly_scheme.mon_id 
_pdbx_nonpoly_scheme.ndb_seq_num 
_pdbx_nonpoly_scheme.pdb_seq_num 
_pdbx_nonpoly_scheme.auth_seq_num 
_pdbx_nonpoly_scheme.pdb_mon_id 
_pdbx_nonpoly_scheme.auth_mon_id 
_pdbx_nonpoly_scheme.pdb_strand_id 
_pdbx_nonpoly_scheme.pdb_ins_code 
C 3 ZN  1  201 201 ZN  ZN  A . 
D 4 HOH 1  301 302 HOH HOH A . 
D 4 HOH 2  302 305 HOH HOH A . 
D 4 HOH 3  303 304 HOH HOH A . 
D 4 HOH 4  304 301 HOH HOH A . 
D 4 HOH 5  305 303 HOH HOH A . 
D 4 HOH 6  306 311 HOH HOH A . 
D 4 HOH 7  307 306 HOH HOH A . 
D 4 HOH 8  308 308 HOH HOH A . 
D 4 HOH 9  309 309 HOH HOH A . 
D 4 HOH 10 310 319 HOH HOH A . 
D 4 HOH 11 311 307 HOH HOH A . 
D 4 HOH 12 312 315 HOH HOH A . 
D 4 HOH 13 313 314 HOH HOH A . 
D 4 HOH 14 314 324 HOH HOH A . 
D 4 HOH 15 315 318 HOH HOH A . 
D 4 HOH 16 316 316 HOH HOH A . 
D 4 HOH 17 317 322 HOH HOH A . 
D 4 HOH 18 318 312 HOH HOH A . 
D 4 HOH 19 319 313 HOH HOH A . 
D 4 HOH 20 320 310 HOH HOH A . 
D 4 HOH 21 321 335 HOH HOH A . 
D 4 HOH 22 322 320 HOH HOH A . 
D 4 HOH 23 323 328 HOH HOH A . 
D 4 HOH 24 324 323 HOH HOH A . 
D 4 HOH 25 325 321 HOH HOH A . 
D 4 HOH 26 326 329 HOH HOH A . 
D 4 HOH 27 327 339 HOH HOH A . 
D 4 HOH 28 328 317 HOH HOH A . 
D 4 HOH 29 329 337 HOH HOH A . 
D 4 HOH 30 330 325 HOH HOH A . 
D 4 HOH 31 331 336 HOH HOH A . 
D 4 HOH 32 332 326 HOH HOH A . 
D 4 HOH 33 333 334 HOH HOH A . 
D 4 HOH 34 334 331 HOH HOH A . 
D 4 HOH 35 335 332 HOH HOH A . 
D 4 HOH 36 336 327 HOH HOH A . 
D 4 HOH 37 337 338 HOH HOH A . 
D 4 HOH 38 338 333 HOH HOH A . 
D 4 HOH 39 339 330 HOH HOH A . 
D 4 HOH 40 340 340 HOH HOH A . 
D 4 HOH 41 341 341 HOH HOH A . 
D 4 HOH 42 342 342 HOH HOH A . 
D 4 HOH 43 343 346 HOH HOH A . 
D 4 HOH 44 344 343 HOH HOH A . 
D 4 HOH 45 345 345 HOH HOH A . 
D 4 HOH 46 346 344 HOH HOH A . 
D 4 HOH 47 347 348 HOH HOH A . 
D 4 HOH 48 348 347 HOH HOH A . 
# 
loop_
_software.citation_id 
_software.classification 
_software.compiler_name 
_software.compiler_version 
_software.contact_author 
_software.contact_author_email 
_software.date 
_software.description 
_software.dependencies 
_software.hardware 
_software.language 
_software.location 
_software.mods 
_software.name 
_software.os 
_software.os_version 
_software.type 
_software.version 
_software.pdbx_ordinal 
? refinement        ? ? ? ? ? ? ? ? ? ? ? PHENIX      ? ? ? 1.8.4-1496 1 
? 'data reduction'  ? ? ? ? ? ? ? ? ? ? ? HKL-2000    ? ? ? .          2 
? 'data scaling'    ? ? ? ? ? ? ? ? ? ? ? SCALEPACK   ? ? ? .          3 
? phasing           ? ? ? ? ? ? ? ? ? ? ? PHASER      ? ? ? .          4 
? 'data extraction' ? ? ? ? ? ? ? ? ? ? ? PDB_EXTRACT ? ? ? 3.25       5 
# 
_cell.angle_alpha                  90.000 
_cell.angle_alpha_esd              ? 
_cell.angle_beta                   111.570 
_cell.angle_beta_esd               ? 
_cell.angle_gamma                  90.000 
_cell.angle_gamma_esd              ? 
_cell.entry_id                     7DA6 
_cell.details                      ? 
_cell.formula_units_Z              ? 
_cell.length_a                     85.476 
_cell.length_a_esd                 ? 
_cell.length_b                     44.407 
_cell.length_b_esd                 ? 
_cell.length_c                     51.369 
_cell.length_c_esd                 ? 
_cell.volume                       ? 
_cell.volume_esd                   ? 
_cell.Z_PDB                        4 
_cell.reciprocal_angle_alpha       ? 
_cell.reciprocal_angle_beta        ? 
_cell.reciprocal_angle_gamma       ? 
_cell.reciprocal_angle_alpha_esd   ? 
_cell.reciprocal_angle_beta_esd    ? 
_cell.reciprocal_angle_gamma_esd   ? 
_cell.reciprocal_length_a          ? 
_cell.reciprocal_length_b          ? 
_cell.reciprocal_length_c          ? 
_cell.reciprocal_length_a_esd      ? 
_cell.reciprocal_length_b_esd      ? 
_cell.reciprocal_length_c_esd      ? 
_cell.pdbx_unique_axis             ? 
# 
_symmetry.entry_id                         7DA6 
_symmetry.cell_setting                     ? 
_symmetry.Int_Tables_number                5 
_symmetry.space_group_name_Hall            ? 
_symmetry.space_group_name_H-M             'C 1 2 1' 
_symmetry.pdbx_full_space_group_name_H-M   ? 
# 
_exptl.absorpt_coefficient_mu     ? 
_exptl.absorpt_correction_T_max   ? 
_exptl.absorpt_correction_T_min   ? 
_exptl.absorpt_correction_type    ? 
_exptl.absorpt_process_details    ? 
_exptl.entry_id                   7DA6 
_exptl.crystals_number            1 
_exptl.details                    ? 
_exptl.method                     'X-RAY DIFFRACTION' 
_exptl.method_details             ? 
# 
_exptl_crystal.colour                      ? 
_exptl_crystal.density_diffrn              ? 
_exptl_crystal.density_Matthews            2.89 
_exptl_crystal.density_method              ? 
_exptl_crystal.density_percent_sol         57.38 
_exptl_crystal.description                 ? 
_exptl_crystal.F_000                       ? 
_exptl_crystal.id                          1 
_exptl_crystal.preparation                 ? 
_exptl_crystal.size_max                    ? 
_exptl_crystal.size_mid                    ? 
_exptl_crystal.size_min                    ? 
_exptl_crystal.size_rad                    ? 
_exptl_crystal.colour_lustre               ? 
_exptl_crystal.colour_modifier             ? 
_exptl_crystal.colour_primary              ? 
_exptl_crystal.density_meas                ? 
_exptl_crystal.density_meas_esd            ? 
_exptl_crystal.density_meas_gt             ? 
_exptl_crystal.density_meas_lt             ? 
_exptl_crystal.density_meas_temp           ? 
_exptl_crystal.density_meas_temp_esd       ? 
_exptl_crystal.density_meas_temp_gt        ? 
_exptl_crystal.density_meas_temp_lt        ? 
_exptl_crystal.pdbx_crystal_image_url      ? 
_exptl_crystal.pdbx_crystal_image_format   ? 
_exptl_crystal.pdbx_mosaicity              ? 
_exptl_crystal.pdbx_mosaicity_esd          ? 
# 
_exptl_crystal_grow.apparatus       ? 
_exptl_crystal_grow.atmosphere      ? 
_exptl_crystal_grow.crystal_id      1 
_exptl_crystal_grow.details         ? 
_exptl_crystal_grow.method          'VAPOR DIFFUSION, HANGING DROP' 
_exptl_crystal_grow.method_ref      ? 
_exptl_crystal_grow.pH              ? 
_exptl_crystal_grow.pressure        ? 
_exptl_crystal_grow.pressure_esd    ? 
_exptl_crystal_grow.seeding         ? 
_exptl_crystal_grow.seeding_ref     ? 
_exptl_crystal_grow.temp            296 
_exptl_crystal_grow.temp_details    ? 
_exptl_crystal_grow.temp_esd        ? 
_exptl_crystal_grow.time            ? 
_exptl_crystal_grow.pdbx_details    '0.1 M HEPES (pH 7.5), 20% 2-propanol, and 10% polyethylene glycol (PEG) 4000' 
_exptl_crystal_grow.pdbx_pH_range   ? 
# 
_diffrn.ambient_environment              ? 
_diffrn.ambient_temp                     100 
_diffrn.ambient_temp_details             ? 
_diffrn.ambient_temp_esd                 ? 
_diffrn.crystal_id                       1 
_diffrn.crystal_support                  ? 
_diffrn.crystal_treatment                ? 
_diffrn.details                          ? 
_diffrn.id                               1 
_diffrn.ambient_pressure                 ? 
_diffrn.ambient_pressure_esd             ? 
_diffrn.ambient_pressure_gt              ? 
_diffrn.ambient_pressure_lt              ? 
_diffrn.ambient_temp_gt                  ? 
_diffrn.ambient_temp_lt                  ? 
_diffrn.pdbx_serial_crystal_experiment   N 
# 
_diffrn_detector.details                      ? 
_diffrn_detector.detector                     CCD 
_diffrn_detector.diffrn_id                    1 
_diffrn_detector.type                         'ADSC QUANTUM 315' 
_diffrn_detector.area_resol_mean              ? 
_diffrn_detector.dtime                        ? 
_diffrn_detector.pdbx_frames_total            ? 
_diffrn_detector.pdbx_collection_time_total   ? 
_diffrn_detector.pdbx_collection_date         2019-12-19 
_diffrn_detector.pdbx_frequency               ? 
# 
_diffrn_radiation.collimation                      ? 
_diffrn_radiation.diffrn_id                        1 
_diffrn_radiation.filter_edge                      ? 
_diffrn_radiation.inhomogeneity                    ? 
_diffrn_radiation.monochromator                    ? 
_diffrn_radiation.polarisn_norm                    ? 
_diffrn_radiation.polarisn_ratio                   ? 
_diffrn_radiation.probe                            ? 
_diffrn_radiation.type                             ? 
_diffrn_radiation.xray_symbol                      ? 
_diffrn_radiation.wavelength_id                    1 
_diffrn_radiation.pdbx_monochromatic_or_laue_m_l   M 
_diffrn_radiation.pdbx_wavelength_list             ? 
_diffrn_radiation.pdbx_wavelength                  ? 
_diffrn_radiation.pdbx_diffrn_protocol             'SINGLE WAVELENGTH' 
_diffrn_radiation.pdbx_analyzer                    ? 
_diffrn_radiation.pdbx_scattering_type             x-ray 
# 
_diffrn_radiation_wavelength.id           1 
_diffrn_radiation_wavelength.wavelength   0.99984 
_diffrn_radiation_wavelength.wt           1.0 
# 
_diffrn_source.current                     ? 
_diffrn_source.details                     ? 
_diffrn_source.diffrn_id                   1 
_diffrn_source.power                       ? 
_diffrn_source.size                        ? 
_diffrn_source.source                      SYNCHROTRON 
_diffrn_source.target                      ? 
_diffrn_source.type                        'NSRRC BEAMLINE TPS 05A' 
_diffrn_source.voltage                     ? 
_diffrn_source.take-off_angle              ? 
_diffrn_source.pdbx_wavelength_list        0.99984 
_diffrn_source.pdbx_wavelength             ? 
_diffrn_source.pdbx_synchrotron_beamline   'TPS 05A' 
_diffrn_source.pdbx_synchrotron_site       NSRRC 
# 
_reflns.B_iso_Wilson_estimate                          37.780 
_reflns.entry_id                                       7DA6 
_reflns.data_reduction_details                         ? 
_reflns.data_reduction_method                          ? 
_reflns.d_resolution_high                              2.200 
_reflns.d_resolution_low                               30.000 
_reflns.details                                        ? 
_reflns.limit_h_max                                    ? 
_reflns.limit_h_min                                    ? 
_reflns.limit_k_max                                    ? 
_reflns.limit_k_min                                    ? 
_reflns.limit_l_max                                    ? 
_reflns.limit_l_min                                    ? 
_reflns.number_all                                     ? 
_reflns.number_obs                                     9107 
_reflns.observed_criterion                             ? 
_reflns.observed_criterion_F_max                       ? 
_reflns.observed_criterion_F_min                       ? 
_reflns.observed_criterion_I_max                       ? 
_reflns.observed_criterion_I_min                       ? 
_reflns.observed_criterion_sigma_F                     ? 
_reflns.observed_criterion_sigma_I                     ? 
_reflns.percent_possible_obs                           98.900 
_reflns.R_free_details                                 ? 
_reflns.Rmerge_F_all                                   ? 
_reflns.Rmerge_F_obs                                   ? 
_reflns.Friedel_coverage                               ? 
_reflns.number_gt                                      ? 
_reflns.threshold_expression                           ? 
_reflns.pdbx_redundancy                                3.500 
_reflns.pdbx_Rmerge_I_obs                              0.063 
_reflns.pdbx_Rmerge_I_all                              ? 
_reflns.pdbx_Rsym_value                                ? 
_reflns.pdbx_netI_over_av_sigmaI                       ? 
_reflns.pdbx_netI_over_sigmaI                          9.800 
_reflns.pdbx_res_netI_over_av_sigmaI_2                 ? 
_reflns.pdbx_res_netI_over_sigmaI_2                    ? 
_reflns.pdbx_chi_squared                               1.418 
_reflns.pdbx_scaling_rejects                           ? 
_reflns.pdbx_d_res_high_opt                            ? 
_reflns.pdbx_d_res_low_opt                             ? 
_reflns.pdbx_d_res_opt_method                          ? 
_reflns.phase_calculation_details                      ? 
_reflns.pdbx_Rrim_I_all                                0.075 
_reflns.pdbx_Rpim_I_all                                0.039 
_reflns.pdbx_d_opt                                     ? 
_reflns.pdbx_number_measured_all                       32175 
_reflns.pdbx_diffrn_id                                 1 
_reflns.pdbx_ordinal                                   1 
_reflns.pdbx_CC_half                                   ? 
_reflns.pdbx_CC_star                                   ? 
_reflns.pdbx_R_split                                   ? 
_reflns.pdbx_aniso_diffraction_limit_axis_1_ortho[1]   ? 
_reflns.pdbx_aniso_diffraction_limit_axis_1_ortho[2]   ? 
_reflns.pdbx_aniso_diffraction_limit_axis_1_ortho[3]   ? 
_reflns.pdbx_aniso_diffraction_limit_axis_2_ortho[1]   ? 
_reflns.pdbx_aniso_diffraction_limit_axis_2_ortho[2]   ? 
_reflns.pdbx_aniso_diffraction_limit_axis_2_ortho[3]   ? 
_reflns.pdbx_aniso_diffraction_limit_axis_3_ortho[1]   ? 
_reflns.pdbx_aniso_diffraction_limit_axis_3_ortho[2]   ? 
_reflns.pdbx_aniso_diffraction_limit_axis_3_ortho[3]   ? 
_reflns.pdbx_aniso_diffraction_limit_1                 ? 
_reflns.pdbx_aniso_diffraction_limit_2                 ? 
_reflns.pdbx_aniso_diffraction_limit_3                 ? 
_reflns.pdbx_aniso_B_tensor_eigenvector_1_ortho[1]     ? 
_reflns.pdbx_aniso_B_tensor_eigenvector_1_ortho[2]     ? 
_reflns.pdbx_aniso_B_tensor_eigenvector_1_ortho[3]     ? 
_reflns.pdbx_aniso_B_tensor_eigenvector_2_ortho[1]     ? 
_reflns.pdbx_aniso_B_tensor_eigenvector_2_ortho[2]     ? 
_reflns.pdbx_aniso_B_tensor_eigenvector_2_ortho[3]     ? 
_reflns.pdbx_aniso_B_tensor_eigenvector_3_ortho[1]     ? 
_reflns.pdbx_aniso_B_tensor_eigenvector_3_ortho[2]     ? 
_reflns.pdbx_aniso_B_tensor_eigenvector_3_ortho[3]     ? 
_reflns.pdbx_aniso_B_tensor_eigenvalue_1               ? 
_reflns.pdbx_aniso_B_tensor_eigenvalue_2               ? 
_reflns.pdbx_aniso_B_tensor_eigenvalue_3               ? 
_reflns.pdbx_orthogonalization_convention              ? 
_reflns.pdbx_percent_possible_ellipsoidal              ? 
_reflns.pdbx_percent_possible_spherical                ? 
_reflns.pdbx_percent_possible_ellipsoidal_anomalous    ? 
_reflns.pdbx_percent_possible_spherical_anomalous      ? 
_reflns.pdbx_redundancy_anomalous                      ? 
_reflns.pdbx_CC_half_anomalous                         ? 
_reflns.pdbx_absDiff_over_sigma_anomalous              ? 
_reflns.pdbx_percent_possible_anomalous                ? 
_reflns.pdbx_observed_signal_threshold                 ? 
_reflns.pdbx_signal_type                               ? 
_reflns.pdbx_signal_details                            ? 
_reflns.pdbx_signal_software_id                        ? 
# 
loop_
_reflns_shell.d_res_high 
_reflns_shell.d_res_low 
_reflns_shell.meanI_over_sigI_all 
_reflns_shell.meanI_over_sigI_obs 
_reflns_shell.number_measured_all 
_reflns_shell.number_measured_obs 
_reflns_shell.number_possible 
_reflns_shell.number_unique_all 
_reflns_shell.number_unique_obs 
_reflns_shell.percent_possible_all 
_reflns_shell.percent_possible_obs 
_reflns_shell.Rmerge_F_all 
_reflns_shell.Rmerge_F_obs 
_reflns_shell.Rmerge_I_all 
_reflns_shell.Rmerge_I_obs 
_reflns_shell.meanI_over_sigI_gt 
_reflns_shell.meanI_over_uI_all 
_reflns_shell.meanI_over_uI_gt 
_reflns_shell.number_measured_gt 
_reflns_shell.number_unique_gt 
_reflns_shell.percent_possible_gt 
_reflns_shell.Rmerge_F_gt 
_reflns_shell.Rmerge_I_gt 
_reflns_shell.pdbx_redundancy 
_reflns_shell.pdbx_Rsym_value 
_reflns_shell.pdbx_chi_squared 
_reflns_shell.pdbx_netI_over_sigmaI_all 
_reflns_shell.pdbx_netI_over_sigmaI_obs 
_reflns_shell.pdbx_Rrim_I_all 
_reflns_shell.pdbx_Rpim_I_all 
_reflns_shell.pdbx_rejects 
_reflns_shell.pdbx_ordinal 
_reflns_shell.pdbx_diffrn_id 
_reflns_shell.pdbx_CC_half 
_reflns_shell.pdbx_CC_star 
_reflns_shell.pdbx_R_split 
_reflns_shell.pdbx_percent_possible_ellipsoidal 
_reflns_shell.pdbx_percent_possible_spherical 
_reflns_shell.pdbx_percent_possible_ellipsoidal_anomalous 
_reflns_shell.pdbx_percent_possible_spherical_anomalous 
_reflns_shell.pdbx_redundancy_anomalous 
_reflns_shell.pdbx_CC_half_anomalous 
_reflns_shell.pdbx_absDiff_over_sigma_anomalous 
_reflns_shell.pdbx_percent_possible_anomalous 
2.200 2.240  ? ? ? ? ? ? 445 98.700 ? ? ? ? 0.312 ? ? ? ? ? ? ? ? 3.500 ? 0.730 ? ? 0.367 0.192 ? 1  1 0.882 ? ? ? ? ? ? ? ? ? ? 
2.240 2.280  ? ? ? ? ? ? 446 99.100 ? ? ? ? 0.333 ? ? ? ? ? ? ? ? 3.600 ? 0.860 ? ? 0.389 0.200 ? 2  1 0.867 ? ? ? ? ? ? ? ? ? ? 
2.280 2.320  ? ? ? ? ? ? 458 99.100 ? ? ? ? 0.253 ? ? ? ? ? ? ? ? 3.600 ? 0.842 ? ? 0.297 0.153 ? 3  1 0.950 ? ? ? ? ? ? ? ? ? ? 
2.320 2.370  ? ? ? ? ? ? 436 99.300 ? ? ? ? 0.255 ? ? ? ? ? ? ? ? 3.600 ? 0.959 ? ? 0.300 0.155 ? 4  1 0.917 ? ? ? ? ? ? ? ? ? ? 
2.370 2.420  ? ? ? ? ? ? 471 99.600 ? ? ? ? 0.232 ? ? ? ? ? ? ? ? 3.600 ? 0.949 ? ? 0.272 0.142 ? 5  1 0.944 ? ? ? ? ? ? ? ? ? ? 
2.420 2.480  ? ? ? ? ? ? 443 99.600 ? ? ? ? 0.195 ? ? ? ? ? ? ? ? 3.600 ? 0.978 ? ? 0.229 0.119 ? 6  1 0.958 ? ? ? ? ? ? ? ? ? ? 
2.480 2.540  ? ? ? ? ? ? 459 99.600 ? ? ? ? 0.187 ? ? ? ? ? ? ? ? 3.500 ? 0.989 ? ? 0.219 0.114 ? 7  1 0.963 ? ? ? ? ? ? ? ? ? ? 
2.540 2.610  ? ? ? ? ? ? 455 99.300 ? ? ? ? 0.178 ? ? ? ? ? ? ? ? 3.600 ? 1.138 ? ? 0.209 0.109 ? 8  1 0.964 ? ? ? ? ? ? ? ? ? ? 
2.610 2.680  ? ? ? ? ? ? 454 98.700 ? ? ? ? 0.150 ? ? ? ? ? ? ? ? 3.600 ? 1.199 ? ? 0.176 0.091 ? 9  1 0.973 ? ? ? ? ? ? ? ? ? ? 
2.680 2.770  ? ? ? ? ? ? 450 99.600 ? ? ? ? 0.139 ? ? ? ? ? ? ? ? 3.600 ? 1.428 ? ? 0.163 0.085 ? 10 1 0.971 ? ? ? ? ? ? ? ? ? ? 
2.770 2.870  ? ? ? ? ? ? 455 99.300 ? ? ? ? 0.126 ? ? ? ? ? ? ? ? 3.500 ? 1.710 ? ? 0.148 0.077 ? 11 1 0.974 ? ? ? ? ? ? ? ? ? ? 
2.870 2.990  ? ? ? ? ? ? 463 99.600 ? ? ? ? 0.099 ? ? ? ? ? ? ? ? 3.500 ? 1.611 ? ? 0.117 0.061 ? 12 1 0.986 ? ? ? ? ? ? ? ? ? ? 
2.990 3.120  ? ? ? ? ? ? 437 98.600 ? ? ? ? 0.090 ? ? ? ? ? ? ? ? 3.500 ? 1.805 ? ? 0.106 0.056 ? 13 1 0.984 ? ? ? ? ? ? ? ? ? ? 
3.120 3.290  ? ? ? ? ? ? 466 99.400 ? ? ? ? 0.074 ? ? ? ? ? ? ? ? 3.500 ? 1.661 ? ? 0.088 0.046 ? 14 1 0.990 ? ? ? ? ? ? ? ? ? ? 
3.290 3.490  ? ? ? ? ? ? 453 98.500 ? ? ? ? 0.060 ? ? ? ? ? ? ? ? 3.500 ? 1.735 ? ? 0.071 0.038 ? 15 1 0.994 ? ? ? ? ? ? ? ? ? ? 
3.490 3.760  ? ? ? ? ? ? 460 98.500 ? ? ? ? 0.048 ? ? ? ? ? ? ? ? 3.400 ? 1.795 ? ? 0.058 0.031 ? 16 1 0.995 ? ? ? ? ? ? ? ? ? ? 
3.760 4.140  ? ? ? ? ? ? 452 96.800 ? ? ? ? 0.045 ? ? ? ? ? ? ? ? 3.400 ? 2.119 ? ? 0.053 0.029 ? 17 1 0.996 ? ? ? ? ? ? ? ? ? ? 
4.140 4.730  ? ? ? ? ? ? 462 98.900 ? ? ? ? 0.041 ? ? ? ? ? ? ? ? 3.600 ? 1.976 ? ? 0.048 0.025 ? 18 1 0.996 ? ? ? ? ? ? ? ? ? ? 
4.730 5.960  ? ? ? ? ? ? 465 99.100 ? ? ? ? 0.046 ? ? ? ? ? ? ? ? 3.500 ? 1.934 ? ? 0.054 0.029 ? 19 1 0.991 ? ? ? ? ? ? ? ? ? ? 
5.960 30.000 ? ? ? ? ? ? 477 96.600 ? ? ? ? 0.043 ? ? ? ? ? ? ? ? 3.400 ? 2.047 ? ? 0.050 0.027 ? 20 1 0.995 ? ? ? ? ? ? ? ? ? ? 
# 
_refine.aniso_B[1][1]                            ? 
_refine.aniso_B[1][2]                            ? 
_refine.aniso_B[1][3]                            ? 
_refine.aniso_B[2][2]                            ? 
_refine.aniso_B[2][3]                            ? 
_refine.aniso_B[3][3]                            ? 
_refine.B_iso_max                                100.990 
_refine.B_iso_mean                               41.9600 
_refine.B_iso_min                                18.240 
_refine.correlation_coeff_Fo_to_Fc               ? 
_refine.correlation_coeff_Fo_to_Fc_free          ? 
_refine.details                                  ? 
_refine.diff_density_max                         ? 
_refine.diff_density_max_esd                     ? 
_refine.diff_density_min                         ? 
_refine.diff_density_min_esd                     ? 
_refine.diff_density_rms                         ? 
_refine.diff_density_rms_esd                     ? 
_refine.entry_id                                 7DA6 
_refine.pdbx_refine_id                           'X-RAY DIFFRACTION' 
_refine.ls_abs_structure_details                 ? 
_refine.ls_abs_structure_Flack                   ? 
_refine.ls_abs_structure_Flack_esd               ? 
_refine.ls_abs_structure_Rogers                  ? 
_refine.ls_abs_structure_Rogers_esd              ? 
_refine.ls_d_res_high                            2.2 
_refine.ls_d_res_low                             22.7540 
_refine.ls_extinction_coef                       ? 
_refine.ls_extinction_coef_esd                   ? 
_refine.ls_extinction_expression                 ? 
_refine.ls_extinction_method                     ? 
_refine.ls_goodness_of_fit_all                   ? 
_refine.ls_goodness_of_fit_all_esd               ? 
_refine.ls_goodness_of_fit_obs                   ? 
_refine.ls_goodness_of_fit_obs_esd               ? 
_refine.ls_hydrogen_treatment                    ? 
_refine.ls_matrix_type                           ? 
_refine.ls_number_constraints                    ? 
_refine.ls_number_parameters                     ? 
_refine.ls_number_reflns_all                     ? 
_refine.ls_number_reflns_obs                     9103 
_refine.ls_number_reflns_R_free                  910 
_refine.ls_number_reflns_R_work                  8193 
_refine.ls_number_restraints                     ? 
_refine.ls_percent_reflns_obs                    98.2700 
_refine.ls_percent_reflns_R_free                 10.0000 
_refine.ls_R_factor_all                          ? 
_refine.ls_R_factor_obs                          0.1923 
_refine.ls_R_factor_R_free                       0.2437 
_refine.ls_R_factor_R_free_error                 ? 
_refine.ls_R_factor_R_free_error_details         ? 
_refine.ls_R_factor_R_work                       0.1865 
_refine.ls_R_Fsqd_factor_obs                     ? 
_refine.ls_R_I_factor_obs                        ? 
_refine.ls_redundancy_reflns_all                 ? 
_refine.ls_redundancy_reflns_obs                 ? 
_refine.ls_restrained_S_all                      ? 
_refine.ls_restrained_S_obs                      ? 
_refine.ls_shift_over_esd_max                    ? 
_refine.ls_shift_over_esd_mean                   ? 
_refine.ls_structure_factor_coef                 ? 
_refine.ls_weighting_details                     ? 
_refine.ls_weighting_scheme                      ? 
_refine.ls_wR_factor_all                         ? 
_refine.ls_wR_factor_obs                         ? 
_refine.ls_wR_factor_R_free                      ? 
_refine.ls_wR_factor_R_work                      ? 
_refine.occupancy_max                            ? 
_refine.occupancy_min                            ? 
_refine.solvent_model_details                    'FLAT BULK SOLVENT MODEL' 
_refine.solvent_model_param_bsol                 ? 
_refine.solvent_model_param_ksol                 ? 
_refine.pdbx_R_complete                          ? 
_refine.ls_R_factor_gt                           ? 
_refine.ls_goodness_of_fit_gt                    ? 
_refine.ls_goodness_of_fit_ref                   ? 
_refine.ls_shift_over_su_max                     ? 
_refine.ls_shift_over_su_max_lt                  ? 
_refine.ls_shift_over_su_mean                    ? 
_refine.ls_shift_over_su_mean_lt                 ? 
_refine.pdbx_ls_sigma_I                          ? 
_refine.pdbx_ls_sigma_F                          1.350 
_refine.pdbx_ls_sigma_Fsqd                       ? 
_refine.pdbx_data_cutoff_high_absF               ? 
_refine.pdbx_data_cutoff_high_rms_absF           ? 
_refine.pdbx_data_cutoff_low_absF                ? 
_refine.pdbx_isotropic_thermal_model             ? 
_refine.pdbx_ls_cross_valid_method               THROUGHOUT 
_refine.pdbx_method_to_determine_struct          'MOLECULAR REPLACEMENT' 
_refine.pdbx_starting_model                      4fvb 
_refine.pdbx_stereochemistry_target_values       ML 
_refine.pdbx_R_Free_selection_details            ? 
_refine.pdbx_stereochem_target_val_spec_case     ? 
_refine.pdbx_overall_ESU_R                       ? 
_refine.pdbx_overall_ESU_R_Free                  ? 
_refine.pdbx_solvent_vdw_probe_radii             1.1100 
_refine.pdbx_solvent_ion_probe_radii             ? 
_refine.pdbx_solvent_shrinkage_radii             0.9000 
_refine.pdbx_real_space_R                        ? 
_refine.pdbx_density_correlation                 ? 
_refine.pdbx_pd_number_of_powder_patterns        ? 
_refine.pdbx_pd_number_of_points                 ? 
_refine.pdbx_pd_meas_number_of_points            ? 
_refine.pdbx_pd_proc_ls_prof_R_factor            ? 
_refine.pdbx_pd_proc_ls_prof_wR_factor           ? 
_refine.pdbx_pd_Marquardt_correlation_coeff      ? 
_refine.pdbx_pd_Fsqrd_R_factor                   ? 
_refine.pdbx_pd_ls_matrix_band_width             ? 
_refine.pdbx_overall_phase_error                 27.5600 
_refine.pdbx_overall_SU_R_free_Cruickshank_DPI   ? 
_refine.pdbx_overall_SU_R_free_Blow_DPI          ? 
_refine.pdbx_overall_SU_R_Blow_DPI               ? 
_refine.pdbx_TLS_residual_ADP_flag               ? 
_refine.pdbx_diffrn_id                           1 
_refine.overall_SU_B                             ? 
_refine.overall_SU_ML                            0.2900 
_refine.overall_SU_R_Cruickshank_DPI             ? 
_refine.overall_SU_R_free                        ? 
_refine.overall_FOM_free_R_set                   ? 
_refine.overall_FOM_work_R_set                   ? 
_refine.pdbx_average_fsc_overall                 ? 
_refine.pdbx_average_fsc_work                    ? 
_refine.pdbx_average_fsc_free                    ? 
# 
_refine_hist.pdbx_refine_id                   'X-RAY DIFFRACTION' 
_refine_hist.cycle_id                         final 
_refine_hist.details                          ? 
_refine_hist.d_res_high                       2.2 
_refine_hist.d_res_low                        22.7540 
_refine_hist.number_atoms_solvent             48 
_refine_hist.number_atoms_total               1152 
_refine_hist.number_reflns_all                ? 
_refine_hist.number_reflns_obs                ? 
_refine_hist.number_reflns_R_free             ? 
_refine_hist.number_reflns_R_work             ? 
_refine_hist.R_factor_all                     ? 
_refine_hist.R_factor_obs                     ? 
_refine_hist.R_factor_R_free                  ? 
_refine_hist.R_factor_R_work                  ? 
_refine_hist.pdbx_number_residues_total       142 
_refine_hist.pdbx_B_iso_mean_ligand           43.83 
_refine_hist.pdbx_B_iso_mean_solvent          47.66 
_refine_hist.pdbx_number_atoms_protein        1103 
_refine_hist.pdbx_number_atoms_nucleic_acid   0 
_refine_hist.pdbx_number_atoms_ligand         1 
_refine_hist.pdbx_number_atoms_lipid          ? 
_refine_hist.pdbx_number_atoms_carb           ? 
_refine_hist.pdbx_pseudo_atom_details         ? 
# 
loop_
_refine_ls_restr.pdbx_refine_id 
_refine_ls_restr.criterion 
_refine_ls_restr.dev_ideal 
_refine_ls_restr.dev_ideal_target 
_refine_ls_restr.number 
_refine_ls_restr.rejects 
_refine_ls_restr.type 
_refine_ls_restr.weight 
_refine_ls_restr.pdbx_restraint_function 
'X-RAY DIFFRACTION' ? 0.011  ? 1136 ? f_bond_d           ? ? 
'X-RAY DIFFRACTION' ? 1.224  ? 1541 ? f_angle_d          ? ? 
'X-RAY DIFFRACTION' ? 0.054  ? 164  ? f_chiral_restr     ? ? 
'X-RAY DIFFRACTION' ? 0.006  ? 201  ? f_plane_restr      ? ? 
'X-RAY DIFFRACTION' ? 13.217 ? 399  ? f_dihedral_angle_d ? ? 
# 
loop_
_refine_ls_shell.pdbx_refine_id 
_refine_ls_shell.d_res_high 
_refine_ls_shell.d_res_low 
_refine_ls_shell.number_reflns_all 
_refine_ls_shell.number_reflns_obs 
_refine_ls_shell.number_reflns_R_free 
_refine_ls_shell.number_reflns_R_work 
_refine_ls_shell.percent_reflns_obs 
_refine_ls_shell.percent_reflns_R_free 
_refine_ls_shell.R_factor_all 
_refine_ls_shell.R_factor_obs 
_refine_ls_shell.R_factor_R_free 
_refine_ls_shell.R_factor_R_free_error 
_refine_ls_shell.R_factor_R_work 
_refine_ls_shell.redundancy_reflns_all 
_refine_ls_shell.redundancy_reflns_obs 
_refine_ls_shell.wR_factor_all 
_refine_ls_shell.wR_factor_obs 
_refine_ls_shell.wR_factor_R_free 
_refine_ls_shell.wR_factor_R_work 
_refine_ls_shell.pdbx_R_complete 
_refine_ls_shell.pdbx_total_number_of_bins_used 
_refine_ls_shell.pdbx_phase_error 
_refine_ls_shell.pdbx_fsc_work 
_refine_ls_shell.pdbx_fsc_free 
'X-RAY DIFFRACTION' 2.2    2.3137 . . 123 1108 95.0000  . . . 0.3185 0.0000 0.2195 . . . . . . . . . . . 
'X-RAY DIFFRACTION' 2.3137 2.4585 . . 131 1176 100.0000 . . . 0.3093 0.0000 0.2192 . . . . . . . . . . . 
'X-RAY DIFFRACTION' 2.4585 2.6481 . . 129 1166 99.0000  . . . 0.2965 0.0000 0.2249 . . . . . . . . . . . 
'X-RAY DIFFRACTION' 2.6481 2.9141 . . 131 1176 99.0000  . . . 0.2780 0.0000 0.2202 . . . . . . . . . . . 
'X-RAY DIFFRACTION' 2.9141 3.3347 . . 132 1180 99.0000  . . . 0.2788 0.0000 0.1987 . . . . . . . . . . . 
'X-RAY DIFFRACTION' 3.3347 4.1970 . . 129 1172 98.0000  . . . 0.2128 0.0000 0.1672 . . . . . . . . . . . 
'X-RAY DIFFRACTION' 4.1970 22.75  . . 135 1215 98.0000  . . . 0.2022 0.0000 0.1655 . . . . . . . . . . . 
# 
_struct.entry_id                     7DA6 
_struct.title                        'Enterovirus 71 2A Protease mutant- C110A in complex with peptide inhibitor' 
_struct.pdbx_model_details           ? 
_struct.pdbx_formula_weight          ? 
_struct.pdbx_formula_weight_method   ? 
_struct.pdbx_model_type_details      ? 
_struct.pdbx_CASP_flag               N 
# 
_struct_keywords.entry_id        7DA6 
_struct_keywords.text            '2A protease, VIRAL PROTEIN' 
_struct_keywords.pdbx_keywords   'VIRAL PROTEIN' 
# 
loop_
_struct_asym.id 
_struct_asym.pdbx_blank_PDB_chainid_flag 
_struct_asym.pdbx_modified 
_struct_asym.entity_id 
_struct_asym.details 
A N N 1 ? 
B N N 2 ? 
C N N 3 ? 
D N N 4 ? 
# 
loop_
_struct_ref.id 
_struct_ref.db_name 
_struct_ref.db_code 
_struct_ref.pdbx_db_accession 
_struct_ref.pdbx_db_isoform 
_struct_ref.entity_id 
_struct_ref.pdbx_seq_one_letter_code 
_struct_ref.pdbx_align_begin 
1 UNP E5L197_HE71 E5L197 ? 1 
;SGAIYVGNFRVVNRHLATHNDWANLVWEDSSRDLLVSSTTAQGCDTIARCNCQTGVYYCNSRRKHYPVSFSKPSLIYVEA
SEYYPARYQSHLMLAQGHSEPGDCGGILRCQHGVVGIVSTGGNGLVGFADVRDLLWLD
;
7 
2 PDB 7DA6        7DA6   ? 2 ? 1 
# 
loop_
_struct_ref_seq.align_id 
_struct_ref_seq.ref_id 
_struct_ref_seq.pdbx_PDB_id_code 
_struct_ref_seq.pdbx_strand_id 
_struct_ref_seq.seq_align_beg 
_struct_ref_seq.pdbx_seq_align_beg_ins_code 
_struct_ref_seq.seq_align_end 
_struct_ref_seq.pdbx_seq_align_end_ins_code 
_struct_ref_seq.pdbx_db_accession 
_struct_ref_seq.db_align_beg 
_struct_ref_seq.pdbx_db_align_beg_ins_code 
_struct_ref_seq.db_align_end 
_struct_ref_seq.pdbx_db_align_end_ins_code 
_struct_ref_seq.pdbx_auth_seq_align_beg 
_struct_ref_seq.pdbx_auth_seq_align_end 
1 1 7DA6 A 1 ? 138 ? E5L197 7  ? 144 ? 7  144 
2 2 7DA6 C 1 ? 4   ? 7DA6   -1 ? 2   ? -1 2   
# 
_struct_ref_seq_dif.align_id                     1 
_struct_ref_seq_dif.pdbx_pdb_id_code             7DA6 
_struct_ref_seq_dif.mon_id                       ALA 
_struct_ref_seq_dif.pdbx_pdb_strand_id           A 
_struct_ref_seq_dif.seq_num                      104 
_struct_ref_seq_dif.pdbx_pdb_ins_code            ? 
_struct_ref_seq_dif.pdbx_seq_db_name             UNP 
_struct_ref_seq_dif.pdbx_seq_db_accession_code   E5L197 
_struct_ref_seq_dif.db_mon_id                    CYS 
_struct_ref_seq_dif.pdbx_seq_db_seq_num          110 
_struct_ref_seq_dif.details                      'engineered mutation' 
_struct_ref_seq_dif.pdbx_auth_seq_num            110 
_struct_ref_seq_dif.pdbx_ordinal                 1 
# 
_pdbx_struct_assembly.id                   1 
_pdbx_struct_assembly.details              author_and_software_defined_assembly 
_pdbx_struct_assembly.method_details       PISA 
_pdbx_struct_assembly.oligomeric_details   dimeric 
_pdbx_struct_assembly.oligomeric_count     2 
# 
loop_
_pdbx_struct_assembly_prop.biol_id 
_pdbx_struct_assembly_prop.type 
_pdbx_struct_assembly_prop.value 
_pdbx_struct_assembly_prop.details 
1 'ABSA (A^2)' 880  ? 
1 MORE         -6   ? 
1 'SSA (A^2)'  7040 ? 
# 
_pdbx_struct_assembly_gen.assembly_id       1 
_pdbx_struct_assembly_gen.oper_expression   1 
_pdbx_struct_assembly_gen.asym_id_list      A,B,C,D 
# 
_pdbx_struct_assembly_auth_evidence.id                     1 
_pdbx_struct_assembly_auth_evidence.assembly_id            1 
_pdbx_struct_assembly_auth_evidence.experimental_support   homology 
_pdbx_struct_assembly_auth_evidence.details                ? 
# 
_pdbx_struct_oper_list.id                   1 
_pdbx_struct_oper_list.type                 'identity operation' 
_pdbx_struct_oper_list.name                 1_555 
_pdbx_struct_oper_list.symmetry_operation   x,y,z 
_pdbx_struct_oper_list.matrix[1][1]         1.0000000000 
_pdbx_struct_oper_list.matrix[1][2]         0.0000000000 
_pdbx_struct_oper_list.matrix[1][3]         0.0000000000 
_pdbx_struct_oper_list.vector[1]            0.0000000000 
_pdbx_struct_oper_list.matrix[2][1]         0.0000000000 
_pdbx_struct_oper_list.matrix[2][2]         1.0000000000 
_pdbx_struct_oper_list.matrix[2][3]         0.0000000000 
_pdbx_struct_oper_list.vector[2]            0.0000000000 
_pdbx_struct_oper_list.matrix[3][1]         0.0000000000 
_pdbx_struct_oper_list.matrix[3][2]         0.0000000000 
_pdbx_struct_oper_list.matrix[3][3]         1.0000000000 
_pdbx_struct_oper_list.vector[3]            0.0000000000 
# 
loop_
_struct_conf.conf_type_id 
_struct_conf.id 
_struct_conf.pdbx_PDB_helix_id 
_struct_conf.beg_label_comp_id 
_struct_conf.beg_label_asym_id 
_struct_conf.beg_label_seq_id 
_struct_conf.pdbx_beg_PDB_ins_code 
_struct_conf.end_label_comp_id 
_struct_conf.end_label_asym_id 
_struct_conf.end_label_seq_id 
_struct_conf.pdbx_end_PDB_ins_code 
_struct_conf.beg_auth_comp_id 
_struct_conf.beg_auth_asym_id 
_struct_conf.beg_auth_seq_id 
_struct_conf.end_auth_comp_id 
_struct_conf.end_auth_asym_id 
_struct_conf.end_auth_seq_id 
_struct_conf.pdbx_PDB_helix_class 
_struct_conf.details 
_struct_conf.pdbx_PDB_helix_length 
HELX_P HELX_P1 AA1 HIS A 15  ? ALA A 17  ? HIS A 21  ALA A 23  5 ? 3 
HELX_P HELX_P2 AA2 THR A 18  ? ASN A 24  ? THR A 24  ASN A 30  1 ? 7 
HELX_P HELX_P3 AA3 LEU A 134 ? ASP A 138 ? LEU A 140 ASP A 144 5 ? 5 
# 
_struct_conf_type.id          HELX_P 
_struct_conf_type.criteria    ? 
_struct_conf_type.reference   ? 
# 
loop_
_struct_conn.id 
_struct_conn.conn_type_id 
_struct_conn.pdbx_leaving_atom_flag 
_struct_conn.pdbx_PDB_id 
_struct_conn.ptnr1_label_asym_id 
_struct_conn.ptnr1_label_comp_id 
_struct_conn.ptnr1_label_seq_id 
_struct_conn.ptnr1_label_atom_id 
_struct_conn.pdbx_ptnr1_label_alt_id 
_struct_conn.pdbx_ptnr1_PDB_ins_code 
_struct_conn.pdbx_ptnr1_standard_comp_id 
_struct_conn.ptnr1_symmetry 
_struct_conn.ptnr2_label_asym_id 
_struct_conn.ptnr2_label_comp_id 
_struct_conn.ptnr2_label_seq_id 
_struct_conn.ptnr2_label_atom_id 
_struct_conn.pdbx_ptnr2_label_alt_id 
_struct_conn.pdbx_ptnr2_PDB_ins_code 
_struct_conn.ptnr1_auth_asym_id 
_struct_conn.ptnr1_auth_comp_id 
_struct_conn.ptnr1_auth_seq_id 
_struct_conn.ptnr2_auth_asym_id 
_struct_conn.ptnr2_auth_comp_id 
_struct_conn.ptnr2_auth_seq_id 
_struct_conn.ptnr2_symmetry 
_struct_conn.pdbx_ptnr3_label_atom_id 
_struct_conn.pdbx_ptnr3_label_seq_id 
_struct_conn.pdbx_ptnr3_label_comp_id 
_struct_conn.pdbx_ptnr3_label_asym_id 
_struct_conn.pdbx_ptnr3_label_alt_id 
_struct_conn.pdbx_ptnr3_PDB_ins_code 
_struct_conn.details 
_struct_conn.pdbx_dist_value 
_struct_conn.pdbx_value_order 
_struct_conn.pdbx_role 
disulf1 disulf ? ? A CYS 44  SG  ? ? ? 1_555 A CYS 44 SG ? ? A CYS 50  A CYS 50  2_557 ? ? ? ? ? ? ? 2.038 ? ? 
metalc1 metalc ? ? A CYS 50  SG  ? ? ? 1_555 C ZN  .  ZN ? ? A CYS 56  A ZN  201 1_555 ? ? ? ? ? ? ? 2.390 ? ? 
metalc2 metalc ? ? A CYS 52  SG  ? ? ? 1_555 C ZN  .  ZN ? ? A CYS 58  A ZN  201 1_555 ? ? ? ? ? ? ? 2.439 ? ? 
metalc3 metalc ? ? A CYS 110 SG  ? ? ? 1_555 C ZN  .  ZN ? ? A CYS 116 A ZN  201 1_555 ? ? ? ? ? ? ? 2.269 ? ? 
metalc4 metalc ? ? A HIS 112 ND1 ? ? ? 1_555 C ZN  .  ZN ? ? A HIS 118 A ZN  201 1_555 ? ? ? ? ? ? ? 1.966 ? ? 
# 
loop_
_struct_conn_type.id 
_struct_conn_type.criteria 
_struct_conn_type.reference 
disulf ? ? 
metalc ? ? 
# 
loop_
_pdbx_struct_conn_angle.id 
_pdbx_struct_conn_angle.ptnr1_label_atom_id 
_pdbx_struct_conn_angle.ptnr1_label_alt_id 
_pdbx_struct_conn_angle.ptnr1_label_asym_id 
_pdbx_struct_conn_angle.ptnr1_label_comp_id 
_pdbx_struct_conn_angle.ptnr1_label_seq_id 
_pdbx_struct_conn_angle.ptnr1_auth_atom_id 
_pdbx_struct_conn_angle.ptnr1_auth_asym_id 
_pdbx_struct_conn_angle.ptnr1_auth_comp_id 
_pdbx_struct_conn_angle.ptnr1_auth_seq_id 
_pdbx_struct_conn_angle.ptnr1_PDB_ins_code 
_pdbx_struct_conn_angle.ptnr1_symmetry 
_pdbx_struct_conn_angle.ptnr2_label_atom_id 
_pdbx_struct_conn_angle.ptnr2_label_alt_id 
_pdbx_struct_conn_angle.ptnr2_label_asym_id 
_pdbx_struct_conn_angle.ptnr2_label_comp_id 
_pdbx_struct_conn_angle.ptnr2_label_seq_id 
_pdbx_struct_conn_angle.ptnr2_auth_atom_id 
_pdbx_struct_conn_angle.ptnr2_auth_asym_id 
_pdbx_struct_conn_angle.ptnr2_auth_comp_id 
_pdbx_struct_conn_angle.ptnr2_auth_seq_id 
_pdbx_struct_conn_angle.ptnr2_PDB_ins_code 
_pdbx_struct_conn_angle.ptnr2_symmetry 
_pdbx_struct_conn_angle.ptnr3_label_atom_id 
_pdbx_struct_conn_angle.ptnr3_label_alt_id 
_pdbx_struct_conn_angle.ptnr3_label_asym_id 
_pdbx_struct_conn_angle.ptnr3_label_comp_id 
_pdbx_struct_conn_angle.ptnr3_label_seq_id 
_pdbx_struct_conn_angle.ptnr3_auth_atom_id 
_pdbx_struct_conn_angle.ptnr3_auth_asym_id 
_pdbx_struct_conn_angle.ptnr3_auth_comp_id 
_pdbx_struct_conn_angle.ptnr3_auth_seq_id 
_pdbx_struct_conn_angle.ptnr3_PDB_ins_code 
_pdbx_struct_conn_angle.ptnr3_symmetry 
_pdbx_struct_conn_angle.value 
_pdbx_struct_conn_angle.value_esd 
1 SG ? A CYS 50  ? A CYS 56  ? 1_555 ZN ? C ZN . ? A ZN 201 ? 1_555 SG  ? A CYS 52  ? A CYS 58  ? 1_555 102.2 ? 
2 SG ? A CYS 50  ? A CYS 56  ? 1_555 ZN ? C ZN . ? A ZN 201 ? 1_555 SG  ? A CYS 110 ? A CYS 116 ? 1_555 106.8 ? 
3 SG ? A CYS 52  ? A CYS 58  ? 1_555 ZN ? C ZN . ? A ZN 201 ? 1_555 SG  ? A CYS 110 ? A CYS 116 ? 1_555 123.3 ? 
4 SG ? A CYS 50  ? A CYS 56  ? 1_555 ZN ? C ZN . ? A ZN 201 ? 1_555 ND1 ? A HIS 112 ? A HIS 118 ? 1_555 104.4 ? 
5 SG ? A CYS 52  ? A CYS 58  ? 1_555 ZN ? C ZN . ? A ZN 201 ? 1_555 ND1 ? A HIS 112 ? A HIS 118 ? 1_555 99.2  ? 
6 SG ? A CYS 110 ? A CYS 116 ? 1_555 ZN ? C ZN . ? A ZN 201 ? 1_555 ND1 ? A HIS 112 ? A HIS 118 ? 1_555 118.5 ? 
# 
_pdbx_modification_feature.ordinal                            1 
_pdbx_modification_feature.label_comp_id                      CYS 
_pdbx_modification_feature.label_asym_id                      A 
_pdbx_modification_feature.label_seq_id                       44 
_pdbx_modification_feature.label_alt_id                       ? 
_pdbx_modification_feature.modified_residue_label_comp_id     CYS 
_pdbx_modification_feature.modified_residue_label_asym_id     A 
_pdbx_modification_feature.modified_residue_label_seq_id      44 
_pdbx_modification_feature.modified_residue_label_alt_id      ? 
_pdbx_modification_feature.auth_comp_id                       CYS 
_pdbx_modification_feature.auth_asym_id                       A 
_pdbx_modification_feature.auth_seq_id                        50 
_pdbx_modification_feature.PDB_ins_code                       ? 
_pdbx_modification_feature.symmetry                           1_555 
_pdbx_modification_feature.modified_residue_auth_comp_id      CYS 
_pdbx_modification_feature.modified_residue_auth_asym_id      A 
_pdbx_modification_feature.modified_residue_auth_seq_id       50 
_pdbx_modification_feature.modified_residue_PDB_ins_code      ? 
_pdbx_modification_feature.modified_residue_symmetry          2_557 
_pdbx_modification_feature.comp_id_linking_atom               SG 
_pdbx_modification_feature.modified_residue_id_linking_atom   SG 
_pdbx_modification_feature.modified_residue_id                . 
_pdbx_modification_feature.ref_pcm_id                         . 
_pdbx_modification_feature.ref_comp_id                        . 
_pdbx_modification_feature.type                               None 
_pdbx_modification_feature.category                           'Disulfide bridge' 
# 
loop_
_struct_sheet.id 
_struct_sheet.type 
_struct_sheet.number_strands 
_struct_sheet.details 
AA1 ? 3 ? 
AA2 ? 7 ? 
# 
loop_
_struct_sheet_order.sheet_id 
_struct_sheet_order.range_id_1 
_struct_sheet_order.range_id_2 
_struct_sheet_order.offset 
_struct_sheet_order.sense 
AA1 1 2 ? anti-parallel 
AA1 2 3 ? anti-parallel 
AA2 1 2 ? anti-parallel 
AA2 2 3 ? anti-parallel 
AA2 3 4 ? anti-parallel 
AA2 4 5 ? anti-parallel 
AA2 5 6 ? anti-parallel 
AA2 6 7 ? anti-parallel 
# 
loop_
_struct_sheet_range.sheet_id 
_struct_sheet_range.id 
_struct_sheet_range.beg_label_comp_id 
_struct_sheet_range.beg_label_asym_id 
_struct_sheet_range.beg_label_seq_id 
_struct_sheet_range.pdbx_beg_PDB_ins_code 
_struct_sheet_range.end_label_comp_id 
_struct_sheet_range.end_label_asym_id 
_struct_sheet_range.end_label_seq_id 
_struct_sheet_range.pdbx_end_PDB_ins_code 
_struct_sheet_range.beg_auth_comp_id 
_struct_sheet_range.beg_auth_asym_id 
_struct_sheet_range.beg_auth_seq_id 
_struct_sheet_range.end_auth_comp_id 
_struct_sheet_range.end_auth_asym_id 
_struct_sheet_range.end_auth_seq_id 
AA1 1 LEU A 25  ? ASP A 29  ? LEU A 31  ASP A 35  
AA1 2 LEU A 34  ? CYS A 44  ? LEU A 40  CYS A 50  
AA1 3 ILE A 4   ? ASN A 13  ? ILE A 10  ASN A 19  
AA2 1 LYS A 64  ? SER A 69  ? LYS A 70  SER A 75  
AA2 2 THR A 54  ? CYS A 59  ? THR A 60  CYS A 65  
AA2 3 ILE A 107 ? CYS A 110 ? ILE A 113 CYS A 116 
AA2 4 GLY A 113 ? GLY A 122 ? GLY A 119 GLY A 128 
AA2 5 LEU A 125 ? ASP A 130 ? LEU A 131 ASP A 136 
AA2 6 ARG A 87  ? GLN A 96  ? ARG A 93  GLN A 102 
AA2 7 SER A 74  ? VAL A 78  ? SER A 80  VAL A 84  
# 
loop_
_pdbx_struct_sheet_hbond.sheet_id 
_pdbx_struct_sheet_hbond.range_id_1 
_pdbx_struct_sheet_hbond.range_id_2 
_pdbx_struct_sheet_hbond.range_1_label_atom_id 
_pdbx_struct_sheet_hbond.range_1_label_comp_id 
_pdbx_struct_sheet_hbond.range_1_label_asym_id 
_pdbx_struct_sheet_hbond.range_1_label_seq_id 
_pdbx_struct_sheet_hbond.range_1_PDB_ins_code 
_pdbx_struct_sheet_hbond.range_1_auth_atom_id 
_pdbx_struct_sheet_hbond.range_1_auth_comp_id 
_pdbx_struct_sheet_hbond.range_1_auth_asym_id 
_pdbx_struct_sheet_hbond.range_1_auth_seq_id 
_pdbx_struct_sheet_hbond.range_2_label_atom_id 
_pdbx_struct_sheet_hbond.range_2_label_comp_id 
_pdbx_struct_sheet_hbond.range_2_label_asym_id 
_pdbx_struct_sheet_hbond.range_2_label_seq_id 
_pdbx_struct_sheet_hbond.range_2_PDB_ins_code 
_pdbx_struct_sheet_hbond.range_2_auth_atom_id 
_pdbx_struct_sheet_hbond.range_2_auth_comp_id 
_pdbx_struct_sheet_hbond.range_2_auth_asym_id 
_pdbx_struct_sheet_hbond.range_2_auth_seq_id 
AA1 1 2 N TRP A 27  ? N TRP A 33  O VAL A 36  ? O VAL A 42  
AA1 2 3 N SER A 37  ? N SER A 43  O ARG A 10  ? O ARG A 16  
AA2 1 2 O LYS A 64  ? O LYS A 70  N CYS A 59  ? N CYS A 65  
AA2 2 3 N VAL A 56  ? N VAL A 62  O ARG A 109 ? O ARG A 115 
AA2 3 4 N LEU A 108 ? N LEU A 114 O VAL A 115 ? O VAL A 121 
AA2 4 5 N ILE A 117 ? N ILE A 123 O ALA A 129 ? O ALA A 135 
AA2 5 6 O PHE A 128 ? O PHE A 134 N MET A 93  ? N MET A 99  
AA2 6 7 O ARG A 87  ? O ARG A 93  N VAL A 78  ? N VAL A 84  
# 
_pdbx_entry_details.entry_id                   7DA6 
_pdbx_entry_details.nonpolymer_details         ? 
_pdbx_entry_details.sequence_details           ? 
_pdbx_entry_details.compound_details           ? 
_pdbx_entry_details.source_details             ? 
_pdbx_entry_details.has_ligand_of_interest     Y 
_pdbx_entry_details.has_protein_modification   Y 
# 
loop_
_pdbx_validate_close_contact.id 
_pdbx_validate_close_contact.PDB_model_num 
_pdbx_validate_close_contact.auth_atom_id_1 
_pdbx_validate_close_contact.auth_asym_id_1 
_pdbx_validate_close_contact.auth_comp_id_1 
_pdbx_validate_close_contact.auth_seq_id_1 
_pdbx_validate_close_contact.PDB_ins_code_1 
_pdbx_validate_close_contact.label_alt_id_1 
_pdbx_validate_close_contact.auth_atom_id_2 
_pdbx_validate_close_contact.auth_asym_id_2 
_pdbx_validate_close_contact.auth_comp_id_2 
_pdbx_validate_close_contact.auth_seq_id_2 
_pdbx_validate_close_contact.PDB_ins_code_2 
_pdbx_validate_close_contact.label_alt_id_2 
_pdbx_validate_close_contact.dist 
1 1 O   A ASP 144 ? ? O  A HOH 301 ? ? 2.12 
2 1 OD1 A ASP 35  ? ? OG A SER 37  ? ? 2.17 
3 1 O   A HOH 306 ? ? O  A HOH 342 ? ? 2.19 
# 
loop_
_pdbx_validate_rmsd_bond.id 
_pdbx_validate_rmsd_bond.PDB_model_num 
_pdbx_validate_rmsd_bond.auth_atom_id_1 
_pdbx_validate_rmsd_bond.auth_asym_id_1 
_pdbx_validate_rmsd_bond.auth_comp_id_1 
_pdbx_validate_rmsd_bond.auth_seq_id_1 
_pdbx_validate_rmsd_bond.PDB_ins_code_1 
_pdbx_validate_rmsd_bond.label_alt_id_1 
_pdbx_validate_rmsd_bond.auth_atom_id_2 
_pdbx_validate_rmsd_bond.auth_asym_id_2 
_pdbx_validate_rmsd_bond.auth_comp_id_2 
_pdbx_validate_rmsd_bond.auth_seq_id_2 
_pdbx_validate_rmsd_bond.PDB_ins_code_2 
_pdbx_validate_rmsd_bond.label_alt_id_2 
_pdbx_validate_rmsd_bond.bond_value 
_pdbx_validate_rmsd_bond.bond_target_value 
_pdbx_validate_rmsd_bond.bond_deviation 
_pdbx_validate_rmsd_bond.bond_standard_deviation 
_pdbx_validate_rmsd_bond.linker_flag 
1 1 CZ  A TYR 90 ? ? CE2 A TYR 90 ? ? 1.296 1.381 -0.085 0.013 N 
2 1 CE2 A TYR 90 ? ? CD2 A TYR 90 ? ? 1.298 1.389 -0.091 0.015 N 
# 
_pdbx_validate_rmsd_angle.id                         1 
_pdbx_validate_rmsd_angle.PDB_model_num              1 
_pdbx_validate_rmsd_angle.auth_atom_id_1             NE 
_pdbx_validate_rmsd_angle.auth_asym_id_1             C 
_pdbx_validate_rmsd_angle.auth_comp_id_1             ARG 
_pdbx_validate_rmsd_angle.auth_seq_id_1              0 
_pdbx_validate_rmsd_angle.PDB_ins_code_1             ? 
_pdbx_validate_rmsd_angle.label_alt_id_1             ? 
_pdbx_validate_rmsd_angle.auth_atom_id_2             CZ 
_pdbx_validate_rmsd_angle.auth_asym_id_2             C 
_pdbx_validate_rmsd_angle.auth_comp_id_2             ARG 
_pdbx_validate_rmsd_angle.auth_seq_id_2              0 
_pdbx_validate_rmsd_angle.PDB_ins_code_2             ? 
_pdbx_validate_rmsd_angle.label_alt_id_2             ? 
_pdbx_validate_rmsd_angle.auth_atom_id_3             NH2 
_pdbx_validate_rmsd_angle.auth_asym_id_3             C 
_pdbx_validate_rmsd_angle.auth_comp_id_3             ARG 
_pdbx_validate_rmsd_angle.auth_seq_id_3              0 
_pdbx_validate_rmsd_angle.PDB_ins_code_3             ? 
_pdbx_validate_rmsd_angle.label_alt_id_3             ? 
_pdbx_validate_rmsd_angle.angle_value                117.22 
_pdbx_validate_rmsd_angle.angle_target_value         120.30 
_pdbx_validate_rmsd_angle.angle_deviation            -3.08 
_pdbx_validate_rmsd_angle.angle_standard_deviation   0.50 
_pdbx_validate_rmsd_angle.linker_flag                N 
# 
loop_
_pdbx_validate_torsion.id 
_pdbx_validate_torsion.PDB_model_num 
_pdbx_validate_torsion.auth_comp_id 
_pdbx_validate_torsion.auth_asym_id 
_pdbx_validate_torsion.auth_seq_id 
_pdbx_validate_torsion.PDB_ins_code 
_pdbx_validate_torsion.label_alt_id 
_pdbx_validate_torsion.phi 
_pdbx_validate_torsion.psi 
1 1 TRP A 33 ? ? -172.58 140.10  
2 1 ARG C 0  ? ? -92.00  -145.27 
# 
_phasing.method   MR 
# 
loop_
_chem_comp_atom.comp_id 
_chem_comp_atom.atom_id 
_chem_comp_atom.type_symbol 
_chem_comp_atom.pdbx_aromatic_flag 
_chem_comp_atom.pdbx_stereo_config 
_chem_comp_atom.pdbx_ordinal 
ALA N    N  N N 1   
ALA CA   C  N S 2   
ALA C    C  N N 3   
ALA O    O  N N 4   
ALA CB   C  N N 5   
ALA OXT  O  N N 6   
ALA H    H  N N 7   
ALA H2   H  N N 8   
ALA HA   H  N N 9   
ALA HB1  H  N N 10  
ALA HB2  H  N N 11  
ALA HB3  H  N N 12  
ALA HXT  H  N N 13  
ARG N    N  N N 14  
ARG CA   C  N S 15  
ARG C    C  N N 16  
ARG O    O  N N 17  
ARG CB   C  N N 18  
ARG CG   C  N N 19  
ARG CD   C  N N 20  
ARG NE   N  N N 21  
ARG CZ   C  N N 22  
ARG NH1  N  N N 23  
ARG NH2  N  N N 24  
ARG OXT  O  N N 25  
ARG H    H  N N 26  
ARG H2   H  N N 27  
ARG HA   H  N N 28  
ARG HB2  H  N N 29  
ARG HB3  H  N N 30  
ARG HG2  H  N N 31  
ARG HG3  H  N N 32  
ARG HD2  H  N N 33  
ARG HD3  H  N N 34  
ARG HE   H  N N 35  
ARG HH11 H  N N 36  
ARG HH12 H  N N 37  
ARG HH21 H  N N 38  
ARG HH22 H  N N 39  
ARG HXT  H  N N 40  
ASN N    N  N N 41  
ASN CA   C  N S 42  
ASN C    C  N N 43  
ASN O    O  N N 44  
ASN CB   C  N N 45  
ASN CG   C  N N 46  
ASN OD1  O  N N 47  
ASN ND2  N  N N 48  
ASN OXT  O  N N 49  
ASN H    H  N N 50  
ASN H2   H  N N 51  
ASN HA   H  N N 52  
ASN HB2  H  N N 53  
ASN HB3  H  N N 54  
ASN HD21 H  N N 55  
ASN HD22 H  N N 56  
ASN HXT  H  N N 57  
ASP N    N  N N 58  
ASP CA   C  N S 59  
ASP C    C  N N 60  
ASP O    O  N N 61  
ASP CB   C  N N 62  
ASP CG   C  N N 63  
ASP OD1  O  N N 64  
ASP OD2  O  N N 65  
ASP OXT  O  N N 66  
ASP H    H  N N 67  
ASP H2   H  N N 68  
ASP HA   H  N N 69  
ASP HB2  H  N N 70  
ASP HB3  H  N N 71  
ASP HD2  H  N N 72  
ASP HXT  H  N N 73  
CYS N    N  N N 74  
CYS CA   C  N R 75  
CYS C    C  N N 76  
CYS O    O  N N 77  
CYS CB   C  N N 78  
CYS SG   S  N N 79  
CYS OXT  O  N N 80  
CYS H    H  N N 81  
CYS H2   H  N N 82  
CYS HA   H  N N 83  
CYS HB2  H  N N 84  
CYS HB3  H  N N 85  
CYS HG   H  N N 86  
CYS HXT  H  N N 87  
GLN N    N  N N 88  
GLN CA   C  N S 89  
GLN C    C  N N 90  
GLN O    O  N N 91  
GLN CB   C  N N 92  
GLN CG   C  N N 93  
GLN CD   C  N N 94  
GLN OE1  O  N N 95  
GLN NE2  N  N N 96  
GLN OXT  O  N N 97  
GLN H    H  N N 98  
GLN H2   H  N N 99  
GLN HA   H  N N 100 
GLN HB2  H  N N 101 
GLN HB3  H  N N 102 
GLN HG2  H  N N 103 
GLN HG3  H  N N 104 
GLN HE21 H  N N 105 
GLN HE22 H  N N 106 
GLN HXT  H  N N 107 
GLU N    N  N N 108 
GLU CA   C  N S 109 
GLU C    C  N N 110 
GLU O    O  N N 111 
GLU CB   C  N N 112 
GLU CG   C  N N 113 
GLU CD   C  N N 114 
GLU OE1  O  N N 115 
GLU OE2  O  N N 116 
GLU OXT  O  N N 117 
GLU H    H  N N 118 
GLU H2   H  N N 119 
GLU HA   H  N N 120 
GLU HB2  H  N N 121 
GLU HB3  H  N N 122 
GLU HG2  H  N N 123 
GLU HG3  H  N N 124 
GLU HE2  H  N N 125 
GLU HXT  H  N N 126 
GLY N    N  N N 127 
GLY CA   C  N N 128 
GLY C    C  N N 129 
GLY O    O  N N 130 
GLY OXT  O  N N 131 
GLY H    H  N N 132 
GLY H2   H  N N 133 
GLY HA2  H  N N 134 
GLY HA3  H  N N 135 
GLY HXT  H  N N 136 
HIS N    N  N N 137 
HIS CA   C  N S 138 
HIS C    C  N N 139 
HIS O    O  N N 140 
HIS CB   C  N N 141 
HIS CG   C  Y N 142 
HIS ND1  N  Y N 143 
HIS CD2  C  Y N 144 
HIS CE1  C  Y N 145 
HIS NE2  N  Y N 146 
HIS OXT  O  N N 147 
HIS H    H  N N 148 
HIS H2   H  N N 149 
HIS HA   H  N N 150 
HIS HB2  H  N N 151 
HIS HB3  H  N N 152 
HIS HD1  H  N N 153 
HIS HD2  H  N N 154 
HIS HE1  H  N N 155 
HIS HE2  H  N N 156 
HIS HXT  H  N N 157 
HOH O    O  N N 158 
HOH H1   H  N N 159 
HOH H2   H  N N 160 
ILE N    N  N N 161 
ILE CA   C  N S 162 
ILE C    C  N N 163 
ILE O    O  N N 164 
ILE CB   C  N S 165 
ILE CG1  C  N N 166 
ILE CG2  C  N N 167 
ILE CD1  C  N N 168 
ILE OXT  O  N N 169 
ILE H    H  N N 170 
ILE H2   H  N N 171 
ILE HA   H  N N 172 
ILE HB   H  N N 173 
ILE HG12 H  N N 174 
ILE HG13 H  N N 175 
ILE HG21 H  N N 176 
ILE HG22 H  N N 177 
ILE HG23 H  N N 178 
ILE HD11 H  N N 179 
ILE HD12 H  N N 180 
ILE HD13 H  N N 181 
ILE HXT  H  N N 182 
LEU N    N  N N 183 
LEU CA   C  N S 184 
LEU C    C  N N 185 
LEU O    O  N N 186 
LEU CB   C  N N 187 
LEU CG   C  N N 188 
LEU CD1  C  N N 189 
LEU CD2  C  N N 190 
LEU OXT  O  N N 191 
LEU H    H  N N 192 
LEU H2   H  N N 193 
LEU HA   H  N N 194 
LEU HB2  H  N N 195 
LEU HB3  H  N N 196 
LEU HG   H  N N 197 
LEU HD11 H  N N 198 
LEU HD12 H  N N 199 
LEU HD13 H  N N 200 
LEU HD21 H  N N 201 
LEU HD22 H  N N 202 
LEU HD23 H  N N 203 
LEU HXT  H  N N 204 
LYS N    N  N N 205 
LYS CA   C  N S 206 
LYS C    C  N N 207 
LYS O    O  N N 208 
LYS CB   C  N N 209 
LYS CG   C  N N 210 
LYS CD   C  N N 211 
LYS CE   C  N N 212 
LYS NZ   N  N N 213 
LYS OXT  O  N N 214 
LYS H    H  N N 215 
LYS H2   H  N N 216 
LYS HA   H  N N 217 
LYS HB2  H  N N 218 
LYS HB3  H  N N 219 
LYS HG2  H  N N 220 
LYS HG3  H  N N 221 
LYS HD2  H  N N 222 
LYS HD3  H  N N 223 
LYS HE2  H  N N 224 
LYS HE3  H  N N 225 
LYS HZ1  H  N N 226 
LYS HZ2  H  N N 227 
LYS HZ3  H  N N 228 
LYS HXT  H  N N 229 
MET N    N  N N 230 
MET CA   C  N S 231 
MET C    C  N N 232 
MET O    O  N N 233 
MET CB   C  N N 234 
MET CG   C  N N 235 
MET SD   S  N N 236 
MET CE   C  N N 237 
MET OXT  O  N N 238 
MET H    H  N N 239 
MET H2   H  N N 240 
MET HA   H  N N 241 
MET HB2  H  N N 242 
MET HB3  H  N N 243 
MET HG2  H  N N 244 
MET HG3  H  N N 245 
MET HE1  H  N N 246 
MET HE2  H  N N 247 
MET HE3  H  N N 248 
MET HXT  H  N N 249 
PHE N    N  N N 250 
PHE CA   C  N S 251 
PHE C    C  N N 252 
PHE O    O  N N 253 
PHE CB   C  N N 254 
PHE CG   C  Y N 255 
PHE CD1  C  Y N 256 
PHE CD2  C  Y N 257 
PHE CE1  C  Y N 258 
PHE CE2  C  Y N 259 
PHE CZ   C  Y N 260 
PHE OXT  O  N N 261 
PHE H    H  N N 262 
PHE H2   H  N N 263 
PHE HA   H  N N 264 
PHE HB2  H  N N 265 
PHE HB3  H  N N 266 
PHE HD1  H  N N 267 
PHE HD2  H  N N 268 
PHE HE1  H  N N 269 
PHE HE2  H  N N 270 
PHE HZ   H  N N 271 
PHE HXT  H  N N 272 
PRO N    N  N N 273 
PRO CA   C  N S 274 
PRO C    C  N N 275 
PRO O    O  N N 276 
PRO CB   C  N N 277 
PRO CG   C  N N 278 
PRO CD   C  N N 279 
PRO OXT  O  N N 280 
PRO H    H  N N 281 
PRO HA   H  N N 282 
PRO HB2  H  N N 283 
PRO HB3  H  N N 284 
PRO HG2  H  N N 285 
PRO HG3  H  N N 286 
PRO HD2  H  N N 287 
PRO HD3  H  N N 288 
PRO HXT  H  N N 289 
SER N    N  N N 290 
SER CA   C  N S 291 
SER C    C  N N 292 
SER O    O  N N 293 
SER CB   C  N N 294 
SER OG   O  N N 295 
SER OXT  O  N N 296 
SER H    H  N N 297 
SER H2   H  N N 298 
SER HA   H  N N 299 
SER HB2  H  N N 300 
SER HB3  H  N N 301 
SER HG   H  N N 302 
SER HXT  H  N N 303 
THR N    N  N N 304 
THR CA   C  N S 305 
THR C    C  N N 306 
THR O    O  N N 307 
THR CB   C  N R 308 
THR OG1  O  N N 309 
THR CG2  C  N N 310 
THR OXT  O  N N 311 
THR H    H  N N 312 
THR H2   H  N N 313 
THR HA   H  N N 314 
THR HB   H  N N 315 
THR HG1  H  N N 316 
THR HG21 H  N N 317 
THR HG22 H  N N 318 
THR HG23 H  N N 319 
THR HXT  H  N N 320 
TRP N    N  N N 321 
TRP CA   C  N S 322 
TRP C    C  N N 323 
TRP O    O  N N 324 
TRP CB   C  N N 325 
TRP CG   C  Y N 326 
TRP CD1  C  Y N 327 
TRP CD2  C  Y N 328 
TRP NE1  N  Y N 329 
TRP CE2  C  Y N 330 
TRP CE3  C  Y N 331 
TRP CZ2  C  Y N 332 
TRP CZ3  C  Y N 333 
TRP CH2  C  Y N 334 
TRP OXT  O  N N 335 
TRP H    H  N N 336 
TRP H2   H  N N 337 
TRP HA   H  N N 338 
TRP HB2  H  N N 339 
TRP HB3  H  N N 340 
TRP HD1  H  N N 341 
TRP HE1  H  N N 342 
TRP HE3  H  N N 343 
TRP HZ2  H  N N 344 
TRP HZ3  H  N N 345 
TRP HH2  H  N N 346 
TRP HXT  H  N N 347 
TYR N    N  N N 348 
TYR CA   C  N S 349 
TYR C    C  N N 350 
TYR O    O  N N 351 
TYR CB   C  N N 352 
TYR CG   C  Y N 353 
TYR CD1  C  Y N 354 
TYR CD2  C  Y N 355 
TYR CE1  C  Y N 356 
TYR CE2  C  Y N 357 
TYR CZ   C  Y N 358 
TYR OH   O  N N 359 
TYR OXT  O  N N 360 
TYR H    H  N N 361 
TYR H2   H  N N 362 
TYR HA   H  N N 363 
TYR HB2  H  N N 364 
TYR HB3  H  N N 365 
TYR HD1  H  N N 366 
TYR HD2  H  N N 367 
TYR HE1  H  N N 368 
TYR HE2  H  N N 369 
TYR HH   H  N N 370 
TYR HXT  H  N N 371 
VAL N    N  N N 372 
VAL CA   C  N S 373 
VAL C    C  N N 374 
VAL O    O  N N 375 
VAL CB   C  N N 376 
VAL CG1  C  N N 377 
VAL CG2  C  N N 378 
VAL OXT  O  N N 379 
VAL H    H  N N 380 
VAL H2   H  N N 381 
VAL HA   H  N N 382 
VAL HB   H  N N 383 
VAL HG11 H  N N 384 
VAL HG12 H  N N 385 
VAL HG13 H  N N 386 
VAL HG21 H  N N 387 
VAL HG22 H  N N 388 
VAL HG23 H  N N 389 
VAL HXT  H  N N 390 
ZN  ZN   ZN N N 391 
# 
loop_
_chem_comp_bond.comp_id 
_chem_comp_bond.atom_id_1 
_chem_comp_bond.atom_id_2 
_chem_comp_bond.value_order 
_chem_comp_bond.pdbx_aromatic_flag 
_chem_comp_bond.pdbx_stereo_config 
_chem_comp_bond.pdbx_ordinal 
ALA N   CA   sing N N 1   
ALA N   H    sing N N 2   
ALA N   H2   sing N N 3   
ALA CA  C    sing N N 4   
ALA CA  CB   sing N N 5   
ALA CA  HA   sing N N 6   
ALA C   O    doub N N 7   
ALA C   OXT  sing N N 8   
ALA CB  HB1  sing N N 9   
ALA CB  HB2  sing N N 10  
ALA CB  HB3  sing N N 11  
ALA OXT HXT  sing N N 12  
ARG N   CA   sing N N 13  
ARG N   H    sing N N 14  
ARG N   H2   sing N N 15  
ARG CA  C    sing N N 16  
ARG CA  CB   sing N N 17  
ARG CA  HA   sing N N 18  
ARG C   O    doub N N 19  
ARG C   OXT  sing N N 20  
ARG CB  CG   sing N N 21  
ARG CB  HB2  sing N N 22  
ARG CB  HB3  sing N N 23  
ARG CG  CD   sing N N 24  
ARG CG  HG2  sing N N 25  
ARG CG  HG3  sing N N 26  
ARG CD  NE   sing N N 27  
ARG CD  HD2  sing N N 28  
ARG CD  HD3  sing N N 29  
ARG NE  CZ   sing N N 30  
ARG NE  HE   sing N N 31  
ARG CZ  NH1  sing N N 32  
ARG CZ  NH2  doub N N 33  
ARG NH1 HH11 sing N N 34  
ARG NH1 HH12 sing N N 35  
ARG NH2 HH21 sing N N 36  
ARG NH2 HH22 sing N N 37  
ARG OXT HXT  sing N N 38  
ASN N   CA   sing N N 39  
ASN N   H    sing N N 40  
ASN N   H2   sing N N 41  
ASN CA  C    sing N N 42  
ASN CA  CB   sing N N 43  
ASN CA  HA   sing N N 44  
ASN C   O    doub N N 45  
ASN C   OXT  sing N N 46  
ASN CB  CG   sing N N 47  
ASN CB  HB2  sing N N 48  
ASN CB  HB3  sing N N 49  
ASN CG  OD1  doub N N 50  
ASN CG  ND2  sing N N 51  
ASN ND2 HD21 sing N N 52  
ASN ND2 HD22 sing N N 53  
ASN OXT HXT  sing N N 54  
ASP N   CA   sing N N 55  
ASP N   H    sing N N 56  
ASP N   H2   sing N N 57  
ASP CA  C    sing N N 58  
ASP CA  CB   sing N N 59  
ASP CA  HA   sing N N 60  
ASP C   O    doub N N 61  
ASP C   OXT  sing N N 62  
ASP CB  CG   sing N N 63  
ASP CB  HB2  sing N N 64  
ASP CB  HB3  sing N N 65  
ASP CG  OD1  doub N N 66  
ASP CG  OD2  sing N N 67  
ASP OD2 HD2  sing N N 68  
ASP OXT HXT  sing N N 69  
CYS N   CA   sing N N 70  
CYS N   H    sing N N 71  
CYS N   H2   sing N N 72  
CYS CA  C    sing N N 73  
CYS CA  CB   sing N N 74  
CYS CA  HA   sing N N 75  
CYS C   O    doub N N 76  
CYS C   OXT  sing N N 77  
CYS CB  SG   sing N N 78  
CYS CB  HB2  sing N N 79  
CYS CB  HB3  sing N N 80  
CYS SG  HG   sing N N 81  
CYS OXT HXT  sing N N 82  
GLN N   CA   sing N N 83  
GLN N   H    sing N N 84  
GLN N   H2   sing N N 85  
GLN CA  C    sing N N 86  
GLN CA  CB   sing N N 87  
GLN CA  HA   sing N N 88  
GLN C   O    doub N N 89  
GLN C   OXT  sing N N 90  
GLN CB  CG   sing N N 91  
GLN CB  HB2  sing N N 92  
GLN CB  HB3  sing N N 93  
GLN CG  CD   sing N N 94  
GLN CG  HG2  sing N N 95  
GLN CG  HG3  sing N N 96  
GLN CD  OE1  doub N N 97  
GLN CD  NE2  sing N N 98  
GLN NE2 HE21 sing N N 99  
GLN NE2 HE22 sing N N 100 
GLN OXT HXT  sing N N 101 
GLU N   CA   sing N N 102 
GLU N   H    sing N N 103 
GLU N   H2   sing N N 104 
GLU CA  C    sing N N 105 
GLU CA  CB   sing N N 106 
GLU CA  HA   sing N N 107 
GLU C   O    doub N N 108 
GLU C   OXT  sing N N 109 
GLU CB  CG   sing N N 110 
GLU CB  HB2  sing N N 111 
GLU CB  HB3  sing N N 112 
GLU CG  CD   sing N N 113 
GLU CG  HG2  sing N N 114 
GLU CG  HG3  sing N N 115 
GLU CD  OE1  doub N N 116 
GLU CD  OE2  sing N N 117 
GLU OE2 HE2  sing N N 118 
GLU OXT HXT  sing N N 119 
GLY N   CA   sing N N 120 
GLY N   H    sing N N 121 
GLY N   H2   sing N N 122 
GLY CA  C    sing N N 123 
GLY CA  HA2  sing N N 124 
GLY CA  HA3  sing N N 125 
GLY C   O    doub N N 126 
GLY C   OXT  sing N N 127 
GLY OXT HXT  sing N N 128 
HIS N   CA   sing N N 129 
HIS N   H    sing N N 130 
HIS N   H2   sing N N 131 
HIS CA  C    sing N N 132 
HIS CA  CB   sing N N 133 
HIS CA  HA   sing N N 134 
HIS C   O    doub N N 135 
HIS C   OXT  sing N N 136 
HIS CB  CG   sing N N 137 
HIS CB  HB2  sing N N 138 
HIS CB  HB3  sing N N 139 
HIS CG  ND1  sing Y N 140 
HIS CG  CD2  doub Y N 141 
HIS ND1 CE1  doub Y N 142 
HIS ND1 HD1  sing N N 143 
HIS CD2 NE2  sing Y N 144 
HIS CD2 HD2  sing N N 145 
HIS CE1 NE2  sing Y N 146 
HIS CE1 HE1  sing N N 147 
HIS NE2 HE2  sing N N 148 
HIS OXT HXT  sing N N 149 
HOH O   H1   sing N N 150 
HOH O   H2   sing N N 151 
ILE N   CA   sing N N 152 
ILE N   H    sing N N 153 
ILE N   H2   sing N N 154 
ILE CA  C    sing N N 155 
ILE CA  CB   sing N N 156 
ILE CA  HA   sing N N 157 
ILE C   O    doub N N 158 
ILE C   OXT  sing N N 159 
ILE CB  CG1  sing N N 160 
ILE CB  CG2  sing N N 161 
ILE CB  HB   sing N N 162 
ILE CG1 CD1  sing N N 163 
ILE CG1 HG12 sing N N 164 
ILE CG1 HG13 sing N N 165 
ILE CG2 HG21 sing N N 166 
ILE CG2 HG22 sing N N 167 
ILE CG2 HG23 sing N N 168 
ILE CD1 HD11 sing N N 169 
ILE CD1 HD12 sing N N 170 
ILE CD1 HD13 sing N N 171 
ILE OXT HXT  sing N N 172 
LEU N   CA   sing N N 173 
LEU N   H    sing N N 174 
LEU N   H2   sing N N 175 
LEU CA  C    sing N N 176 
LEU CA  CB   sing N N 177 
LEU CA  HA   sing N N 178 
LEU C   O    doub N N 179 
LEU C   OXT  sing N N 180 
LEU CB  CG   sing N N 181 
LEU CB  HB2  sing N N 182 
LEU CB  HB3  sing N N 183 
LEU CG  CD1  sing N N 184 
LEU CG  CD2  sing N N 185 
LEU CG  HG   sing N N 186 
LEU CD1 HD11 sing N N 187 
LEU CD1 HD12 sing N N 188 
LEU CD1 HD13 sing N N 189 
LEU CD2 HD21 sing N N 190 
LEU CD2 HD22 sing N N 191 
LEU CD2 HD23 sing N N 192 
LEU OXT HXT  sing N N 193 
LYS N   CA   sing N N 194 
LYS N   H    sing N N 195 
LYS N   H2   sing N N 196 
LYS CA  C    sing N N 197 
LYS CA  CB   sing N N 198 
LYS CA  HA   sing N N 199 
LYS C   O    doub N N 200 
LYS C   OXT  sing N N 201 
LYS CB  CG   sing N N 202 
LYS CB  HB2  sing N N 203 
LYS CB  HB3  sing N N 204 
LYS CG  CD   sing N N 205 
LYS CG  HG2  sing N N 206 
LYS CG  HG3  sing N N 207 
LYS CD  CE   sing N N 208 
LYS CD  HD2  sing N N 209 
LYS CD  HD3  sing N N 210 
LYS CE  NZ   sing N N 211 
LYS CE  HE2  sing N N 212 
LYS CE  HE3  sing N N 213 
LYS NZ  HZ1  sing N N 214 
LYS NZ  HZ2  sing N N 215 
LYS NZ  HZ3  sing N N 216 
LYS OXT HXT  sing N N 217 
MET N   CA   sing N N 218 
MET N   H    sing N N 219 
MET N   H2   sing N N 220 
MET CA  C    sing N N 221 
MET CA  CB   sing N N 222 
MET CA  HA   sing N N 223 
MET C   O    doub N N 224 
MET C   OXT  sing N N 225 
MET CB  CG   sing N N 226 
MET CB  HB2  sing N N 227 
MET CB  HB3  sing N N 228 
MET CG  SD   sing N N 229 
MET CG  HG2  sing N N 230 
MET CG  HG3  sing N N 231 
MET SD  CE   sing N N 232 
MET CE  HE1  sing N N 233 
MET CE  HE2  sing N N 234 
MET CE  HE3  sing N N 235 
MET OXT HXT  sing N N 236 
PHE N   CA   sing N N 237 
PHE N   H    sing N N 238 
PHE N   H2   sing N N 239 
PHE CA  C    sing N N 240 
PHE CA  CB   sing N N 241 
PHE CA  HA   sing N N 242 
PHE C   O    doub N N 243 
PHE C   OXT  sing N N 244 
PHE CB  CG   sing N N 245 
PHE CB  HB2  sing N N 246 
PHE CB  HB3  sing N N 247 
PHE CG  CD1  doub Y N 248 
PHE CG  CD2  sing Y N 249 
PHE CD1 CE1  sing Y N 250 
PHE CD1 HD1  sing N N 251 
PHE CD2 CE2  doub Y N 252 
PHE CD2 HD2  sing N N 253 
PHE CE1 CZ   doub Y N 254 
PHE CE1 HE1  sing N N 255 
PHE CE2 CZ   sing Y N 256 
PHE CE2 HE2  sing N N 257 
PHE CZ  HZ   sing N N 258 
PHE OXT HXT  sing N N 259 
PRO N   CA   sing N N 260 
PRO N   CD   sing N N 261 
PRO N   H    sing N N 262 
PRO CA  C    sing N N 263 
PRO CA  CB   sing N N 264 
PRO CA  HA   sing N N 265 
PRO C   O    doub N N 266 
PRO C   OXT  sing N N 267 
PRO CB  CG   sing N N 268 
PRO CB  HB2  sing N N 269 
PRO CB  HB3  sing N N 270 
PRO CG  CD   sing N N 271 
PRO CG  HG2  sing N N 272 
PRO CG  HG3  sing N N 273 
PRO CD  HD2  sing N N 274 
PRO CD  HD3  sing N N 275 
PRO OXT HXT  sing N N 276 
SER N   CA   sing N N 277 
SER N   H    sing N N 278 
SER N   H2   sing N N 279 
SER CA  C    sing N N 280 
SER CA  CB   sing N N 281 
SER CA  HA   sing N N 282 
SER C   O    doub N N 283 
SER C   OXT  sing N N 284 
SER CB  OG   sing N N 285 
SER CB  HB2  sing N N 286 
SER CB  HB3  sing N N 287 
SER OG  HG   sing N N 288 
SER OXT HXT  sing N N 289 
THR N   CA   sing N N 290 
THR N   H    sing N N 291 
THR N   H2   sing N N 292 
THR CA  C    sing N N 293 
THR CA  CB   sing N N 294 
THR CA  HA   sing N N 295 
THR C   O    doub N N 296 
THR C   OXT  sing N N 297 
THR CB  OG1  sing N N 298 
THR CB  CG2  sing N N 299 
THR CB  HB   sing N N 300 
THR OG1 HG1  sing N N 301 
THR CG2 HG21 sing N N 302 
THR CG2 HG22 sing N N 303 
THR CG2 HG23 sing N N 304 
THR OXT HXT  sing N N 305 
TRP N   CA   sing N N 306 
TRP N   H    sing N N 307 
TRP N   H2   sing N N 308 
TRP CA  C    sing N N 309 
TRP CA  CB   sing N N 310 
TRP CA  HA   sing N N 311 
TRP C   O    doub N N 312 
TRP C   OXT  sing N N 313 
TRP CB  CG   sing N N 314 
TRP CB  HB2  sing N N 315 
TRP CB  HB3  sing N N 316 
TRP CG  CD1  doub Y N 317 
TRP CG  CD2  sing Y N 318 
TRP CD1 NE1  sing Y N 319 
TRP CD1 HD1  sing N N 320 
TRP CD2 CE2  doub Y N 321 
TRP CD2 CE3  sing Y N 322 
TRP NE1 CE2  sing Y N 323 
TRP NE1 HE1  sing N N 324 
TRP CE2 CZ2  sing Y N 325 
TRP CE3 CZ3  doub Y N 326 
TRP CE3 HE3  sing N N 327 
TRP CZ2 CH2  doub Y N 328 
TRP CZ2 HZ2  sing N N 329 
TRP CZ3 CH2  sing Y N 330 
TRP CZ3 HZ3  sing N N 331 
TRP CH2 HH2  sing N N 332 
TRP OXT HXT  sing N N 333 
TYR N   CA   sing N N 334 
TYR N   H    sing N N 335 
TYR N   H2   sing N N 336 
TYR CA  C    sing N N 337 
TYR CA  CB   sing N N 338 
TYR CA  HA   sing N N 339 
TYR C   O    doub N N 340 
TYR C   OXT  sing N N 341 
TYR CB  CG   sing N N 342 
TYR CB  HB2  sing N N 343 
TYR CB  HB3  sing N N 344 
TYR CG  CD1  doub Y N 345 
TYR CG  CD2  sing Y N 346 
TYR CD1 CE1  sing Y N 347 
TYR CD1 HD1  sing N N 348 
TYR CD2 CE2  doub Y N 349 
TYR CD2 HD2  sing N N 350 
TYR CE1 CZ   doub Y N 351 
TYR CE1 HE1  sing N N 352 
TYR CE2 CZ   sing Y N 353 
TYR CE2 HE2  sing N N 354 
TYR CZ  OH   sing N N 355 
TYR OH  HH   sing N N 356 
TYR OXT HXT  sing N N 357 
VAL N   CA   sing N N 358 
VAL N   H    sing N N 359 
VAL N   H2   sing N N 360 
VAL CA  C    sing N N 361 
VAL CA  CB   sing N N 362 
VAL CA  HA   sing N N 363 
VAL C   O    doub N N 364 
VAL C   OXT  sing N N 365 
VAL CB  CG1  sing N N 366 
VAL CB  CG2  sing N N 367 
VAL CB  HB   sing N N 368 
VAL CG1 HG11 sing N N 369 
VAL CG1 HG12 sing N N 370 
VAL CG1 HG13 sing N N 371 
VAL CG2 HG21 sing N N 372 
VAL CG2 HG22 sing N N 373 
VAL CG2 HG23 sing N N 374 
VAL OXT HXT  sing N N 375 
# 
_pdbx_audit_support.funding_organization   'Not funded' 
_pdbx_audit_support.country                ? 
_pdbx_audit_support.grant_number           ? 
_pdbx_audit_support.ordinal                1 
# 
_pdbx_initial_refinement_model.id               1 
_pdbx_initial_refinement_model.entity_id_list   ? 
_pdbx_initial_refinement_model.type             'experimental model' 
_pdbx_initial_refinement_model.source_name      PDB 
_pdbx_initial_refinement_model.accession_code   4FVB 
_pdbx_initial_refinement_model.details          ? 
# 
_atom_sites.entry_id                    7DA6 
_atom_sites.Cartn_transf_matrix[1][1]   ? 
_atom_sites.Cartn_transf_matrix[1][2]   ? 
_atom_sites.Cartn_transf_matrix[1][3]   ? 
_atom_sites.Cartn_transf_matrix[2][1]   ? 
_atom_sites.Cartn_transf_matrix[2][2]   ? 
_atom_sites.Cartn_transf_matrix[2][3]   ? 
_atom_sites.Cartn_transf_matrix[3][1]   ? 
_atom_sites.Cartn_transf_matrix[3][2]   ? 
_atom_sites.Cartn_transf_matrix[3][3]   ? 
_atom_sites.Cartn_transf_vector[1]      ? 
_atom_sites.Cartn_transf_vector[2]      ? 
_atom_sites.Cartn_transf_vector[3]      ? 
_atom_sites.fract_transf_matrix[1][1]   -0.00679767 
_atom_sites.fract_transf_matrix[1][2]   -0.00640604 
_atom_sites.fract_transf_matrix[1][3]   0.00842738 
_atom_sites.fract_transf_matrix[2][1]   0.01200672 
_atom_sites.fract_transf_matrix[2][2]   -0.01853496 
_atom_sites.fract_transf_matrix[2][3]   -0.00440445 
_atom_sites.fract_transf_matrix[3][1]   0.00851271 
_atom_sites.fract_transf_matrix[3][2]   0.00097595 
_atom_sites.fract_transf_matrix[3][3]   0.01909900 
_atom_sites.fract_transf_vector[1]      0.113670 
_atom_sites.fract_transf_vector[2]      0.346266 
_atom_sites.fract_transf_vector[3]      1.381714 
_atom_sites.solution_primary            ? 
_atom_sites.solution_secondary          ? 
_atom_sites.solution_hydrogens          ? 
_atom_sites.special_details             ? 
# 
loop_
_atom_type.symbol 
C  
N  
O  
S  
ZN 
# 
loop_
_atom_site.group_PDB 
_atom_site.id 
_atom_site.type_symbol 
_atom_site.label_atom_id 
_atom_site.label_alt_id 
_atom_site.label_comp_id 
_atom_site.label_asym_id 
_atom_site.label_entity_id 
_atom_site.label_seq_id 
_atom_site.pdbx_PDB_ins_code 
_atom_site.Cartn_x 
_atom_site.Cartn_y 
_atom_site.Cartn_z 
_atom_site.occupancy 
_atom_site.B_iso_or_equiv 
_atom_site.pdbx_formal_charge 
_atom_site.auth_seq_id 
_atom_site.auth_comp_id 
_atom_site.auth_asym_id 
_atom_site.auth_atom_id 
_atom_site.pdbx_PDB_model_num 
ATOM   1    N  N   . SER A 1 1   ? -6.527  -8.232  -7.697  1.00 76.95  ? 7   SER A N   1 
ATOM   2    C  CA  . SER A 1 1   ? -5.939  -7.133  -6.937  1.00 66.52  ? 7   SER A CA  1 
ATOM   3    C  C   . SER A 1 1   ? -5.516  -7.564  -5.532  1.00 72.58  ? 7   SER A C   1 
ATOM   4    O  O   . SER A 1 1   ? -5.352  -8.754  -5.243  1.00 70.03  ? 7   SER A O   1 
ATOM   5    C  CB  . SER A 1 1   ? -6.911  -5.953  -6.844  1.00 62.26  ? 7   SER A CB  1 
ATOM   6    O  OG  . SER A 1 1   ? -8.243  -6.394  -6.655  1.00 75.14  ? 7   SER A OG  1 
ATOM   7    N  N   . GLY A 1 2   ? -5.354  -6.578  -4.658  1.00 63.03  ? 8   GLY A N   1 
ATOM   8    C  CA  . GLY A 1 2   ? -4.623  -6.768  -3.422  1.00 45.09  ? 8   GLY A CA  1 
ATOM   9    C  C   . GLY A 1 2   ? -3.165  -6.499  -3.750  1.00 50.23  ? 8   GLY A C   1 
ATOM   10   O  O   . GLY A 1 2   ? -2.300  -6.530  -2.872  1.00 45.12  ? 8   GLY A O   1 
ATOM   11   N  N   . ALA A 1 3   ? -2.897  -6.227  -5.028  1.00 46.06  ? 9   ALA A N   1 
ATOM   12   C  CA  . ALA A 1 3   ? -1.529  -6.097  -5.528  1.00 36.48  ? 9   ALA A CA  1 
ATOM   13   C  C   . ALA A 1 3   ? -1.402  -5.148  -6.713  1.00 35.15  ? 9   ALA A C   1 
ATOM   14   O  O   . ALA A 1 3   ? -2.288  -5.059  -7.548  1.00 39.38  ? 9   ALA A O   1 
ATOM   15   C  CB  . ALA A 1 3   ? -1.002  -7.438  -5.916  1.00 40.24  ? 9   ALA A CB  1 
ATOM   16   N  N   . ILE A 1 4   ? -0.271  -4.451  -6.767  1.00 37.01  ? 10  ILE A N   1 
ATOM   17   C  CA  . ILE A 1 4   ? 0.116   -3.636  -7.902  1.00 33.67  ? 10  ILE A CA  1 
ATOM   18   C  C   . ILE A 1 4   ? 0.963   -4.446  -8.888  1.00 34.46  ? 10  ILE A C   1 
ATOM   19   O  O   . ILE A 1 4   ? 2.022   -4.964  -8.518  1.00 34.63  ? 10  ILE A O   1 
ATOM   20   C  CB  . ILE A 1 4   ? 0.916   -2.413  -7.433  1.00 33.88  ? 10  ILE A CB  1 
ATOM   21   C  CG1 . ILE A 1 4   ? 0.081   -1.577  -6.449  1.00 27.94  ? 10  ILE A CG1 1 
ATOM   22   C  CG2 . ILE A 1 4   ? 1.429   -1.616  -8.617  1.00 29.45  ? 10  ILE A CG2 1 
ATOM   23   C  CD1 . ILE A 1 4   ? 0.935   -0.690  -5.541  1.00 27.68  ? 10  ILE A CD1 1 
ATOM   24   N  N   . TYR A 1 5   ? 0.505   -4.555  -10.132 1.00 34.67  ? 11  TYR A N   1 
ATOM   25   C  CA  . TYR A 1 5   ? 1.273   -5.255  -11.177 1.00 28.74  ? 11  TYR A CA  1 
ATOM   26   C  C   . TYR A 1 5   ? 1.883   -4.298  -12.205 1.00 35.45  ? 11  TYR A C   1 
ATOM   27   O  O   . TYR A 1 5   ? 1.198   -3.816  -13.105 1.00 38.80  ? 11  TYR A O   1 
ATOM   28   C  CB  . TYR A 1 5   ? 0.386   -6.278  -11.875 1.00 38.20  ? 11  TYR A CB  1 
ATOM   29   C  CG  . TYR A 1 5   ? -0.073  -7.382  -10.941 1.00 37.92  ? 11  TYR A CG  1 
ATOM   30   C  CD1 . TYR A 1 5   ? 0.747   -8.474  -10.668 1.00 36.27  ? 11  TYR A CD1 1 
ATOM   31   C  CD2 . TYR A 1 5   ? -1.314  -7.324  -10.324 1.00 40.62  ? 11  TYR A CD2 1 
ATOM   32   C  CE1 . TYR A 1 5   ? 0.328   -9.486  -9.798  1.00 47.81  ? 11  TYR A CE1 1 
ATOM   33   C  CE2 . TYR A 1 5   ? -1.738  -8.325  -9.459  1.00 49.49  ? 11  TYR A CE2 1 
ATOM   34   C  CZ  . TYR A 1 5   ? -0.913  -9.400  -9.198  1.00 53.39  ? 11  TYR A CZ  1 
ATOM   35   O  OH  . TYR A 1 5   ? -1.340  -10.393 -8.341  1.00 51.55  ? 11  TYR A OH  1 
ATOM   36   N  N   . VAL A 1 6   ? 3.172   -4.010  -12.059 1.00 35.59  ? 12  VAL A N   1 
ATOM   37   C  CA  . VAL A 1 6   ? 3.833   -3.074  -12.955 1.00 36.67  ? 12  VAL A CA  1 
ATOM   38   C  C   . VAL A 1 6   ? 5.100   -3.734  -13.494 1.00 47.41  ? 12  VAL A C   1 
ATOM   39   O  O   . VAL A 1 6   ? 5.865   -4.328  -12.745 1.00 38.33  ? 12  VAL A O   1 
ATOM   40   C  CB  . VAL A 1 6   ? 4.150   -1.720  -12.248 1.00 38.64  ? 12  VAL A CB  1 
ATOM   41   C  CG1 . VAL A 1 6   ? 4.842   -1.937  -10.922 1.00 51.28  ? 12  VAL A CG1 1 
ATOM   42   C  CG2 . VAL A 1 6   ? 4.990   -0.821  -13.141 1.00 48.75  ? 12  VAL A CG2 1 
ATOM   43   N  N   . GLY A 1 7   ? 5.296   -3.659  -14.806 1.00 46.40  ? 13  GLY A N   1 
ATOM   44   C  CA  . GLY A 1 7   ? 6.419   -4.333  -15.426 1.00 53.05  ? 13  GLY A CA  1 
ATOM   45   C  C   . GLY A 1 7   ? 6.364   -5.822  -15.138 1.00 47.83  ? 13  GLY A C   1 
ATOM   46   O  O   . GLY A 1 7   ? 5.314   -6.457  -15.267 1.00 43.91  ? 13  GLY A O   1 
ATOM   47   N  N   . ASN A 1 8   ? 7.495   -6.388  -14.741 1.00 46.36  ? 14  ASN A N   1 
ATOM   48   C  CA  . ASN A 1 8   ? 7.498   -7.776  -14.317 1.00 46.62  ? 14  ASN A CA  1 
ATOM   49   C  C   . ASN A 1 8   ? 7.554   -7.846  -12.806 1.00 42.90  ? 14  ASN A C   1 
ATOM   50   O  O   . ASN A 1 8   ? 8.177   -8.740  -12.236 1.00 53.36  ? 14  ASN A O   1 
ATOM   51   C  CB  . ASN A 1 8   ? 8.661   -8.535  -14.943 1.00 58.08  ? 14  ASN A CB  1 
ATOM   52   C  CG  . ASN A 1 8   ? 8.498   -8.702  -16.439 1.00 58.53  ? 14  ASN A CG  1 
ATOM   53   O  OD1 . ASN A 1 8   ? 7.619   -9.427  -16.903 1.00 56.57  ? 14  ASN A OD1 1 
ATOM   54   N  ND2 . ASN A 1 8   ? 9.347   -8.025  -17.203 1.00 45.70  ? 14  ASN A ND2 1 
ATOM   55   N  N   . PHE A 1 9   ? 6.890   -6.892  -12.160 1.00 40.82  ? 15  PHE A N   1 
ATOM   56   C  CA  . PHE A 1 9   ? 6.903   -6.811  -10.706 1.00 33.65  ? 15  PHE A CA  1 
ATOM   57   C  C   . PHE A 1 9   ? 5.516   -6.916  -10.100 1.00 41.07  ? 15  PHE A C   1 
ATOM   58   O  O   . PHE A 1 9   ? 4.526   -6.405  -10.646 1.00 39.57  ? 15  PHE A O   1 
ATOM   59   C  CB  . PHE A 1 9   ? 7.546   -5.509  -10.238 1.00 35.42  ? 15  PHE A CB  1 
ATOM   60   C  CG  . PHE A 1 9   ? 9.007   -5.402  -10.564 1.00 41.61  ? 15  PHE A CG  1 
ATOM   61   C  CD1 . PHE A 1 9   ? 9.896   -6.356  -10.109 1.00 36.30  ? 15  PHE A CD1 1 
ATOM   62   C  CD2 . PHE A 1 9   ? 9.491   -4.334  -11.303 1.00 38.08  ? 15  PHE A CD2 1 
ATOM   63   C  CE1 . PHE A 1 9   ? 11.244  -6.266  -10.398 1.00 43.76  ? 15  PHE A CE1 1 
ATOM   64   C  CE2 . PHE A 1 9   ? 10.830  -4.239  -11.596 1.00 37.72  ? 15  PHE A CE2 1 
ATOM   65   C  CZ  . PHE A 1 9   ? 11.710  -5.205  -11.139 1.00 39.17  ? 15  PHE A CZ  1 
ATOM   66   N  N   . ARG A 1 10  ? 5.465   -7.576  -8.949  1.00 34.45  ? 16  ARG A N   1 
ATOM   67   C  CA  . ARG A 1 10  ? 4.267   -7.656  -8.153  1.00 26.84  ? 16  ARG A CA  1 
ATOM   68   C  C   . ARG A 1 10  ? 4.549   -6.955  -6.847  1.00 38.93  ? 16  ARG A C   1 
ATOM   69   O  O   . ARG A 1 10  ? 5.439   -7.366  -6.096  1.00 42.36  ? 16  ARG A O   1 
ATOM   70   C  CB  . ARG A 1 10  ? 3.852   -9.104  -7.894  1.00 26.39  ? 16  ARG A CB  1 
ATOM   71   C  CG  . ARG A 1 10  ? 2.654   -9.213  -6.958  1.00 33.28  ? 16  ARG A CG  1 
ATOM   72   C  CD  . ARG A 1 10  ? 2.042   -10.630 -6.950  1.00 49.42  ? 16  ARG A CD  1 
ATOM   73   N  NE  . ARG A 1 10  ? 0.829   -10.675 -6.134  1.00 61.92  ? 16  ARG A NE  1 
ATOM   74   C  CZ  . ARG A 1 10  ? 0.693   -11.379 -5.016  1.00 44.67  ? 16  ARG A CZ  1 
ATOM   75   N  NH1 . ARG A 1 10  ? 1.685   -12.123 -4.576  1.00 72.11  ? 16  ARG A NH1 1 
ATOM   76   N  NH2 . ARG A 1 10  ? -0.439  -11.340 -4.339  1.00 68.04  ? 16  ARG A NH2 1 
ATOM   77   N  N   . VAL A 1 11  ? 3.807   -5.890  -6.576  1.00 36.56  ? 17  VAL A N   1 
ATOM   78   C  CA  . VAL A 1 11  ? 3.954   -5.173  -5.315  1.00 25.96  ? 17  VAL A CA  1 
ATOM   79   C  C   . VAL A 1 11  ? 2.812   -5.450  -4.338  1.00 28.11  ? 17  VAL A C   1 
ATOM   80   O  O   . VAL A 1 11  ? 1.656   -5.216  -4.652  1.00 32.46  ? 17  VAL A O   1 
ATOM   81   C  CB  . VAL A 1 11  ? 4.014   -3.679  -5.539  1.00 26.26  ? 17  VAL A CB  1 
ATOM   82   C  CG1 . VAL A 1 11  ? 4.248   -2.979  -4.206  1.00 31.23  ? 17  VAL A CG1 1 
ATOM   83   C  CG2 . VAL A 1 11  ? 5.094   -3.339  -6.559  1.00 28.01  ? 17  VAL A CG2 1 
ATOM   84   N  N   . VAL A 1 12  ? 3.138   -5.932  -3.145  1.00 37.25  ? 18  VAL A N   1 
ATOM   85   C  CA  . VAL A 1 12  ? 2.110   -6.235  -2.156  1.00 35.68  ? 18  VAL A CA  1 
ATOM   86   C  C   . VAL A 1 12  ? 2.497   -5.699  -0.802  1.00 33.32  ? 18  VAL A C   1 
ATOM   87   O  O   . VAL A 1 12  ? 3.642   -5.330  -0.601  1.00 25.56  ? 18  VAL A O   1 
ATOM   88   C  CB  . VAL A 1 12  ? 1.860   -7.763  -2.036  1.00 37.44  ? 18  VAL A CB  1 
ATOM   89   C  CG1 . VAL A 1 12  ? 1.242   -8.297  -3.308  1.00 35.19  ? 18  VAL A CG1 1 
ATOM   90   C  CG2 . VAL A 1 12  ? 3.151   -8.482  -1.756  1.00 29.34  ? 18  VAL A CG2 1 
ATOM   91   N  N   . ASN A 1 13  ? 1.527   -5.626  0.107   1.00 23.94  ? 19  ASN A N   1 
ATOM   92   C  CA  . ASN A 1 13  ? 1.796   -5.476  1.525   1.00 27.96  ? 19  ASN A CA  1 
ATOM   93   C  C   . ASN A 1 13  ? 2.660   -6.609  2.007   1.00 29.46  ? 19  ASN A C   1 
ATOM   94   O  O   . ASN A 1 13  ? 2.284   -7.751  1.842   1.00 29.74  ? 19  ASN A O   1 
ATOM   95   C  CB  . ASN A 1 13  ? 0.505   -5.508  2.359   1.00 31.44  ? 19  ASN A CB  1 
ATOM   96   C  CG  . ASN A 1 13  ? -0.433  -4.387  2.022   1.00 28.18  ? 19  ASN A CG  1 
ATOM   97   O  OD1 . ASN A 1 13  ? -1.264  -4.492  1.120   1.00 38.46  ? 19  ASN A OD1 1 
ATOM   98   N  ND2 . ASN A 1 13  ? -0.300  -3.296  2.744   1.00 29.66  ? 19  ASN A ND2 1 
ATOM   99   N  N   . ARG A 1 14  ? 3.772   -6.295  2.649   1.00 33.77  ? 20  ARG A N   1 
ATOM   100  C  CA  . ARG A 1 14  ? 4.646   -7.326  3.185   1.00 32.89  ? 20  ARG A CA  1 
ATOM   101  C  C   . ARG A 1 14  ? 3.907   -8.366  4.025   1.00 40.87  ? 20  ARG A C   1 
ATOM   102  O  O   . ARG A 1 14  ? 4.138   -9.557  3.842   1.00 30.38  ? 20  ARG A O   1 
ATOM   103  C  CB  . ARG A 1 14  ? 5.755   -6.697  4.009   1.00 22.47  ? 20  ARG A CB  1 
ATOM   104  C  CG  . ARG A 1 14  ? 6.959   -7.610  4.239   1.00 29.23  ? 20  ARG A CG  1 
ATOM   105  C  CD  . ARG A 1 14  ? 7.963   -6.888  5.124   1.00 31.90  ? 20  ARG A CD  1 
ATOM   106  N  NE  . ARG A 1 14  ? 9.191   -7.628  5.384   1.00 41.34  ? 20  ARG A NE  1 
ATOM   107  C  CZ  . ARG A 1 14  ? 9.363   -8.494  6.378   1.00 42.28  ? 20  ARG A CZ  1 
ATOM   108  N  NH1 . ARG A 1 14  ? 8.374   -8.757  7.216   1.00 44.37  ? 20  ARG A NH1 1 
ATOM   109  N  NH2 . ARG A 1 14  ? 10.528  -9.106  6.523   1.00 41.58  ? 20  ARG A NH2 1 
ATOM   110  N  N   . HIS A 1 15  ? 2.988   -7.958  4.903   1.00 28.85  ? 21  HIS A N   1 
ATOM   111  C  CA  . HIS A 1 15  ? 2.282   -8.996  5.671   1.00 34.63  ? 21  HIS A CA  1 
ATOM   112  C  C   . HIS A 1 15  ? 1.221   -9.794  4.969   1.00 29.86  ? 21  HIS A C   1 
ATOM   113  O  O   . HIS A 1 15  ? 0.652   -10.690 5.579   1.00 35.62  ? 21  HIS A O   1 
ATOM   114  C  CB  . HIS A 1 15  ? 1.574   -8.434  6.876   1.00 38.12  ? 21  HIS A CB  1 
ATOM   115  C  CG  . HIS A 1 15  ? 0.360   -7.587  6.549   1.00 49.56  ? 21  HIS A CG  1 
ATOM   116  N  ND1 . HIS A 1 15  ? 0.425   -6.351  5.920   1.00 40.03  ? 21  HIS A ND1 1 
ATOM   117  C  CD2 . HIS A 1 15  ? -0.963  -7.852  6.684   1.00 37.68  ? 21  HIS A CD2 1 
ATOM   118  C  CE1 . HIS A 1 15  ? -0.790  -5.836  5.813   1.00 39.35  ? 21  HIS A CE1 1 
ATOM   119  N  NE2 . HIS A 1 15  ? -1.653  -6.747  6.231   1.00 52.44  ? 21  HIS A NE2 1 
ATOM   120  N  N   . LEU A 1 16  ? 0.895   -9.432  3.735   1.00 32.21  ? 22  LEU A N   1 
ATOM   121  C  CA  . LEU A 1 16  ? -0.045  -10.207 2.944   1.00 27.81  ? 22  LEU A CA  1 
ATOM   122  C  C   . LEU A 1 16  ? 0.685   -11.082 1.925   1.00 38.02  ? 22  LEU A C   1 
ATOM   123  O  O   . LEU A 1 16  ? 0.048   -11.811 1.172   1.00 32.81  ? 22  LEU A O   1 
ATOM   124  C  CB  . LEU A 1 16  ? -1.023  -9.262  2.246   1.00 29.32  ? 22  LEU A CB  1 
ATOM   125  C  CG  . LEU A 1 16  ? -1.907  -8.423  3.191   1.00 37.58  ? 22  LEU A CG  1 
ATOM   126  C  CD1 . LEU A 1 16  ? -2.806  -7.440  2.429   1.00 25.08  ? 22  LEU A CD1 1 
ATOM   127  C  CD2 . LEU A 1 16  ? -2.754  -9.326  4.077   1.00 37.72  ? 22  LEU A CD2 1 
ATOM   128  N  N   . ALA A 1 17  ? 2.017   -10.977 1.894   1.00 26.75  ? 23  ALA A N   1 
ATOM   129  C  CA  . ALA A 1 17  ? 2.834   -11.750 0.951   1.00 31.68  ? 23  ALA A CA  1 
ATOM   130  C  C   . ALA A 1 17  ? 2.506   -13.230 1.031   1.00 33.26  ? 23  ALA A C   1 
ATOM   131  O  O   . ALA A 1 17  ? 2.146   -13.748 2.083   1.00 37.72  ? 23  ALA A O   1 
ATOM   132  C  CB  . ALA A 1 17  ? 4.319   -11.542 1.215   1.00 35.36  ? 23  ALA A CB  1 
ATOM   133  N  N   . THR A 1 18  ? 2.618   -13.899 -0.101  1.00 47.29  ? 24  THR A N   1 
ATOM   134  C  CA  . THR A 1 18  ? 2.422   -15.335 -0.189  1.00 40.68  ? 24  THR A CA  1 
ATOM   135  C  C   . THR A 1 18  ? 3.792   -15.993 -0.169  1.00 38.22  ? 24  THR A C   1 
ATOM   136  O  O   . THR A 1 18  ? 4.815   -15.323 -0.313  1.00 36.35  ? 24  THR A O   1 
ATOM   137  C  CB  . THR A 1 18  ? 1.700   -15.713 -1.476  1.00 36.54  ? 24  THR A CB  1 
ATOM   138  O  OG1 . THR A 1 18  ? 2.558   -15.388 -2.566  1.00 36.90  ? 24  THR A OG1 1 
ATOM   139  C  CG2 . THR A 1 18  ? 0.417   -14.922 -1.629  1.00 36.36  ? 24  THR A CG2 1 
ATOM   140  N  N   . HIS A 1 19  ? 3.816   -17.308 -0.009  1.00 44.91  ? 25  HIS A N   1 
ATOM   141  C  CA  . HIS A 1 19  ? 5.065   -18.044 -0.130  1.00 34.05  ? 25  HIS A CA  1 
ATOM   142  C  C   . HIS A 1 19  ? 5.734   -17.859 -1.481  1.00 38.12  ? 25  HIS A C   1 
ATOM   143  O  O   . HIS A 1 19  ? 6.951   -17.680 -1.566  1.00 45.50  ? 25  HIS A O   1 
ATOM   144  C  CB  . HIS A 1 19  ? 4.808   -19.513 0.127   1.00 53.03  ? 25  HIS A CB  1 
ATOM   145  C  CG  . HIS A 1 19  ? 4.792   -19.842 1.577   1.00 70.34  ? 25  HIS A CG  1 
ATOM   146  N  ND1 . HIS A 1 19  ? 4.392   -21.066 2.067   1.00 84.14  ? 25  HIS A ND1 1 
ATOM   147  C  CD2 . HIS A 1 19  ? 5.105   -19.085 2.655   1.00 70.02  ? 25  HIS A CD2 1 
ATOM   148  C  CE1 . HIS A 1 19  ? 4.468   -21.048 3.384   1.00 69.90  ? 25  HIS A CE1 1 
ATOM   149  N  NE2 . HIS A 1 19  ? 4.906   -19.862 3.765   1.00 71.12  ? 25  HIS A NE2 1 
ATOM   150  N  N   . ASN A 1 20  ? 4.935   -17.904 -2.539  1.00 39.21  ? 26  ASN A N   1 
ATOM   151  C  CA  . ASN A 1 20  ? 5.448   -17.651 -3.873  1.00 36.11  ? 26  ASN A CA  1 
ATOM   152  C  C   . ASN A 1 20  ? 6.160   -16.283 -3.962  1.00 47.71  ? 26  ASN A C   1 
ATOM   153  O  O   . ASN A 1 20  ? 7.185   -16.144 -4.645  1.00 49.16  ? 26  ASN A O   1 
ATOM   154  C  CB  . ASN A 1 20  ? 4.305   -17.744 -4.872  1.00 46.54  ? 26  ASN A CB  1 
ATOM   155  C  CG  . ASN A 1 20  ? 4.701   -17.302 -6.261  1.00 75.96  ? 26  ASN A CG  1 
ATOM   156  O  OD1 . ASN A 1 20  ? 5.378   -18.036 -6.988  1.00 73.87  ? 26  ASN A OD1 1 
ATOM   157  N  ND2 . ASN A 1 20  ? 4.276   -16.097 -6.646  1.00 70.17  ? 26  ASN A ND2 1 
ATOM   158  N  N   . ASP A 1 21  ? 5.636   -15.288 -3.241  1.00 46.33  ? 27  ASP A N   1 
ATOM   159  C  CA  . ASP A 1 21  ? 6.225   -13.944 -3.229  1.00 37.20  ? 27  ASP A CA  1 
ATOM   160  C  C   . ASP A 1 21  ? 7.633   -13.957 -2.673  1.00 33.90  ? 27  ASP A C   1 
ATOM   161  O  O   . ASP A 1 21  ? 8.559   -13.408 -3.266  1.00 36.95  ? 27  ASP A O   1 
ATOM   162  C  CB  . ASP A 1 21  ? 5.372   -12.977 -2.396  1.00 40.37  ? 27  ASP A CB  1 
ATOM   163  C  CG  . ASP A 1 21  ? 4.198   -12.439 -3.157  1.00 40.70  ? 27  ASP A CG  1 
ATOM   164  O  OD1 . ASP A 1 21  ? 4.331   -12.198 -4.382  1.00 53.11  ? 27  ASP A OD1 1 
ATOM   165  O  OD2 . ASP A 1 21  ? 3.131   -12.266 -2.543  1.00 45.82  ? 27  ASP A OD2 1 
ATOM   166  N  N   . TRP A 1 22  ? 7.784   -14.573 -1.512  1.00 33.74  ? 28  TRP A N   1 
ATOM   167  C  CA  . TRP A 1 22  ? 9.092   -14.673 -0.890  1.00 39.33  ? 28  TRP A CA  1 
ATOM   168  C  C   . TRP A 1 22  ? 10.055  -15.516 -1.734  1.00 41.92  ? 28  TRP A C   1 
ATOM   169  O  O   . TRP A 1 22  ? 11.248  -15.224 -1.808  1.00 48.00  ? 28  TRP A O   1 
ATOM   170  C  CB  . TRP A 1 22  ? 8.963   -15.259 0.507   1.00 37.03  ? 28  TRP A CB  1 
ATOM   171  C  CG  . TRP A 1 22  ? 8.397   -14.304 1.514   1.00 39.04  ? 28  TRP A CG  1 
ATOM   172  C  CD1 . TRP A 1 22  ? 7.107   -14.244 1.952   1.00 35.61  ? 28  TRP A CD1 1 
ATOM   173  C  CD2 . TRP A 1 22  ? 9.104   -13.268 2.201   1.00 32.05  ? 28  TRP A CD2 1 
ATOM   174  N  NE1 . TRP A 1 22  ? 6.966   -13.236 2.865   1.00 27.34  ? 28  TRP A NE1 1 
ATOM   175  C  CE2 . TRP A 1 22  ? 8.177   -12.621 3.040   1.00 34.04  ? 28  TRP A CE2 1 
ATOM   176  C  CE3 . TRP A 1 22  ? 10.429  -12.826 2.187   1.00 42.55  ? 28  TRP A CE3 1 
ATOM   177  C  CZ2 . TRP A 1 22  ? 8.535   -11.553 3.861   1.00 26.92  ? 28  TRP A CZ2 1 
ATOM   178  C  CZ3 . TRP A 1 22  ? 10.782  -11.762 2.999   1.00 41.78  ? 28  TRP A CZ3 1 
ATOM   179  C  CH2 . TRP A 1 22  ? 9.835   -11.141 3.830   1.00 35.21  ? 28  TRP A CH2 1 
ATOM   180  N  N   . ALA A 1 23  ? 9.529   -16.556 -2.369  1.00 43.81  ? 29  ALA A N   1 
ATOM   181  C  CA  . ALA A 1 23  ? 10.341  -17.400 -3.247  1.00 48.66  ? 29  ALA A CA  1 
ATOM   182  C  C   . ALA A 1 23  ? 10.867  -16.593 -4.416  1.00 53.92  ? 29  ALA A C   1 
ATOM   183  O  O   . ALA A 1 23  ? 11.992  -16.799 -4.870  1.00 57.65  ? 29  ALA A O   1 
ATOM   184  C  CB  . ALA A 1 23  ? 9.534   -18.583 -3.744  1.00 32.82  ? 29  ALA A CB  1 
ATOM   185  N  N   . ASN A 1 24  ? 10.046  -15.668 -4.897  1.00 48.05  ? 30  ASN A N   1 
ATOM   186  C  CA  . ASN A 1 24  ? 10.429  -14.815 -6.012  1.00 39.06  ? 30  ASN A CA  1 
ATOM   187  C  C   . ASN A 1 24  ? 10.761  -13.394 -5.574  1.00 47.16  ? 30  ASN A C   1 
ATOM   188  O  O   . ASN A 1 24  ? 10.533  -12.437 -6.317  1.00 44.97  ? 30  ASN A O   1 
ATOM   189  C  CB  . ASN A 1 24  ? 9.309   -14.795 -7.047  1.00 49.45  ? 30  ASN A CB  1 
ATOM   190  C  CG  . ASN A 1 24  ? 9.106   -16.146 -7.708  1.00 41.68  ? 30  ASN A CG  1 
ATOM   191  O  OD1 . ASN A 1 24  ? 8.094   -16.815 -7.492  1.00 49.40  ? 30  ASN A OD1 1 
ATOM   192  N  ND2 . ASN A 1 24  ? 10.061  -16.545 -8.530  1.00 53.15  ? 30  ASN A ND2 1 
ATOM   193  N  N   . LEU A 1 25  ? 11.300  -13.261 -4.366  1.00 39.18  ? 31  LEU A N   1 
ATOM   194  C  CA  . LEU A 1 25  ? 11.595  -11.951 -3.796  1.00 33.39  ? 31  LEU A CA  1 
ATOM   195  C  C   . LEU A 1 25  ? 12.559  -11.110 -4.630  1.00 45.68  ? 31  LEU A C   1 
ATOM   196  O  O   . LEU A 1 25  ? 13.594  -11.590 -5.086  1.00 45.91  ? 31  LEU A O   1 
ATOM   197  C  CB  . LEU A 1 25  ? 12.177  -12.090 -2.393  1.00 35.44  ? 31  LEU A CB  1 
ATOM   198  C  CG  . LEU A 1 25  ? 12.421  -10.751 -1.685  1.00 45.31  ? 31  LEU A CG  1 
ATOM   199  C  CD1 . LEU A 1 25  ? 11.098  -10.053 -1.396  1.00 38.97  ? 31  LEU A CD1 1 
ATOM   200  C  CD2 . LEU A 1 25  ? 13.228  -10.931 -0.403  1.00 44.58  ? 31  LEU A CD2 1 
ATOM   201  N  N   . VAL A 1 26  ? 12.205  -9.840  -4.796  1.00 42.37  ? 32  VAL A N   1 
ATOM   202  C  CA  . VAL A 1 26  ? 13.043  -8.861  -5.455  1.00 29.49  ? 32  VAL A CA  1 
ATOM   203  C  C   . VAL A 1 26  ? 13.523  -7.824  -4.450  1.00 32.59  ? 32  VAL A C   1 
ATOM   204  O  O   . VAL A 1 26  ? 14.658  -7.368  -4.500  1.00 35.24  ? 32  VAL A O   1 
ATOM   205  C  CB  . VAL A 1 26  ? 12.267  -8.174  -6.572  1.00 41.99  ? 32  VAL A CB  1 
ATOM   206  C  CG1 . VAL A 1 26  ? 13.010  -6.962  -7.077  1.00 33.26  ? 32  VAL A CG1 1 
ATOM   207  C  CG2 . VAL A 1 26  ? 11.959  -9.161  -7.669  1.00 38.38  ? 32  VAL A CG2 1 
ATOM   208  N  N   . TRP A 1 27  ? 12.637  -7.474  -3.517  1.00 38.10  ? 33  TRP A N   1 
ATOM   209  C  CA  . TRP A 1 27  ? 12.869  -6.384  -2.568  1.00 36.67  ? 33  TRP A CA  1 
ATOM   210  C  C   . TRP A 1 27  ? 11.758  -6.335  -1.502  1.00 37.13  ? 33  TRP A C   1 
ATOM   211  O  O   . TRP A 1 27  ? 10.592  -6.519  -1.820  1.00 39.07  ? 33  TRP A O   1 
ATOM   212  C  CB  . TRP A 1 27  ? 12.940  -5.042  -3.308  1.00 32.12  ? 33  TRP A CB  1 
ATOM   213  C  CG  . TRP A 1 27  ? 13.044  -3.851  -2.401  1.00 39.87  ? 33  TRP A CG  1 
ATOM   214  C  CD1 . TRP A 1 27  ? 14.182  -3.344  -1.855  1.00 43.17  ? 33  TRP A CD1 1 
ATOM   215  C  CD2 . TRP A 1 27  ? 11.971  -3.032  -1.920  1.00 31.88  ? 33  TRP A CD2 1 
ATOM   216  N  NE1 . TRP A 1 27  ? 13.888  -2.264  -1.061  1.00 42.85  ? 33  TRP A NE1 1 
ATOM   217  C  CE2 . TRP A 1 27  ? 12.536  -2.046  -1.088  1.00 47.67  ? 33  TRP A CE2 1 
ATOM   218  C  CE3 . TRP A 1 27  ? 10.587  -3.030  -2.116  1.00 38.41  ? 33  TRP A CE3 1 
ATOM   219  C  CZ2 . TRP A 1 27  ? 11.763  -1.061  -0.448  1.00 42.41  ? 33  TRP A CZ2 1 
ATOM   220  C  CZ3 . TRP A 1 27  ? 9.821   -2.054  -1.475  1.00 32.45  ? 33  TRP A CZ3 1 
ATOM   221  C  CH2 . TRP A 1 27  ? 10.412  -1.090  -0.655  1.00 30.46  ? 33  TRP A CH2 1 
ATOM   222  N  N   . GLU A 1 28  ? 12.124  -6.073  -0.253  1.00 30.81  ? 34  GLU A N   1 
ATOM   223  C  CA  . GLU A 1 28  ? 11.143  -5.914  0.823   1.00 35.49  ? 34  GLU A CA  1 
ATOM   224  C  C   . GLU A 1 28  ? 11.634  -4.941  1.888   1.00 45.81  ? 34  GLU A C   1 
ATOM   225  O  O   . GLU A 1 28  ? 12.841  -4.698  2.027   1.00 34.20  ? 34  GLU A O   1 
ATOM   226  C  CB  . GLU A 1 28  ? 10.776  -7.267  1.468   1.00 36.44  ? 34  GLU A CB  1 
ATOM   227  C  CG  . GLU A 1 28  ? 11.930  -8.189  1.916   1.00 44.65  ? 34  GLU A CG  1 
ATOM   228  C  CD  . GLU A 1 28  ? 12.581  -7.795  3.238   1.00 59.48  ? 34  GLU A CD  1 
ATOM   229  O  OE1 . GLU A 1 28  ? 13.801  -8.050  3.383   1.00 50.07  ? 34  GLU A OE1 1 
ATOM   230  O  OE2 . GLU A 1 28  ? 11.886  -7.235  4.125   1.00 46.54  ? 34  GLU A OE2 1 
ATOM   231  N  N   . ASP A 1 29  ? 10.683  -4.373  2.625   1.00 34.29  ? 35  ASP A N   1 
ATOM   232  C  CA  . ASP A 1 29  ? 11.001  -3.436  3.694   1.00 36.38  ? 35  ASP A CA  1 
ATOM   233  C  C   . ASP A 1 29  ? 9.919   -3.513  4.754   1.00 42.27  ? 35  ASP A C   1 
ATOM   234  O  O   . ASP A 1 29  ? 8.779   -3.093  4.533   1.00 35.30  ? 35  ASP A O   1 
ATOM   235  C  CB  . ASP A 1 29  ? 11.130  -2.012  3.145   1.00 34.84  ? 35  ASP A CB  1 
ATOM   236  C  CG  . ASP A 1 29  ? 11.785  -1.058  4.127   1.00 47.51  ? 35  ASP A CG  1 
ATOM   237  O  OD1 . ASP A 1 29  ? 11.431  -1.067  5.325   1.00 45.81  ? 35  ASP A OD1 1 
ATOM   238  O  OD2 . ASP A 1 29  ? 12.667  -0.288  3.694   1.00 55.15  ? 35  ASP A OD2 1 
ATOM   239  N  N   . SER A 1 30  ? 10.296  -4.069  5.896   1.00 32.43  ? 36  SER A N   1 
ATOM   240  C  CA  . SER A 1 30  ? 9.421   -4.215  7.030   1.00 34.88  ? 36  SER A CA  1 
ATOM   241  C  C   . SER A 1 30  ? 8.846   -2.881  7.467   1.00 36.84  ? 36  SER A C   1 
ATOM   242  O  O   . SER A 1 30  ? 7.663   -2.776  7.817   1.00 34.93  ? 36  SER A O   1 
ATOM   243  C  CB  . SER A 1 30  ? 10.192  -4.854  8.185   1.00 36.35  ? 36  SER A CB  1 
ATOM   244  O  OG  . SER A 1 30  ? 9.299   -5.353  9.159   1.00 65.17  ? 36  SER A OG  1 
ATOM   245  N  N   . SER A 1 31  ? 9.702   -1.865  7.444   1.00 28.53  ? 37  SER A N   1 
ATOM   246  C  CA  . SER A 1 31  ? 9.372   -0.564  7.984   1.00 35.08  ? 37  SER A CA  1 
ATOM   247  C  C   . SER A 1 31  ? 8.385   0.180   7.093   1.00 37.28  ? 37  SER A C   1 
ATOM   248  O  O   . SER A 1 31  ? 7.795   1.167   7.517   1.00 40.29  ? 37  SER A O   1 
ATOM   249  C  CB  . SER A 1 31  ? 10.643  0.271   8.177   1.00 40.78  ? 37  SER A CB  1 
ATOM   250  O  OG  . SER A 1 31  ? 11.371  0.351   6.967   1.00 54.63  ? 37  SER A OG  1 
ATOM   251  N  N   . ARG A 1 32  ? 8.202   -0.306  5.869   1.00 30.03  ? 38  ARG A N   1 
ATOM   252  C  CA  . ARG A 1 32  ? 7.262   0.294   4.924   1.00 31.58  ? 38  ARG A CA  1 
ATOM   253  C  C   . ARG A 1 32  ? 6.052   -0.597  4.663   1.00 31.75  ? 38  ARG A C   1 
ATOM   254  O  O   . ARG A 1 32  ? 5.089   -0.159  4.049   1.00 29.86  ? 38  ARG A O   1 
ATOM   255  C  CB  . ARG A 1 32  ? 7.954   0.579   3.603   1.00 28.50  ? 38  ARG A CB  1 
ATOM   256  C  CG  . ARG A 1 32  ? 9.099   1.575   3.728   1.00 39.76  ? 38  ARG A CG  1 
ATOM   257  C  CD  . ARG A 1 32  ? 9.717   1.905   2.391   1.00 35.22  ? 38  ARG A CD  1 
ATOM   258  N  NE  . ARG A 1 32  ? 8.752   2.466   1.453   1.00 37.32  ? 38  ARG A NE  1 
ATOM   259  C  CZ  . ARG A 1 32  ? 9.077   3.047   0.302   1.00 39.29  ? 38  ARG A CZ  1 
ATOM   260  N  NH1 . ARG A 1 32  ? 10.351  3.175   -0.056  1.00 35.79  ? 38  ARG A NH1 1 
ATOM   261  N  NH2 . ARG A 1 32  ? 8.133   3.526   -0.487  1.00 32.89  ? 38  ARG A NH2 1 
ATOM   262  N  N   . ASP A 1 33  ? 6.133   -1.844  5.122   1.00 34.50  ? 39  ASP A N   1 
ATOM   263  C  CA  . ASP A 1 33  ? 5.124   -2.866  4.872   1.00 27.63  ? 39  ASP A CA  1 
ATOM   264  C  C   . ASP A 1 33  ? 5.036   -3.202  3.390   1.00 34.00  ? 39  ASP A C   1 
ATOM   265  O  O   . ASP A 1 33  ? 3.985   -3.578  2.875   1.00 30.89  ? 39  ASP A O   1 
ATOM   266  C  CB  . ASP A 1 33  ? 3.743   -2.437  5.385   1.00 30.65  ? 39  ASP A CB  1 
ATOM   267  C  CG  . ASP A 1 33  ? 2.692   -3.534  5.213   1.00 43.16  ? 39  ASP A CG  1 
ATOM   268  O  OD1 . ASP A 1 33  ? 3.109   -4.724  5.199   1.00 41.22  ? 39  ASP A OD1 1 
ATOM   269  O  OD2 . ASP A 1 33  ? 1.473   -3.220  5.139   1.00 34.21  ? 39  ASP A OD2 1 
ATOM   270  N  N   . LEU A 1 34  ? 6.151   -3.104  2.689   1.00 28.70  ? 40  LEU A N   1 
ATOM   271  C  CA  . LEU A 1 34  ? 6.125   -3.430  1.270   1.00 31.23  ? 40  LEU A CA  1 
ATOM   272  C  C   . LEU A 1 34  ? 7.009   -4.605  0.910   1.00 29.99  ? 40  LEU A C   1 
ATOM   273  O  O   . LEU A 1 34  ? 8.087   -4.799  1.469   1.00 33.33  ? 40  LEU A O   1 
ATOM   274  C  CB  . LEU A 1 34  ? 6.557   -2.238  0.424   1.00 27.07  ? 40  LEU A CB  1 
ATOM   275  C  CG  . LEU A 1 34  ? 5.656   -1.013  0.446   1.00 32.70  ? 40  LEU A CG  1 
ATOM   276  C  CD1 . LEU A 1 34  ? 6.381   0.097   -0.271  1.00 29.34  ? 40  LEU A CD1 1 
ATOM   277  C  CD2 . LEU A 1 34  ? 4.341   -1.302  -0.246  1.00 22.28  ? 40  LEU A CD2 1 
ATOM   278  N  N   . LEU A 1 35  ? 6.544   -5.359  -0.073  1.00 29.18  ? 41  LEU A N   1 
ATOM   279  C  CA  . LEU A 1 35  ? 7.301   -6.444  -0.640  1.00 21.60  ? 41  LEU A CA  1 
ATOM   280  C  C   . LEU A 1 35  ? 7.059   -6.443  -2.148  1.00 34.67  ? 41  LEU A C   1 
ATOM   281  O  O   . LEU A 1 35  ? 5.924   -6.276  -2.603  1.00 30.72  ? 41  LEU A O   1 
ATOM   282  C  CB  . LEU A 1 35  ? 6.890   -7.774  -0.005  1.00 24.64  ? 41  LEU A CB  1 
ATOM   283  C  CG  . LEU A 1 35  ? 7.674   -9.000  -0.507  1.00 26.77  ? 41  LEU A CG  1 
ATOM   284  C  CD1 . LEU A 1 35  ? 7.852   -10.032 0.601   1.00 29.87  ? 41  LEU A CD1 1 
ATOM   285  C  CD2 . LEU A 1 35  ? 6.954   -9.613  -1.691  1.00 24.88  ? 41  LEU A CD2 1 
ATOM   286  N  N   . VAL A 1 36  ? 8.130   -6.643  -2.911  1.00 31.46  ? 42  VAL A N   1 
ATOM   287  C  CA  . VAL A 1 36  ? 8.049   -6.731  -4.363  1.00 30.81  ? 42  VAL A CA  1 
ATOM   288  C  C   . VAL A 1 36  ? 8.601   -8.080  -4.816  1.00 33.71  ? 42  VAL A C   1 
ATOM   289  O  O   . VAL A 1 36  ? 9.647   -8.513  -4.354  1.00 35.61  ? 42  VAL A O   1 
ATOM   290  C  CB  . VAL A 1 36  ? 8.830   -5.590  -5.049  1.00 29.48  ? 42  VAL A CB  1 
ATOM   291  C  CG1 . VAL A 1 36  ? 8.805   -5.758  -6.557  1.00 31.58  ? 42  VAL A CG1 1 
ATOM   292  C  CG2 . VAL A 1 36  ? 8.254   -4.221  -4.648  1.00 25.74  ? 42  VAL A CG2 1 
ATOM   293  N  N   . SER A 1 37  ? 7.893   -8.741  -5.718  1.00 37.62  ? 43  SER A N   1 
ATOM   294  C  CA  . SER A 1 37  ? 8.357   -10.002 -6.256  1.00 34.96  ? 43  SER A CA  1 
ATOM   295  C  C   . SER A 1 37  ? 8.287   -9.977  -7.774  1.00 43.83  ? 43  SER A C   1 
ATOM   296  O  O   . SER A 1 37  ? 7.648   -9.096  -8.357  1.00 38.57  ? 43  SER A O   1 
ATOM   297  C  CB  . SER A 1 37  ? 7.537   -11.161 -5.697  1.00 29.17  ? 43  SER A CB  1 
ATOM   298  O  OG  . SER A 1 37  ? 6.161   -10.992 -5.967  1.00 37.67  ? 43  SER A OG  1 
ATOM   299  N  N   . SER A 1 38  ? 8.929   -10.948 -8.420  1.00 42.34  ? 44  SER A N   1 
ATOM   300  C  CA  . SER A 1 38  ? 8.984   -10.939 -9.883  1.00 40.05  ? 44  SER A CA  1 
ATOM   301  C  C   . SER A 1 38  ? 7.882   -11.785 -10.499 1.00 43.38  ? 44  SER A C   1 
ATOM   302  O  O   . SER A 1 38  ? 7.401   -12.753 -9.908  1.00 42.57  ? 44  SER A O   1 
ATOM   303  C  CB  . SER A 1 38  ? 10.344  -11.422 -10.379 1.00 46.34  ? 44  SER A CB  1 
ATOM   304  O  OG  . SER A 1 38  ? 10.826  -12.488 -9.578  1.00 60.21  ? 44  SER A OG  1 
ATOM   305  N  N   . THR A 1 39  ? 7.469   -11.390 -11.691 1.00 41.82  ? 45  THR A N   1 
ATOM   306  C  CA  . THR A 1 39  ? 6.439   -12.098 -12.432 1.00 45.59  ? 45  THR A CA  1 
ATOM   307  C  C   . THR A 1 39  ? 6.990   -12.483 -13.800 1.00 49.94  ? 45  THR A C   1 
ATOM   308  O  O   . THR A 1 39  ? 7.989   -11.927 -14.259 1.00 47.08  ? 45  THR A O   1 
ATOM   309  C  CB  . THR A 1 39  ? 5.173   -11.236 -12.615 1.00 44.23  ? 45  THR A CB  1 
ATOM   310  O  OG1 . THR A 1 39  ? 5.497   -10.106 -13.427 1.00 50.60  ? 45  THR A OG1 1 
ATOM   311  C  CG2 . THR A 1 39  ? 4.638   -10.745 -11.269 1.00 46.51  ? 45  THR A CG2 1 
ATOM   312  N  N   . THR A 1 40  ? 6.332   -13.434 -14.446 1.00 56.01  ? 46  THR A N   1 
ATOM   313  C  CA  . THR A 1 40  ? 6.693   -13.806 -15.805 1.00 60.20  ? 46  THR A CA  1 
ATOM   314  C  C   . THR A 1 40  ? 5.952   -12.927 -16.800 1.00 57.23  ? 46  THR A C   1 
ATOM   315  O  O   . THR A 1 40  ? 6.533   -12.470 -17.781 1.00 66.00  ? 46  THR A O   1 
ATOM   316  C  CB  . THR A 1 40  ? 6.385   -15.283 -16.076 1.00 61.60  ? 46  THR A CB  1 
ATOM   317  O  OG1 . THR A 1 40  ? 5.011   -15.550 -15.767 1.00 66.05  ? 46  THR A OG1 1 
ATOM   318  C  CG2 . THR A 1 40  ? 7.263   -16.155 -15.199 1.00 61.03  ? 46  THR A CG2 1 
ATOM   319  N  N   . ALA A 1 41  ? 4.675   -12.676 -16.524 1.00 61.17  ? 47  ALA A N   1 
ATOM   320  C  CA  . ALA A 1 41  ? 3.830   -11.863 -17.398 1.00 51.61  ? 47  ALA A CA  1 
ATOM   321  C  C   . ALA A 1 41  ? 3.987   -10.372 -17.128 1.00 64.70  ? 47  ALA A C   1 
ATOM   322  O  O   . ALA A 1 41  ? 4.388   -9.960  -16.043 1.00 56.58  ? 47  ALA A O   1 
ATOM   323  C  CB  . ALA A 1 41  ? 2.378   -12.260 -17.246 1.00 48.58  ? 47  ALA A CB  1 
ATOM   324  N  N   . GLN A 1 42  ? 3.649   -9.566  -18.125 1.00 57.61  ? 48  GLN A N   1 
ATOM   325  C  CA  . GLN A 1 42  ? 3.794   -8.126  -18.027 1.00 47.80  ? 48  GLN A CA  1 
ATOM   326  C  C   . GLN A 1 42  ? 2.575   -7.519  -17.332 1.00 64.99  ? 48  GLN A C   1 
ATOM   327  O  O   . GLN A 1 42  ? 1.437   -7.825  -17.687 1.00 58.17  ? 48  GLN A O   1 
ATOM   328  C  CB  . GLN A 1 42  ? 3.979   -7.526  -19.416 1.00 63.99  ? 48  GLN A CB  1 
ATOM   329  C  CG  . GLN A 1 42  ? 4.416   -6.080  -19.426 1.00 67.42  ? 48  GLN A CG  1 
ATOM   330  C  CD  . GLN A 1 42  ? 5.906   -5.931  -19.201 1.00 76.81  ? 48  GLN A CD  1 
ATOM   331  O  OE1 . GLN A 1 42  ? 6.632   -6.921  -19.082 1.00 80.46  ? 48  GLN A OE1 1 
ATOM   332  N  NE2 . GLN A 1 42  ? 6.372   -4.690  -19.152 1.00 73.26  ? 48  GLN A NE2 1 
ATOM   333  N  N   . GLY A 1 43  ? 2.817   -6.666  -16.338 1.00 52.23  ? 49  GLY A N   1 
ATOM   334  C  CA  . GLY A 1 43  ? 1.745   -6.073  -15.560 1.00 44.23  ? 49  GLY A CA  1 
ATOM   335  C  C   . GLY A 1 43  ? 1.152   -4.842  -16.214 1.00 44.38  ? 49  GLY A C   1 
ATOM   336  O  O   . GLY A 1 43  ? 1.800   -4.207  -17.053 1.00 49.24  ? 49  GLY A O   1 
ATOM   337  N  N   . CYS A 1 44  ? -0.070  -4.491  -15.813 1.00 46.17  ? 50  CYS A N   1 
ATOM   338  C  CA  . CYS A 1 44  ? -0.810  -3.406  -16.461 1.00 48.87  ? 50  CYS A CA  1 
ATOM   339  C  C   . CYS A 1 44  ? -0.780  -2.061  -15.727 1.00 52.24  ? 50  CYS A C   1 
ATOM   340  O  O   . CYS A 1 44  ? -1.284  -1.075  -16.249 1.00 44.32  ? 50  CYS A O   1 
ATOM   341  C  CB  . CYS A 1 44  ? -2.271  -3.816  -16.648 1.00 41.04  ? 50  CYS A CB  1 
ATOM   342  S  SG  . CYS A 1 44  ? -2.516  -5.061  -17.906 1.00 61.94  ? 50  CYS A SG  1 
ATOM   343  N  N   . ASP A 1 45  ? -0.227  -2.007  -14.522 1.00 38.12  ? 51  ASP A N   1 
ATOM   344  C  CA  . ASP A 1 45  ? -0.300  -0.763  -13.762 1.00 49.97  ? 51  ASP A CA  1 
ATOM   345  C  C   . ASP A 1 45  ? 0.899   0.129   -14.065 1.00 45.21  ? 51  ASP A C   1 
ATOM   346  O  O   . ASP A 1 45  ? 1.933   -0.342  -14.530 1.00 42.40  ? 51  ASP A O   1 
ATOM   347  C  CB  . ASP A 1 45  ? -0.380  -1.046  -12.255 1.00 43.70  ? 51  ASP A CB  1 
ATOM   348  C  CG  . ASP A 1 45  ? -1.695  -1.704  -11.844 1.00 45.84  ? 51  ASP A CG  1 
ATOM   349  O  OD1 . ASP A 1 45  ? -2.775  -1.164  -12.172 1.00 44.90  ? 51  ASP A OD1 1 
ATOM   350  O  OD2 . ASP A 1 45  ? -1.642  -2.773  -11.193 1.00 55.52  ? 51  ASP A OD2 1 
ATOM   351  N  N   . THR A 1 46  ? 0.754   1.416   -13.783 1.00 42.81  ? 52  THR A N   1 
ATOM   352  C  CA  . THR A 1 46  ? 1.876   2.347   -13.836 1.00 36.63  ? 52  THR A CA  1 
ATOM   353  C  C   . THR A 1 46  ? 1.960   3.102   -12.509 1.00 38.85  ? 52  THR A C   1 
ATOM   354  O  O   . THR A 1 46  ? 0.944   3.546   -11.975 1.00 39.39  ? 52  THR A O   1 
ATOM   355  C  CB  . THR A 1 46  ? 1.716   3.351   -14.999 1.00 45.07  ? 52  THR A CB  1 
ATOM   356  O  OG1 . THR A 1 46  ? 1.837   2.653   -16.240 1.00 70.02  ? 52  THR A OG1 1 
ATOM   357  C  CG2 . THR A 1 46  ? 2.792   4.407   -14.946 1.00 57.03  ? 52  THR A CG2 1 
ATOM   358  N  N   . ILE A 1 47  ? 3.159   3.247   -11.963 1.00 36.26  ? 53  ILE A N   1 
ATOM   359  C  CA  . ILE A 1 47  ? 3.307   4.042   -10.758 1.00 34.44  ? 53  ILE A CA  1 
ATOM   360  C  C   . ILE A 1 47  ? 3.261   5.525   -11.082 1.00 38.41  ? 53  ILE A C   1 
ATOM   361  O  O   . ILE A 1 47  ? 3.938   5.990   -11.994 1.00 35.28  ? 53  ILE A O   1 
ATOM   362  C  CB  . ILE A 1 47  ? 4.606   3.742   -10.020 1.00 35.07  ? 53  ILE A CB  1 
ATOM   363  C  CG1 . ILE A 1 47  ? 4.760   2.237   -9.803  1.00 31.20  ? 53  ILE A CG1 1 
ATOM   364  C  CG2 . ILE A 1 47  ? 4.644   4.512   -8.705  1.00 35.56  ? 53  ILE A CG2 1 
ATOM   365  C  CD1 . ILE A 1 47  ? 3.557   1.563   -9.212  1.00 30.18  ? 53  ILE A CD1 1 
ATOM   366  N  N   . ALA A 1 48  ? 2.464   6.266   -10.320 1.00 27.54  ? 54  ALA A N   1 
ATOM   367  C  CA  . ALA A 1 48  ? 2.320   7.690   -10.527 1.00 24.82  ? 54  ALA A CA  1 
ATOM   368  C  C   . ALA A 1 48  ? 3.627   8.442   -10.284 1.00 32.46  ? 54  ALA A C   1 
ATOM   369  O  O   . ALA A 1 48  ? 4.289   8.270   -9.265  1.00 37.03  ? 54  ALA A O   1 
ATOM   370  C  CB  . ALA A 1 48  ? 1.222   8.231   -9.622  1.00 27.63  ? 54  ALA A CB  1 
ATOM   371  N  N   . ARG A 1 49  ? 4.002   9.289   -11.223 1.00 38.47  ? 55  ARG A N   1 
ATOM   372  C  CA  . ARG A 1 49  ? 5.159   10.157  -11.023 1.00 44.57  ? 55  ARG A CA  1 
ATOM   373  C  C   . ARG A 1 49  ? 4.655   11.554  -10.761 1.00 50.40  ? 55  ARG A C   1 
ATOM   374  O  O   . ARG A 1 49  ? 4.509   12.347  -11.686 1.00 49.10  ? 55  ARG A O   1 
ATOM   375  C  CB  . ARG A 1 49  ? 6.076   10.161  -12.240 1.00 42.23  ? 55  ARG A CB  1 
ATOM   376  C  CG  . ARG A 1 49  ? 6.630   8.818   -12.582 1.00 47.24  ? 55  ARG A CG  1 
ATOM   377  C  CD  . ARG A 1 49  ? 7.562   8.311   -11.502 1.00 72.89  ? 55  ARG A CD  1 
ATOM   378  N  NE  . ARG A 1 49  ? 8.165   7.036   -11.884 1.00 77.25  ? 55  ARG A NE  1 
ATOM   379  C  CZ  . ARG A 1 49  ? 9.233   6.948   -12.677 1.00 85.15  ? 55  ARG A CZ  1 
ATOM   380  N  NH1 . ARG A 1 49  ? 9.778   8.058   -13.174 1.00 71.56  ? 55  ARG A NH1 1 
ATOM   381  N  NH2 . ARG A 1 49  ? 9.746   5.762   -12.993 1.00 68.82  ? 55  ARG A NH2 1 
ATOM   382  N  N   . CYS A 1 50  ? 4.368   11.841  -9.498  1.00 40.14  ? 56  CYS A N   1 
ATOM   383  C  CA  . CYS A 1 50  ? 3.737   13.094  -9.111  1.00 36.41  ? 56  CYS A CA  1 
ATOM   384  C  C   . CYS A 1 50  ? 3.873   13.269  -7.623  1.00 35.02  ? 56  CYS A C   1 
ATOM   385  O  O   . CYS A 1 50  ? 4.406   12.399  -6.938  1.00 31.37  ? 56  CYS A O   1 
ATOM   386  C  CB  . CYS A 1 50  ? 2.262   13.099  -9.478  1.00 36.69  ? 56  CYS A CB  1 
ATOM   387  S  SG  . CYS A 1 50  ? 1.326   11.881  -8.500  1.00 44.77  ? 56  CYS A SG  1 
ATOM   388  N  N   . ASN A 1 51  ? 3.377   14.393  -7.128  1.00 36.04  ? 57  ASN A N   1 
ATOM   389  C  CA  . ASN A 1 51  ? 3.246   14.605  -5.694  1.00 44.94  ? 57  ASN A CA  1 
ATOM   390  C  C   . ASN A 1 51  ? 1.782   14.893  -5.338  1.00 39.80  ? 57  ASN A C   1 
ATOM   391  O  O   . ASN A 1 51  ? 1.501   15.659  -4.416  1.00 41.07  ? 57  ASN A O   1 
ATOM   392  C  CB  . ASN A 1 51  ? 4.150   15.749  -5.213  1.00 33.56  ? 57  ASN A CB  1 
ATOM   393  C  CG  . ASN A 1 51  ? 5.640   15.503  -5.503  1.00 55.23  ? 57  ASN A CG  1 
ATOM   394  O  OD1 . ASN A 1 51  ? 6.293   14.684  -4.854  1.00 45.57  ? 57  ASN A OD1 1 
ATOM   395  N  ND2 . ASN A 1 51  ? 6.176   16.224  -6.478  1.00 33.97  ? 57  ASN A ND2 1 
ATOM   396  N  N   . CYS A 1 52  ? 0.856   14.290  -6.085  1.00 39.56  ? 58  CYS A N   1 
ATOM   397  C  CA  . CYS A 1 52  ? -0.576  14.387  -5.766  1.00 38.57  ? 58  CYS A CA  1 
ATOM   398  C  C   . CYS A 1 52  ? -0.888  13.993  -4.317  1.00 36.70  ? 58  CYS A C   1 
ATOM   399  O  O   . CYS A 1 52  ? -0.309  13.037  -3.799  1.00 33.37  ? 58  CYS A O   1 
ATOM   400  C  CB  . CYS A 1 52  ? -1.388  13.500  -6.704  1.00 38.79  ? 58  CYS A CB  1 
ATOM   401  S  SG  . CYS A 1 52  ? -1.637  14.188  -8.364  1.00 46.66  ? 58  CYS A SG  1 
ATOM   402  N  N   . GLN A 1 53  ? -1.800  14.721  -3.672  1.00 28.97  ? 59  GLN A N   1 
ATOM   403  C  CA  . GLN A 1 53  ? -2.200  14.391  -2.302  1.00 33.79  ? 59  GLN A CA  1 
ATOM   404  C  C   . GLN A 1 53  ? -3.706  14.149  -2.198  1.00 31.28  ? 59  GLN A C   1 
ATOM   405  O  O   . GLN A 1 53  ? -4.287  14.221  -1.112  1.00 34.03  ? 59  GLN A O   1 
ATOM   406  C  CB  . GLN A 1 53  ? -1.754  15.486  -1.332  1.00 28.59  ? 59  GLN A CB  1 
ATOM   407  C  CG  . GLN A 1 53  ? -0.233  15.518  -1.097  1.00 34.64  ? 59  GLN A CG  1 
ATOM   408  C  CD  . GLN A 1 53  ? 0.378   14.138  -0.781  1.00 57.21  ? 59  GLN A CD  1 
ATOM   409  O  OE1 . GLN A 1 53  ? 1.341   13.695  -1.431  1.00 45.73  ? 59  GLN A OE1 1 
ATOM   410  N  NE2 . GLN A 1 53  ? -0.185  13.454  0.219   1.00 54.85  ? 59  GLN A NE2 1 
ATOM   411  N  N   . THR A 1 54  ? -4.324  13.869  -3.346  1.00 30.96  ? 60  THR A N   1 
ATOM   412  C  CA  . THR A 1 54  ? -5.710  13.405  -3.431  1.00 33.85  ? 60  THR A CA  1 
ATOM   413  C  C   . THR A 1 54  ? -5.794  12.326  -4.505  1.00 34.19  ? 60  THR A C   1 
ATOM   414  O  O   . THR A 1 54  ? -4.963  12.288  -5.406  1.00 40.65  ? 60  THR A O   1 
ATOM   415  C  CB  . THR A 1 54  ? -6.725  14.528  -3.787  1.00 36.16  ? 60  THR A CB  1 
ATOM   416  O  OG1 . THR A 1 54  ? -6.429  15.055  -5.086  1.00 39.49  ? 60  THR A OG1 1 
ATOM   417  C  CG2 . THR A 1 54  ? -6.731  15.656  -2.744  1.00 39.50  ? 60  THR A CG2 1 
ATOM   418  N  N   . GLY A 1 55  ? -6.799  11.459  -4.407  1.00 29.64  ? 61  GLY A N   1 
ATOM   419  C  CA  . GLY A 1 55  ? -6.985  10.389  -5.369  1.00 29.54  ? 61  GLY A CA  1 
ATOM   420  C  C   . GLY A 1 55  ? -8.157  9.504   -4.990  1.00 36.25  ? 61  GLY A C   1 
ATOM   421  O  O   . GLY A 1 55  ? -8.969  9.867   -4.131  1.00 32.08  ? 61  GLY A O   1 
ATOM   422  N  N   . VAL A 1 56  ? -8.238  8.342   -5.631  1.00 32.76  ? 62  VAL A N   1 
ATOM   423  C  CA  . VAL A 1 56  ? -9.274  7.359   -5.343  1.00 41.21  ? 62  VAL A CA  1 
ATOM   424  C  C   . VAL A 1 56  ? -8.676  6.005   -4.948  1.00 36.04  ? 62  VAL A C   1 
ATOM   425  O  O   . VAL A 1 56  ? -7.707  5.542   -5.550  1.00 31.35  ? 62  VAL A O   1 
ATOM   426  C  CB  . VAL A 1 56  ? -10.202 7.167   -6.551  1.00 36.75  ? 62  VAL A CB  1 
ATOM   427  C  CG1 . VAL A 1 56  ? -11.192 6.036   -6.297  1.00 32.52  ? 62  VAL A CG1 1 
ATOM   428  C  CG2 . VAL A 1 56  ? -10.934 8.467   -6.849  1.00 35.27  ? 62  VAL A CG2 1 
ATOM   429  N  N   . TYR A 1 57  ? -9.251  5.375   -3.928  1.00 31.79  ? 63  TYR A N   1 
ATOM   430  C  CA  . TYR A 1 57  ? -8.817  4.037   -3.529  1.00 39.97  ? 63  TYR A CA  1 
ATOM   431  C  C   . TYR A 1 57  ? -10.006 3.081   -3.360  1.00 37.95  ? 63  TYR A C   1 
ATOM   432  O  O   . TYR A 1 57  ? -11.138 3.508   -3.113  1.00 38.05  ? 63  TYR A O   1 
ATOM   433  C  CB  . TYR A 1 57  ? -7.979  4.108   -2.236  1.00 39.02  ? 63  TYR A CB  1 
ATOM   434  C  CG  . TYR A 1 57  ? -8.764  3.956   -0.939  1.00 39.29  ? 63  TYR A CG  1 
ATOM   435  C  CD1 . TYR A 1 57  ? -9.495  5.026   -0.414  1.00 37.72  ? 63  TYR A CD1 1 
ATOM   436  C  CD2 . TYR A 1 57  ? -8.750  2.750   -0.225  1.00 33.97  ? 63  TYR A CD2 1 
ATOM   437  C  CE1 . TYR A 1 57  ? -10.208 4.894   0.769   1.00 39.69  ? 63  TYR A CE1 1 
ATOM   438  C  CE2 . TYR A 1 57  ? -9.453  2.613   0.974   1.00 26.38  ? 63  TYR A CE2 1 
ATOM   439  C  CZ  . TYR A 1 57  ? -10.181 3.689   1.454   1.00 35.76  ? 63  TYR A CZ  1 
ATOM   440  O  OH  . TYR A 1 57  ? -10.888 3.576   2.623   1.00 49.03  ? 63  TYR A OH  1 
ATOM   441  N  N   . TYR A 1 58  ? -9.748  1.786   -3.503  1.00 36.50  ? 64  TYR A N   1 
ATOM   442  C  CA  . TYR A 1 58  ? -10.797 0.787   -3.304  1.00 40.21  ? 64  TYR A CA  1 
ATOM   443  C  C   . TYR A 1 58  ? -10.816 0.265   -1.867  1.00 41.86  ? 64  TYR A C   1 
ATOM   444  O  O   . TYR A 1 58  ? -9.794  -0.204  -1.341  1.00 33.78  ? 64  TYR A O   1 
ATOM   445  C  CB  . TYR A 1 58  ? -10.628 -0.373  -4.287  1.00 46.59  ? 64  TYR A CB  1 
ATOM   446  C  CG  . TYR A 1 58  ? -11.739 -1.389  -4.209  1.00 37.36  ? 64  TYR A CG  1 
ATOM   447  C  CD1 . TYR A 1 58  ? -12.987 -1.121  -4.762  1.00 35.63  ? 64  TYR A CD1 1 
ATOM   448  C  CD2 . TYR A 1 58  ? -11.541 -2.615  -3.592  1.00 41.88  ? 64  TYR A CD2 1 
ATOM   449  C  CE1 . TYR A 1 58  ? -14.013 -2.038  -4.691  1.00 38.31  ? 64  TYR A CE1 1 
ATOM   450  C  CE2 . TYR A 1 58  ? -12.565 -3.548  -3.513  1.00 44.43  ? 64  TYR A CE2 1 
ATOM   451  C  CZ  . TYR A 1 58  ? -13.798 -3.253  -4.067  1.00 50.53  ? 64  TYR A CZ  1 
ATOM   452  O  OH  . TYR A 1 58  ? -14.820 -4.172  -3.994  1.00 47.37  ? 64  TYR A OH  1 
ATOM   453  N  N   . CYS A 1 59  ? -11.986 0.352   -1.237  1.00 29.25  ? 65  CYS A N   1 
ATOM   454  C  CA  . CYS A 1 59  ? -12.155 -0.101  0.130   1.00 28.69  ? 65  CYS A CA  1 
ATOM   455  C  C   . CYS A 1 59  ? -12.715 -1.530  0.098   1.00 40.69  ? 65  CYS A C   1 
ATOM   456  O  O   . CYS A 1 59  ? -13.816 -1.752  -0.404  1.00 33.73  ? 65  CYS A O   1 
ATOM   457  C  CB  . CYS A 1 59  ? -13.090 0.853   0.902   1.00 33.11  ? 65  CYS A CB  1 
ATOM   458  S  SG  . CYS A 1 59  ? -13.539 0.302   2.572   1.00 43.81  ? 65  CYS A SG  1 
ATOM   459  N  N   . ASN A 1 60  ? -11.952 -2.495  0.610   1.00 39.10  ? 66  ASN A N   1 
ATOM   460  C  CA  . ASN A 1 60  ? -12.396 -3.881  0.619   1.00 33.53  ? 66  ASN A CA  1 
ATOM   461  C  C   . ASN A 1 60  ? -13.670 -4.084  1.438   1.00 48.19  ? 66  ASN A C   1 
ATOM   462  O  O   . ASN A 1 60  ? -14.647 -4.636  0.941   1.00 53.14  ? 66  ASN A O   1 
ATOM   463  C  CB  . ASN A 1 60  ? -11.299 -4.802  1.163   1.00 39.13  ? 66  ASN A CB  1 
ATOM   464  C  CG  . ASN A 1 60  ? -10.113 -4.927  0.220   1.00 52.72  ? 66  ASN A CG  1 
ATOM   465  O  OD1 . ASN A 1 60  ? -10.217 -4.649  -0.981  1.00 49.52  ? 66  ASN A OD1 1 
ATOM   466  N  ND2 . ASN A 1 60  ? -8.976  -5.351  0.762   1.00 46.72  ? 66  ASN A ND2 1 
ATOM   467  N  N   . SER A 1 61  ? -13.657 -3.643  2.693   1.00 39.64  ? 67  SER A N   1 
ATOM   468  C  CA  . SER A 1 61  ? -14.771 -3.906  3.596   1.00 31.94  ? 67  SER A CA  1 
ATOM   469  C  C   . SER A 1 61  ? -16.068 -3.304  3.072   1.00 36.09  ? 67  SER A C   1 
ATOM   470  O  O   . SER A 1 61  ? -17.133 -3.881  3.270   1.00 47.81  ? 67  SER A O   1 
ATOM   471  C  CB  . SER A 1 61  ? -14.464 -3.388  5.002   1.00 38.58  ? 67  SER A CB  1 
ATOM   472  O  OG  . SER A 1 61  ? -14.425 -1.974  5.043   1.00 40.94  ? 67  SER A OG  1 
ATOM   473  N  N   . ARG A 1 62  ? -15.983 -2.171  2.379   1.00 30.64  ? 68  ARG A N   1 
ATOM   474  C  CA  . ARG A 1 62  ? -17.175 -1.533  1.819   1.00 43.03  ? 68  ARG A CA  1 
ATOM   475  C  C   . ARG A 1 62  ? -17.528 -2.006  0.412   1.00 47.75  ? 68  ARG A C   1 
ATOM   476  O  O   . ARG A 1 62  ? -18.665 -1.827  -0.030  1.00 44.09  ? 68  ARG A O   1 
ATOM   477  C  CB  . ARG A 1 62  ? -17.010 -0.008  1.793   1.00 37.68  ? 68  ARG A CB  1 
ATOM   478  C  CG  . ARG A 1 62  ? -17.022 0.642   3.168   1.00 39.57  ? 68  ARG A CG  1 
ATOM   479  C  CD  . ARG A 1 62  ? -18.424 0.770   3.721   1.00 44.98  ? 68  ARG A CD  1 
ATOM   480  N  NE  . ARG A 1 62  ? -18.415 1.279   5.088   1.00 42.62  ? 68  ARG A NE  1 
ATOM   481  C  CZ  . ARG A 1 62  ? -18.306 2.563   5.420   1.00 44.55  ? 68  ARG A CZ  1 
ATOM   482  N  NH1 . ARG A 1 62  ? -18.167 3.507   4.492   1.00 37.66  ? 68  ARG A NH1 1 
ATOM   483  N  NH2 . ARG A 1 62  ? -18.306 2.897   6.700   1.00 46.82  ? 68  ARG A NH2 1 
ATOM   484  N  N   . ARG A 1 63  ? -16.550 -2.589  -0.279  1.00 43.39  ? 69  ARG A N   1 
ATOM   485  C  CA  . ARG A 1 63  ? -16.647 -2.919  -1.706  1.00 37.13  ? 69  ARG A CA  1 
ATOM   486  C  C   . ARG A 1 63  ? -16.943 -1.685  -2.593  1.00 55.55  ? 69  ARG A C   1 
ATOM   487  O  O   . ARG A 1 63  ? -17.709 -1.764  -3.551  1.00 44.01  ? 69  ARG A O   1 
ATOM   488  C  CB  . ARG A 1 63  ? -17.706 -4.007  -1.937  1.00 45.92  ? 69  ARG A CB  1 
ATOM   489  C  CG  . ARG A 1 63  ? -17.232 -5.427  -1.590  1.00 59.10  ? 69  ARG A CG  1 
ATOM   490  C  CD  . ARG A 1 63  ? -18.232 -6.523  -1.976  1.00 69.92  ? 69  ARG A CD  1 
ATOM   491  N  NE  . ARG A 1 63  ? -19.584 -6.021  -2.240  1.00 94.95  ? 69  ARG A NE  1 
ATOM   492  C  CZ  . ARG A 1 63  ? -20.070 -5.738  -3.450  1.00 94.31  ? 69  ARG A CZ  1 
ATOM   493  N  NH1 . ARG A 1 63  ? -19.315 -5.912  -4.529  1.00 90.19  ? 69  ARG A NH1 1 
ATOM   494  N  NH2 . ARG A 1 63  ? -21.315 -5.287  -3.583  1.00 80.36  ? 69  ARG A NH2 1 
ATOM   495  N  N   . LYS A 1 64  ? -16.305 -0.556  -2.292  1.00 45.91  ? 70  LYS A N   1 
ATOM   496  C  CA  . LYS A 1 64  ? -16.525 0.674   -3.048  1.00 43.13  ? 70  LYS A CA  1 
ATOM   497  C  C   . LYS A 1 64  ? -15.221 1.434   -3.265  1.00 35.43  ? 70  LYS A C   1 
ATOM   498  O  O   . LYS A 1 64  ? -14.260 1.275   -2.504  1.00 37.45  ? 70  LYS A O   1 
ATOM   499  C  CB  . LYS A 1 64  ? -17.532 1.590   -2.327  1.00 39.37  ? 70  LYS A CB  1 
ATOM   500  C  CG  . LYS A 1 64  ? -18.994 1.114   -2.368  1.00 55.97  ? 70  LYS A CG  1 
ATOM   501  C  CD  . LYS A 1 64  ? -19.970 2.204   -1.901  1.00 53.70  ? 70  LYS A CD  1 
ATOM   502  C  CE  . LYS A 1 64  ? -20.038 2.282   -0.361  1.00 83.21  ? 70  LYS A CE  1 
ATOM   503  N  NZ  . LYS A 1 64  ? -20.528 3.601   0.207   1.00 56.86  ? 70  LYS A NZ  1 
ATOM   504  N  N   . HIS A 1 65  ? -15.214 2.268   -4.300  1.00 38.74  ? 71  HIS A N   1 
ATOM   505  C  CA  . HIS A 1 65  ? -14.169 3.263   -4.525  1.00 43.46  ? 71  HIS A CA  1 
ATOM   506  C  C   . HIS A 1 65  ? -14.510 4.562   -3.793  1.00 45.67  ? 71  HIS A C   1 
ATOM   507  O  O   . HIS A 1 65  ? -15.636 5.029   -3.856  1.00 48.14  ? 71  HIS A O   1 
ATOM   508  C  CB  . HIS A 1 65  ? -14.001 3.538   -6.020  1.00 41.02  ? 71  HIS A CB  1 
ATOM   509  C  CG  . HIS A 1 65  ? -13.554 2.348   -6.805  1.00 42.80  ? 71  HIS A CG  1 
ATOM   510  N  ND1 . HIS A 1 65  ? -12.241 2.148   -7.174  1.00 49.17  ? 71  HIS A ND1 1 
ATOM   511  C  CD2 . HIS A 1 65  ? -14.247 1.283   -7.277  1.00 46.54  ? 71  HIS A CD2 1 
ATOM   512  C  CE1 . HIS A 1 65  ? -12.145 1.016   -7.850  1.00 47.89  ? 71  HIS A CE1 1 
ATOM   513  N  NE2 . HIS A 1 65  ? -13.347 0.473   -7.928  1.00 49.33  ? 71  HIS A NE2 1 
ATOM   514  N  N   . TYR A 1 66  ? -13.527 5.138   -3.108  1.00 43.76  ? 72  TYR A N   1 
ATOM   515  C  CA  . TYR A 1 66  ? -13.709 6.356   -2.335  1.00 34.00  ? 72  TYR A CA  1 
ATOM   516  C  C   . TYR A 1 66  ? -12.675 7.398   -2.724  1.00 36.60  ? 72  TYR A C   1 
ATOM   517  O  O   . TYR A 1 66  ? -11.487 7.095   -2.788  1.00 41.80  ? 72  TYR A O   1 
ATOM   518  C  CB  . TYR A 1 66  ? -13.580 6.079   -0.831  1.00 43.15  ? 72  TYR A CB  1 
ATOM   519  C  CG  . TYR A 1 66  ? -14.746 5.379   -0.154  1.00 49.48  ? 72  TYR A CG  1 
ATOM   520  C  CD1 . TYR A 1 66  ? -16.066 5.671   -0.488  1.00 41.17  ? 72  TYR A CD1 1 
ATOM   521  C  CD2 . TYR A 1 66  ? -14.515 4.434   0.844   1.00 44.95  ? 72  TYR A CD2 1 
ATOM   522  C  CE1 . TYR A 1 66  ? -17.131 5.028   0.150   1.00 38.36  ? 72  TYR A CE1 1 
ATOM   523  C  CE2 . TYR A 1 66  ? -15.565 3.797   1.489   1.00 55.40  ? 72  TYR A CE2 1 
ATOM   524  C  CZ  . TYR A 1 66  ? -16.869 4.096   1.137   1.00 43.50  ? 72  TYR A CZ  1 
ATOM   525  O  OH  . TYR A 1 66  ? -17.899 3.452   1.785   1.00 46.74  ? 72  TYR A OH  1 
ATOM   526  N  N   . PRO A 1 67  ? -13.119 8.635   -2.968  1.00 36.59  ? 73  PRO A N   1 
ATOM   527  C  CA  . PRO A 1 67  ? -12.174 9.744   -3.149  1.00 41.96  ? 73  PRO A CA  1 
ATOM   528  C  C   . PRO A 1 67  ? -11.572 10.137  -1.810  1.00 45.46  ? 73  PRO A C   1 
ATOM   529  O  O   . PRO A 1 67  ? -12.256 10.128  -0.775  1.00 36.83  ? 73  PRO A O   1 
ATOM   530  C  CB  . PRO A 1 67  ? -13.049 10.875  -3.708  1.00 36.02  ? 73  PRO A CB  1 
ATOM   531  C  CG  . PRO A 1 67  ? -14.400 10.606  -3.123  1.00 42.58  ? 73  PRO A CG  1 
ATOM   532  C  CD  . PRO A 1 67  ? -14.522 9.082   -3.056  1.00 42.12  ? 73  PRO A CD  1 
ATOM   533  N  N   . VAL A 1 68  ? -10.304 10.505  -1.808  1.00 34.98  ? 74  VAL A N   1 
ATOM   534  C  CA  . VAL A 1 68  ? -9.676  10.772  -0.537  1.00 34.09  ? 74  VAL A CA  1 
ATOM   535  C  C   . VAL A 1 68  ? -8.564  11.828  -0.643  1.00 37.73  ? 74  VAL A C   1 
ATOM   536  O  O   . VAL A 1 68  ? -7.950  11.976  -1.709  1.00 35.49  ? 74  VAL A O   1 
ATOM   537  C  CB  . VAL A 1 68  ? -9.143  9.451   0.018   1.00 43.47  ? 74  VAL A CB  1 
ATOM   538  C  CG1 . VAL A 1 68  ? -8.072  8.874   -0.919  1.00 41.57  ? 74  VAL A CG1 1 
ATOM   539  C  CG2 . VAL A 1 68  ? -8.624  9.639   1.377   1.00 51.17  ? 74  VAL A CG2 1 
ATOM   540  N  N   . SER A 1 69  ? -8.341  12.574  0.449   1.00 31.09  ? 75  SER A N   1 
ATOM   541  C  CA  . SER A 1 69  ? -7.207  13.486  0.591   1.00 36.92  ? 75  SER A CA  1 
ATOM   542  C  C   . SER A 1 69  ? -6.277  12.907  1.631   1.00 35.10  ? 75  SER A C   1 
ATOM   543  O  O   . SER A 1 69  ? -6.736  12.508  2.695   1.00 32.65  ? 75  SER A O   1 
ATOM   544  C  CB  . SER A 1 69  ? -7.645  14.891  1.021   1.00 26.06  ? 75  SER A CB  1 
ATOM   545  O  OG  . SER A 1 69  ? -8.516  15.451  0.060   1.00 51.80  ? 75  SER A OG  1 
ATOM   546  N  N   . PHE A 1 70  ? -4.975  12.876  1.346   1.00 31.28  ? 76  PHE A N   1 
ATOM   547  C  CA  . PHE A 1 70  ? -4.027  12.222  2.248   1.00 28.94  ? 76  PHE A CA  1 
ATOM   548  C  C   . PHE A 1 70  ? -2.771  13.075  2.445   1.00 29.63  ? 76  PHE A C   1 
ATOM   549  O  O   . PHE A 1 70  ? -2.427  13.864  1.586   1.00 34.83  ? 76  PHE A O   1 
ATOM   550  C  CB  . PHE A 1 70  ? -3.672  10.827  1.714   1.00 28.97  ? 76  PHE A CB  1 
ATOM   551  C  CG  . PHE A 1 70  ? -3.376  10.798  0.224   1.00 37.06  ? 76  PHE A CG  1 
ATOM   552  C  CD1 . PHE A 1 70  ? -4.397  10.656  -0.703  1.00 29.17  ? 76  PHE A CD1 1 
ATOM   553  C  CD2 . PHE A 1 70  ? -2.074  10.916  -0.239  1.00 31.04  ? 76  PHE A CD2 1 
ATOM   554  C  CE1 . PHE A 1 70  ? -4.128  10.636  -2.062  1.00 26.64  ? 76  PHE A CE1 1 
ATOM   555  C  CE2 . PHE A 1 70  ? -1.793  10.883  -1.602  1.00 31.30  ? 76  PHE A CE2 1 
ATOM   556  C  CZ  . PHE A 1 70  ? -2.821  10.755  -2.509  1.00 31.20  ? 76  PHE A CZ  1 
ATOM   557  N  N   . SER A 1 71  ? -2.109  12.931  3.592   1.00 34.45  ? 77  SER A N   1 
ATOM   558  C  CA  . SER A 1 71  ? -0.926  13.729  3.918   1.00 39.17  ? 77  SER A CA  1 
ATOM   559  C  C   . SER A 1 71  ? 0.328   13.249  3.192   1.00 32.94  ? 77  SER A C   1 
ATOM   560  O  O   . SER A 1 71  ? 0.356   12.158  2.638   1.00 35.76  ? 77  SER A O   1 
ATOM   561  C  CB  . SER A 1 71  ? -0.671  13.694  5.415   1.00 29.20  ? 77  SER A CB  1 
ATOM   562  O  OG  . SER A 1 71  ? -0.428  12.355  5.798   1.00 40.87  ? 77  SER A OG  1 
ATOM   563  N  N   . LYS A 1 72  ? 1.366   14.077  3.183   1.00 43.73  ? 78  LYS A N   1 
ATOM   564  C  CA  . LYS A 1 72  ? 2.614   13.691  2.534   1.00 39.56  ? 78  LYS A CA  1 
ATOM   565  C  C   . LYS A 1 72  ? 3.258   12.552  3.339   1.00 37.96  ? 78  LYS A C   1 
ATOM   566  O  O   . LYS A 1 72  ? 3.050   12.462  4.548   1.00 34.33  ? 78  LYS A O   1 
ATOM   567  C  CB  . LYS A 1 72  ? 3.530   14.914  2.400   1.00 39.66  ? 78  LYS A CB  1 
ATOM   568  C  CG  . LYS A 1 72  ? 3.005   15.918  1.355   1.00 34.19  ? 78  LYS A CG  1 
ATOM   569  C  CD  . LYS A 1 72  ? 3.990   17.039  1.015   1.00 58.56  ? 78  LYS A CD  1 
ATOM   570  C  CE  . LYS A 1 72  ? 5.354   16.516  0.531   1.00 61.45  ? 78  LYS A CE  1 
ATOM   571  N  NZ  . LYS A 1 72  ? 5.315   15.748  -0.750  1.00 61.19  ? 78  LYS A NZ  1 
ATOM   572  N  N   . PRO A 1 73  ? 4.012   11.657  2.669   1.00 30.58  ? 79  PRO A N   1 
ATOM   573  C  CA  . PRO A 1 73  ? 4.593   10.497  3.364   1.00 25.38  ? 79  PRO A CA  1 
ATOM   574  C  C   . PRO A 1 73  ? 5.482   10.893  4.542   1.00 33.97  ? 79  PRO A C   1 
ATOM   575  O  O   . PRO A 1 73  ? 6.225   11.863  4.429   1.00 48.32  ? 79  PRO A O   1 
ATOM   576  C  CB  . PRO A 1 73  ? 5.415   9.790   2.272   1.00 31.18  ? 79  PRO A CB  1 
ATOM   577  C  CG  . PRO A 1 73  ? 5.479   10.747  1.126   1.00 36.01  ? 79  PRO A CG  1 
ATOM   578  C  CD  . PRO A 1 73  ? 4.262   11.617  1.224   1.00 24.43  ? 79  PRO A CD  1 
ATOM   579  N  N   . SER A 1 74  ? 5.404   10.148  5.644   1.00 27.72  ? 80  SER A N   1 
ATOM   580  C  CA  . SER A 1 74  ? 6.056   10.524  6.901   1.00 33.53  ? 80  SER A CA  1 
ATOM   581  C  C   . SER A 1 74  ? 6.327   9.307   7.782   1.00 34.02  ? 80  SER A C   1 
ATOM   582  O  O   . SER A 1 74  ? 5.818   8.222   7.519   1.00 35.17  ? 80  SER A O   1 
ATOM   583  C  CB  . SER A 1 74  ? 5.177   11.518  7.692   1.00 38.06  ? 80  SER A CB  1 
ATOM   584  O  OG  . SER A 1 74  ? 4.829   12.639  6.906   1.00 57.96  ? 80  SER A OG  1 
ATOM   585  N  N   . LEU A 1 75  ? 7.110   9.512   8.841   1.00 32.23  ? 81  LEU A N   1 
ATOM   586  C  CA  . LEU A 1 75  ? 7.293   8.517   9.890   1.00 44.58  ? 81  LEU A CA  1 
ATOM   587  C  C   . LEU A 1 75  ? 6.129   8.588   10.861  1.00 47.14  ? 81  LEU A C   1 
ATOM   588  O  O   . LEU A 1 75  ? 5.867   9.630   11.465  1.00 36.82  ? 81  LEU A O   1 
ATOM   589  C  CB  . LEU A 1 75  ? 8.612   8.732   10.643  1.00 47.31  ? 81  LEU A CB  1 
ATOM   590  C  CG  . LEU A 1 75  ? 9.886   8.107   10.071  1.00 44.72  ? 81  LEU A CG  1 
ATOM   591  C  CD1 . LEU A 1 75  ? 11.085  8.684   10.784  1.00 43.61  ? 81  LEU A CD1 1 
ATOM   592  C  CD2 . LEU A 1 75  ? 9.860   6.595   10.226  1.00 41.29  ? 81  LEU A CD2 1 
ATOM   593  N  N   . ILE A 1 76  ? 5.436   7.469   10.995  1.00 37.69  ? 82  ILE A N   1 
ATOM   594  C  CA  . ILE A 1 76  ? 4.243   7.362   11.816  1.00 33.36  ? 82  ILE A CA  1 
ATOM   595  C  C   . ILE A 1 76  ? 4.389   6.200   12.785  1.00 42.00  ? 82  ILE A C   1 
ATOM   596  O  O   . ILE A 1 76  ? 4.642   5.079   12.353  1.00 35.72  ? 82  ILE A O   1 
ATOM   597  C  CB  . ILE A 1 76  ? 3.003   7.121   10.957  1.00 33.09  ? 82  ILE A CB  1 
ATOM   598  C  CG1 . ILE A 1 76  ? 2.944   8.121   9.799   1.00 35.32  ? 82  ILE A CG1 1 
ATOM   599  C  CG2 . ILE A 1 76  ? 1.740   7.126   11.816  1.00 33.28  ? 82  ILE A CG2 1 
ATOM   600  C  CD1 . ILE A 1 76  ? 2.324   9.436   10.150  1.00 38.23  ? 82  ILE A CD1 1 
ATOM   601  N  N   . TYR A 1 77  ? 4.237   6.456   14.082  1.00 32.57  ? 83  TYR A N   1 
ATOM   602  C  CA  . TYR A 1 77  ? 4.214   5.373   15.048  1.00 36.03  ? 83  TYR A CA  1 
ATOM   603  C  C   . TYR A 1 77  ? 2.956   4.535   14.833  1.00 40.08  ? 83  TYR A C   1 
ATOM   604  O  O   . TYR A 1 77  ? 1.855   5.066   14.700  1.00 39.28  ? 83  TYR A O   1 
ATOM   605  C  CB  . TYR A 1 77  ? 4.258   5.906   16.478  1.00 42.10  ? 83  TYR A CB  1 
ATOM   606  C  CG  . TYR A 1 77  ? 4.665   4.871   17.514  1.00 57.68  ? 83  TYR A CG  1 
ATOM   607  C  CD1 . TYR A 1 77  ? 5.976   4.402   17.570  1.00 55.83  ? 83  TYR A CD1 1 
ATOM   608  C  CD2 . TYR A 1 77  ? 3.735   4.357   18.431  1.00 54.88  ? 83  TYR A CD2 1 
ATOM   609  C  CE1 . TYR A 1 77  ? 6.363   3.461   18.512  1.00 61.17  ? 83  TYR A CE1 1 
ATOM   610  C  CE2 . TYR A 1 77  ? 4.113   3.409   19.381  1.00 46.30  ? 83  TYR A CE2 1 
ATOM   611  C  CZ  . TYR A 1 77  ? 5.430   2.968   19.412  1.00 56.17  ? 83  TYR A CZ  1 
ATOM   612  O  OH  . TYR A 1 77  ? 5.828   2.032   20.339  1.00 85.32  ? 83  TYR A OH  1 
ATOM   613  N  N   . VAL A 1 78  ? 3.122   3.220   14.774  1.00 45.13  ? 84  VAL A N   1 
ATOM   614  C  CA  . VAL A 1 78  ? 1.981   2.329   14.587  1.00 40.04  ? 84  VAL A CA  1 
ATOM   615  C  C   . VAL A 1 78  ? 1.943   1.328   15.730  1.00 38.73  ? 84  VAL A C   1 
ATOM   616  O  O   . VAL A 1 78  ? 2.950   0.715   16.054  1.00 37.90  ? 84  VAL A O   1 
ATOM   617  C  CB  . VAL A 1 78  ? 2.046   1.588   13.219  1.00 39.57  ? 84  VAL A CB  1 
ATOM   618  C  CG1 . VAL A 1 78  ? 0.837   0.650   13.034  1.00 29.18  ? 84  VAL A CG1 1 
ATOM   619  C  CG2 . VAL A 1 78  ? 2.121   2.603   12.086  1.00 31.09  ? 84  VAL A CG2 1 
ATOM   620  N  N   . GLU A 1 79  ? 0.770   1.167   16.327  1.00 40.94  ? 85  GLU A N   1 
ATOM   621  C  CA  . GLU A 1 79  ? 0.580   0.248   17.443  1.00 46.81  ? 85  GLU A CA  1 
ATOM   622  C  C   . GLU A 1 79  ? 0.814   -1.200  17.038  1.00 43.41  ? 85  GLU A C   1 
ATOM   623  O  O   . GLU A 1 79  ? 0.668   -1.549  15.871  1.00 39.94  ? 85  GLU A O   1 
ATOM   624  C  CB  . GLU A 1 79  ? -0.837  0.391   18.009  1.00 41.30  ? 85  GLU A CB  1 
ATOM   625  C  CG  . GLU A 1 79  ? -1.088  1.678   18.785  1.00 62.89  ? 85  GLU A CG  1 
ATOM   626  C  CD  . GLU A 1 79  ? -0.060  1.908   19.883  1.00 82.42  ? 85  GLU A CD  1 
ATOM   627  O  OE1 . GLU A 1 79  ? 0.436   0.910   20.459  1.00 74.27  ? 85  GLU A OE1 1 
ATOM   628  O  OE2 . GLU A 1 79  ? 0.238   3.088   20.184  1.00 85.10  ? 85  GLU A OE2 1 
ATOM   629  N  N   . ALA A 1 80  ? 1.155   -2.042  18.009  1.00 35.35  ? 86  ALA A N   1 
ATOM   630  C  CA  . ALA A 1 80  ? 1.254   -3.469  17.773  1.00 39.33  ? 86  ALA A CA  1 
ATOM   631  C  C   . ALA A 1 80  ? -0.022  -4.021  17.134  1.00 41.86  ? 86  ALA A C   1 
ATOM   632  O  O   . ALA A 1 80  ? -1.131  -3.607  17.456  1.00 38.79  ? 86  ALA A O   1 
ATOM   633  C  CB  . ALA A 1 80  ? 1.551   -4.192  19.060  1.00 29.73  ? 86  ALA A CB  1 
ATOM   634  N  N   . SER A 1 81  ? 0.164   -4.938  16.199  1.00 34.86  ? 87  SER A N   1 
ATOM   635  C  CA  . SER A 1 81  ? -0.930  -5.682  15.598  1.00 41.37  ? 87  SER A CA  1 
ATOM   636  C  C   . SER A 1 81  ? -0.509  -7.143  15.679  1.00 36.51  ? 87  SER A C   1 
ATOM   637  O  O   . SER A 1 81  ? 0.500   -7.450  16.297  1.00 35.50  ? 87  SER A O   1 
ATOM   638  C  CB  . SER A 1 81  ? -1.172  -5.266  14.149  1.00 37.55  ? 87  SER A CB  1 
ATOM   639  O  OG  . SER A 1 81  ? -0.039  -5.591  13.342  1.00 35.34  ? 87  SER A OG  1 
ATOM   640  N  N   . GLU A 1 82  ? -1.234  -8.046  15.031  1.00 33.39  ? 88  GLU A N   1 
ATOM   641  C  CA  . GLU A 1 82  ? -0.738  -9.411  14.977  1.00 39.89  ? 88  GLU A CA  1 
ATOM   642  C  C   . GLU A 1 82  ? 0.263   -9.581  13.828  1.00 45.88  ? 88  GLU A C   1 
ATOM   643  O  O   . GLU A 1 82  ? 0.724   -10.692 13.558  1.00 38.03  ? 88  GLU A O   1 
ATOM   644  C  CB  . GLU A 1 82  ? -1.882  -10.420 14.837  1.00 37.31  ? 88  GLU A CB  1 
ATOM   645  C  CG  . GLU A 1 82  ? -2.713  -10.256 13.607  1.00 50.46  ? 88  GLU A CG  1 
ATOM   646  C  CD  . GLU A 1 82  ? -3.894  -9.369  13.875  1.00 58.96  ? 88  GLU A CD  1 
ATOM   647  O  OE1 . GLU A 1 82  ? -3.680  -8.259  14.401  1.00 73.03  ? 88  GLU A OE1 1 
ATOM   648  O  OE2 . GLU A 1 82  ? -5.032  -9.781  13.581  1.00 59.11  ? 88  GLU A OE2 1 
ATOM   649  N  N   . TYR A 1 83  ? 0.610   -8.489  13.155  1.00 31.63  ? 89  TYR A N   1 
ATOM   650  C  CA  . TYR A 1 83  ? 1.570   -8.585  12.066  1.00 30.54  ? 89  TYR A CA  1 
ATOM   651  C  C   . TYR A 1 83  ? 2.916   -7.928  12.391  1.00 36.61  ? 89  TYR A C   1 
ATOM   652  O  O   . TYR A 1 83  ? 3.950   -8.376  11.890  1.00 38.52  ? 89  TYR A O   1 
ATOM   653  C  CB  . TYR A 1 83  ? 0.977   -7.974  10.800  1.00 30.46  ? 89  TYR A CB  1 
ATOM   654  C  CG  . TYR A 1 83  ? -0.250  -8.695  10.291  1.00 35.72  ? 89  TYR A CG  1 
ATOM   655  C  CD1 . TYR A 1 83  ? -0.134  -9.913  9.645   1.00 32.07  ? 89  TYR A CD1 1 
ATOM   656  C  CD2 . TYR A 1 83  ? -1.523  -8.179  10.494  1.00 42.01  ? 89  TYR A CD2 1 
ATOM   657  C  CE1 . TYR A 1 83  ? -1.235  -10.588 9.198   1.00 32.28  ? 89  TYR A CE1 1 
ATOM   658  C  CE2 . TYR A 1 83  ? -2.653  -8.862  10.050  1.00 43.24  ? 89  TYR A CE2 1 
ATOM   659  C  CZ  . TYR A 1 83  ? -2.496  -10.071 9.400   1.00 44.81  ? 89  TYR A CZ  1 
ATOM   660  O  OH  . TYR A 1 83  ? -3.594  -10.774 8.937   1.00 45.46  ? 89  TYR A OH  1 
ATOM   661  N  N   . TYR A 1 84  ? 2.887   -6.881  13.215  1.00 35.80  ? 90  TYR A N   1 
ATOM   662  C  CA  . TYR A 1 84  ? 4.089   -6.229  13.738  1.00 36.10  ? 90  TYR A CA  1 
ATOM   663  C  C   . TYR A 1 84  ? 4.038   -5.796  15.181  1.00 35.04  ? 90  TYR A C   1 
ATOM   664  O  O   . TYR A 1 84  ? 2.956   -5.513  15.699  1.00 31.32  ? 90  TYR A O   1 
ATOM   665  C  CB  . TYR A 1 84  ? 4.379   -4.983  12.960  1.00 31.69  ? 90  TYR A CB  1 
ATOM   666  C  CG  . TYR A 1 84  ? 4.842   -5.239  11.592  1.00 44.80  ? 90  TYR A CG  1 
ATOM   667  C  CD1 . TYR A 1 84  ? 5.798   -6.176  11.295  1.00 54.55  ? 90  TYR A CD1 1 
ATOM   668  C  CD2 . TYR A 1 84  ? 4.348   -4.532  10.600  1.00 46.97  ? 90  TYR A CD2 1 
ATOM   669  C  CE1 . TYR A 1 84  ? 6.201   -6.365  9.996   1.00 50.27  ? 90  TYR A CE1 1 
ATOM   670  C  CE2 . TYR A 1 84  ? 4.816   -4.659  9.396   1.00 62.09  ? 90  TYR A CE2 1 
ATOM   671  C  CZ  . TYR A 1 84  ? 5.644   -5.591  9.042   1.00 37.87  ? 90  TYR A CZ  1 
ATOM   672  O  OH  . TYR A 1 84  ? 5.874   -5.599  7.689   1.00 48.18  ? 90  TYR A OH  1 
ATOM   673  N  N   . PRO A 1 85  ? 5.224   -5.651  15.807  1.00 32.94  ? 91  PRO A N   1 
ATOM   674  C  CA  . PRO A 1 85  ? 5.303   -5.009  17.119  1.00 41.87  ? 91  PRO A CA  1 
ATOM   675  C  C   . PRO A 1 85  ? 5.050   -3.525  16.939  1.00 37.48  ? 91  PRO A C   1 
ATOM   676  O  O   . PRO A 1 85  ? 4.996   -3.090  15.792  1.00 32.67  ? 91  PRO A O   1 
ATOM   677  C  CB  . PRO A 1 85  ? 6.740   -5.279  17.560  1.00 32.13  ? 91  PRO A CB  1 
ATOM   678  C  CG  . PRO A 1 85  ? 7.502   -5.336  16.262  1.00 27.78  ? 91  PRO A CG  1 
ATOM   679  C  CD  . PRO A 1 85  ? 6.564   -5.953  15.266  1.00 31.01  ? 91  PRO A CD  1 
ATOM   680  N  N   . ALA A 1 86  ? 4.876   -2.775  18.022  1.00 31.20  ? 92  ALA A N   1 
ATOM   681  C  CA  . ALA A 1 86  ? 4.754   -1.332  17.923  1.00 42.82  ? 92  ALA A CA  1 
ATOM   682  C  C   . ALA A 1 86  ? 6.030   -0.820  17.283  1.00 41.16  ? 92  ALA A C   1 
ATOM   683  O  O   . ALA A 1 86  ? 7.116   -1.255  17.644  1.00 39.39  ? 92  ALA A O   1 
ATOM   684  C  CB  . ALA A 1 86  ? 4.525   -0.699  19.295  1.00 41.79  ? 92  ALA A CB  1 
ATOM   685  N  N   . ARG A 1 87  ? 5.901   0.073   16.308  1.00 41.29  ? 93  ARG A N   1 
ATOM   686  C  CA  . ARG A 1 87  ? 7.065   0.535   15.564  1.00 34.42  ? 93  ARG A CA  1 
ATOM   687  C  C   . ARG A 1 87  ? 6.750   1.801   14.795  1.00 41.35  ? 93  ARG A C   1 
ATOM   688  O  O   . ARG A 1 87  ? 5.580   2.202   14.660  1.00 34.02  ? 93  ARG A O   1 
ATOM   689  C  CB  . ARG A 1 87  ? 7.557   -0.543  14.597  1.00 36.41  ? 93  ARG A CB  1 
ATOM   690  C  CG  . ARG A 1 87  ? 6.755   -0.621  13.325  1.00 43.58  ? 93  ARG A CG  1 
ATOM   691  C  CD  . ARG A 1 87  ? 6.711   -2.027  12.768  1.00 33.95  ? 93  ARG A CD  1 
ATOM   692  N  NE  . ARG A 1 87  ? 6.522   -2.010  11.320  1.00 32.06  ? 93  ARG A NE  1 
ATOM   693  C  CZ  . ARG A 1 87  ? 5.362   -1.762  10.715  1.00 39.95  ? 93  ARG A CZ  1 
ATOM   694  N  NH1 . ARG A 1 87  ? 4.246   -1.551  11.426  1.00 32.40  ? 93  ARG A NH1 1 
ATOM   695  N  NH2 . ARG A 1 87  ? 5.309   -1.773  9.391   1.00 41.93  ? 93  ARG A NH2 1 
ATOM   696  N  N   . TYR A 1 88  ? 7.809   2.434   14.306  1.00 36.31  ? 94  TYR A N   1 
ATOM   697  C  CA  . TYR A 1 88  ? 7.681   3.507   13.337  1.00 41.86  ? 94  TYR A CA  1 
ATOM   698  C  C   . TYR A 1 88  ? 7.537   2.904   11.948  1.00 36.84  ? 94  TYR A C   1 
ATOM   699  O  O   . TYR A 1 88  ? 8.330   2.048   11.541  1.00 41.08  ? 94  TYR A O   1 
ATOM   700  C  CB  . TYR A 1 88  ? 8.889   4.448   13.380  1.00 43.76  ? 94  TYR A CB  1 
ATOM   701  C  CG  . TYR A 1 88  ? 8.899   5.401   14.553  1.00 35.76  ? 94  TYR A CG  1 
ATOM   702  C  CD1 . TYR A 1 88  ? 8.140   6.551   14.528  1.00 33.36  ? 94  TYR A CD1 1 
ATOM   703  C  CD2 . TYR A 1 88  ? 9.672   5.143   15.683  1.00 46.86  ? 94  TYR A CD2 1 
ATOM   704  C  CE1 . TYR A 1 88  ? 8.144   7.437   15.594  1.00 59.31  ? 94  TYR A CE1 1 
ATOM   705  C  CE2 . TYR A 1 88  ? 9.684   6.018   16.758  1.00 55.75  ? 94  TYR A CE2 1 
ATOM   706  C  CZ  . TYR A 1 88  ? 8.916   7.169   16.705  1.00 58.37  ? 94  TYR A CZ  1 
ATOM   707  O  OH  . TYR A 1 88  ? 8.908   8.058   17.760  1.00 66.66  ? 94  TYR A OH  1 
ATOM   708  N  N   . GLN A 1 89  ? 6.511   3.343   11.230  1.00 34.97  ? 95  GLN A N   1 
ATOM   709  C  CA  . GLN A 1 89  ? 6.364   2.982   9.833   1.00 33.29  ? 95  GLN A CA  1 
ATOM   710  C  C   . GLN A 1 89  ? 6.723   4.200   8.988   1.00 34.88  ? 95  GLN A C   1 
ATOM   711  O  O   . GLN A 1 89  ? 6.257   5.299   9.269   1.00 34.06  ? 95  GLN A O   1 
ATOM   712  C  CB  . GLN A 1 89  ? 4.940   2.503   9.538   1.00 32.94  ? 95  GLN A CB  1 
ATOM   713  C  CG  . GLN A 1 89  ? 4.832   1.741   8.228   1.00 35.42  ? 95  GLN A CG  1 
ATOM   714  C  CD  . GLN A 1 89  ? 3.502   1.042   8.056   1.00 40.40  ? 95  GLN A CD  1 
ATOM   715  O  OE1 . GLN A 1 89  ? 2.943   0.504   9.007   1.00 47.34  ? 95  GLN A OE1 1 
ATOM   716  N  NE2 . GLN A 1 89  ? 3.006   1.014   6.822   1.00 39.97  ? 95  GLN A NE2 1 
ATOM   717  N  N   . SER A 1 90  ? 7.553   4.016   7.967   1.00 24.91  ? 96  SER A N   1 
ATOM   718  C  CA  . SER A 1 90  ? 7.960   5.139   7.132   1.00 29.99  ? 96  SER A CA  1 
ATOM   719  C  C   . SER A 1 90  ? 7.123   5.193   5.867   1.00 29.05  ? 96  SER A C   1 
ATOM   720  O  O   . SER A 1 90  ? 6.444   4.227   5.526   1.00 32.25  ? 96  SER A O   1 
ATOM   721  C  CB  . SER A 1 90  ? 9.444   5.043   6.783   1.00 26.01  ? 96  SER A CB  1 
ATOM   722  O  OG  . SER A 1 90  ? 9.669   3.930   5.935   1.00 39.85  ? 96  SER A OG  1 
ATOM   723  N  N   . HIS A 1 91  ? 7.174   6.325   5.173   1.00 27.89  ? 97  HIS A N   1 
ATOM   724  C  CA  . HIS A 1 91  ? 6.410   6.538   3.949   1.00 29.80  ? 97  HIS A CA  1 
ATOM   725  C  C   . HIS A 1 91  ? 4.924   6.293   4.067   1.00 34.20  ? 97  HIS A C   1 
ATOM   726  O  O   . HIS A 1 91  ? 4.299   5.815   3.116   1.00 36.26  ? 97  HIS A O   1 
ATOM   727  C  CB  . HIS A 1 91  ? 6.915   5.653   2.820   1.00 37.86  ? 97  HIS A CB  1 
ATOM   728  C  CG  . HIS A 1 91  ? 8.333   5.899   2.446   1.00 53.45  ? 97  HIS A CG  1 
ATOM   729  N  ND1 . HIS A 1 91  ? 8.758   5.866   1.138   1.00 75.37  ? 97  HIS A ND1 1 
ATOM   730  C  CD2 . HIS A 1 91  ? 9.436   6.119   3.197   1.00 66.91  ? 97  HIS A CD2 1 
ATOM   731  C  CE1 . HIS A 1 91  ? 10.057  6.086   1.096   1.00 60.43  ? 97  HIS A CE1 1 
ATOM   732  N  NE2 . HIS A 1 91  ? 10.494  6.248   2.333   1.00 53.90  ? 97  HIS A NE2 1 
ATOM   733  N  N   . LEU A 1 92  ? 4.353   6.614   5.218   1.00 33.68  ? 98  LEU A N   1 
ATOM   734  C  CA  . LEU A 1 92  ? 2.940   6.351   5.430   1.00 29.84  ? 98  LEU A CA  1 
ATOM   735  C  C   . LEU A 1 92  ? 2.194   7.643   5.241   1.00 29.52  ? 98  LEU A C   1 
ATOM   736  O  O   . LEU A 1 92  ? 2.566   8.656   5.806   1.00 28.55  ? 98  LEU A O   1 
ATOM   737  C  CB  . LEU A 1 92  ? 2.692   5.781   6.825   1.00 31.92  ? 98  LEU A CB  1 
ATOM   738  C  CG  . LEU A 1 92  ? 1.318   5.200   7.122   1.00 41.03  ? 98  LEU A CG  1 
ATOM   739  C  CD1 . LEU A 1 92  ? 1.003   4.081   6.154   1.00 29.65  ? 98  LEU A CD1 1 
ATOM   740  C  CD2 . LEU A 1 92  ? 1.343   4.664   8.531   1.00 40.92  ? 98  LEU A CD2 1 
ATOM   741  N  N   . MET A 1 93  ? 1.176   7.589   4.399   1.00 26.35  ? 99  MET A N   1 
ATOM   742  C  CA  . MET A 1 93  ? 0.298   8.707   4.111   1.00 26.02  ? 99  MET A CA  1 
ATOM   743  C  C   . MET A 1 93  ? -1.041  8.428   4.789   1.00 32.89  ? 99  MET A C   1 
ATOM   744  O  O   . MET A 1 93  ? -1.583  7.324   4.703   1.00 34.33  ? 99  MET A O   1 
ATOM   745  C  CB  . MET A 1 93  ? 0.111   8.886   2.606   1.00 18.24  ? 99  MET A CB  1 
ATOM   746  C  CG  . MET A 1 93  ? 1.419   8.989   1.863   1.00 30.87  ? 99  MET A CG  1 
ATOM   747  S  SD  . MET A 1 93  ? 1.189   9.232   0.103   1.00 37.13  ? 99  MET A SD  1 
ATOM   748  C  CE  . MET A 1 93  ? 0.632   7.627   -0.438  1.00 27.24  ? 99  MET A CE  1 
ATOM   749  N  N   . LEU A 1 94  ? -1.559  9.425   5.475   1.00 27.41  ? 100 LEU A N   1 
ATOM   750  C  CA  . LEU A 1 94  ? -2.749  9.252   6.287   1.00 34.07  ? 100 LEU A CA  1 
ATOM   751  C  C   . LEU A 1 94  ? -3.920  10.010  5.692   1.00 34.65  ? 100 LEU A C   1 
ATOM   752  O  O   . LEU A 1 94  ? -3.761  11.099  5.132   1.00 29.86  ? 100 LEU A O   1 
ATOM   753  C  CB  . LEU A 1 94  ? -2.507  9.717   7.722   1.00 24.05  ? 100 LEU A CB  1 
ATOM   754  C  CG  . LEU A 1 94  ? -1.409  9.029   8.531   1.00 36.64  ? 100 LEU A CG  1 
ATOM   755  C  CD1 . LEU A 1 94  ? -1.327  9.666   9.902   1.00 39.44  ? 100 LEU A CD1 1 
ATOM   756  C  CD2 . LEU A 1 94  ? -1.693  7.553   8.664   1.00 30.20  ? 100 LEU A CD2 1 
ATOM   757  N  N   . ALA A 1 95  ? -5.100  9.425   5.853   1.00 30.07  ? 101 ALA A N   1 
ATOM   758  C  CA  . ALA A 1 95  ? -6.332  9.995   5.359   1.00 31.64  ? 101 ALA A CA  1 
ATOM   759  C  C   . ALA A 1 95  ? -7.445  9.802   6.380   1.00 33.07  ? 101 ALA A C   1 
ATOM   760  O  O   . ALA A 1 95  ? -7.410  8.860   7.162   1.00 34.87  ? 101 ALA A O   1 
ATOM   761  C  CB  . ALA A 1 95  ? -6.690  9.350   4.061   1.00 31.25  ? 101 ALA A CB  1 
ATOM   762  N  N   . GLN A 1 96  ? -8.414  10.705  6.388   1.00 35.37  ? 102 GLN A N   1 
ATOM   763  C  CA  . GLN A 1 96  ? -9.642  10.484  7.144   1.00 39.02  ? 102 GLN A CA  1 
ATOM   764  C  C   . GLN A 1 96  ? -10.526 9.579   6.326   1.00 42.88  ? 102 GLN A C   1 
ATOM   765  O  O   . GLN A 1 96  ? -10.774 9.852   5.144   1.00 36.81  ? 102 GLN A O   1 
ATOM   766  C  CB  . GLN A 1 96  ? -10.400 11.781  7.423   1.00 40.67  ? 102 GLN A CB  1 
ATOM   767  C  CG  . GLN A 1 96  ? -9.562  12.986  7.771   1.00 47.98  ? 102 GLN A CG  1 
ATOM   768  C  CD  . GLN A 1 96  ? -9.440  13.174  9.248   1.00 60.01  ? 102 GLN A CD  1 
ATOM   769  O  OE1 . GLN A 1 96  ? -9.167  12.225  9.981   1.00 66.82  ? 102 GLN A OE1 1 
ATOM   770  N  NE2 . GLN A 1 96  ? -9.694  14.394  9.712   1.00 60.77  ? 102 GLN A NE2 1 
ATOM   771  N  N   . GLY A 1 97  ? -11.026 8.513   6.935   1.00 33.67  ? 103 GLY A N   1 
ATOM   772  C  CA  . GLY A 1 97  ? -11.942 7.660   6.209   1.00 28.33  ? 103 GLY A CA  1 
ATOM   773  C  C   . GLY A 1 97  ? -12.235 6.365   6.919   1.00 37.26  ? 103 GLY A C   1 
ATOM   774  O  O   . GLY A 1 97  ? -11.653 6.079   7.967   1.00 34.05  ? 103 GLY A O   1 
ATOM   775  N  N   . HIS A 1 98  ? -13.149 5.589   6.340   1.00 45.82  ? 104 HIS A N   1 
ATOM   776  C  CA  . HIS A 1 98  ? -13.535 4.313   6.913   1.00 31.90  ? 104 HIS A CA  1 
ATOM   777  C  C   . HIS A 1 98  ? -12.433 3.296   6.797   1.00 43.46  ? 104 HIS A C   1 
ATOM   778  O  O   . HIS A 1 98  ? -11.777 3.168   5.766   1.00 38.71  ? 104 HIS A O   1 
ATOM   779  C  CB  . HIS A 1 98  ? -14.763 3.728   6.246   1.00 35.47  ? 104 HIS A CB  1 
ATOM   780  C  CG  . HIS A 1 98  ? -14.995 2.303   6.628   1.00 48.31  ? 104 HIS A CG  1 
ATOM   781  N  ND1 . HIS A 1 98  ? -15.411 1.941   7.890   1.00 48.25  ? 104 HIS A ND1 1 
ATOM   782  C  CD2 . HIS A 1 98  ? -14.799 1.147   5.950   1.00 53.07  ? 104 HIS A CD2 1 
ATOM   783  C  CE1 . HIS A 1 98  ? -15.503 0.627   7.961   1.00 46.05  ? 104 HIS A CE1 1 
ATOM   784  N  NE2 . HIS A 1 98  ? -15.136 0.120   6.798   1.00 52.45  ? 104 HIS A NE2 1 
ATOM   785  N  N   . SER A 1 99  ? -12.274 2.517   7.845   1.00 36.23  ? 105 SER A N   1 
ATOM   786  C  CA  . SER A 1 99  ? -11.150 1.633   7.905   1.00 45.97  ? 105 SER A CA  1 
ATOM   787  C  C   . SER A 1 99  ? -11.432 0.398   8.768   1.00 47.25  ? 105 SER A C   1 
ATOM   788  O  O   . SER A 1 99  ? -11.878 0.516   9.908   1.00 42.17  ? 105 SER A O   1 
ATOM   789  C  CB  . SER A 1 99  ? -9.968  2.452   8.397   1.00 56.67  ? 105 SER A CB  1 
ATOM   790  O  OG  . SER A 1 99  ? -10.267 3.063   9.636   1.00 68.43  ? 105 SER A OG  1 
ATOM   791  N  N   . GLU A 1 100 ? -11.217 -0.778  8.181   1.00 41.67  ? 106 GLU A N   1 
ATOM   792  C  CA  . GLU A 1 100 ? -11.375 -2.063  8.868   1.00 51.87  ? 106 GLU A CA  1 
ATOM   793  C  C   . GLU A 1 100 ? -10.250 -3.039  8.577   1.00 60.04  ? 106 GLU A C   1 
ATOM   794  O  O   . GLU A 1 100 ? -9.571  -2.968  7.542   1.00 60.27  ? 106 GLU A O   1 
ATOM   795  C  CB  . GLU A 1 100 ? -12.681 -2.769  8.486   1.00 36.06  ? 106 GLU A CB  1 
ATOM   796  C  CG  . GLU A 1 100 ? -13.932 -2.058  8.859   1.00 53.47  ? 106 GLU A CG  1 
ATOM   797  C  CD  . GLU A 1 100 ? -15.153 -2.870  8.490   1.00 54.95  ? 106 GLU A CD  1 
ATOM   798  O  OE1 . GLU A 1 100 ? -15.140 -4.095  8.728   1.00 50.14  ? 106 GLU A OE1 1 
ATOM   799  O  OE2 . GLU A 1 100 ? -16.109 -2.293  7.930   1.00 67.75  ? 106 GLU A OE2 1 
ATOM   800  N  N   . PRO A 1 101 ? -10.050 -3.958  9.517   1.00 57.68  ? 107 PRO A N   1 
ATOM   801  C  CA  . PRO A 1 101 ? -9.323  -5.199  9.294   1.00 73.06  ? 107 PRO A CA  1 
ATOM   802  C  C   . PRO A 1 101 ? -9.760  -5.888  7.975   1.00 63.60  ? 107 PRO A C   1 
ATOM   803  O  O   . PRO A 1 101 ? -10.925 -6.259  7.792   1.00 51.87  ? 107 PRO A O   1 
ATOM   804  C  CB  . PRO A 1 101 ? -9.683  -6.005  10.546  1.00 68.46  ? 107 PRO A CB  1 
ATOM   805  C  CG  . PRO A 1 101 ? -9.734  -5.021  11.548  1.00 55.55  ? 107 PRO A CG  1 
ATOM   806  C  CD  . PRO A 1 101 ? -10.293 -3.754  10.953  1.00 49.23  ? 107 PRO A CD  1 
ATOM   807  N  N   . GLY A 1 102 ? -8.820  -5.995  7.036   1.00 48.82  ? 108 GLY A N   1 
ATOM   808  C  CA  . GLY A 1 102 ? -9.089  -6.558  5.723   1.00 45.14  ? 108 GLY A CA  1 
ATOM   809  C  C   . GLY A 1 102 ? -9.041  -5.535  4.592   1.00 42.25  ? 108 GLY A C   1 
ATOM   810  O  O   . GLY A 1 102 ? -9.155  -5.884  3.421   1.00 37.20  ? 108 GLY A O   1 
ATOM   811  N  N   . ASP A 1 103 ? -8.881  -4.262  4.932   1.00 34.40  ? 109 ASP A N   1 
ATOM   812  C  CA  . ASP A 1 103 ? -8.850  -3.234  3.908   1.00 40.45  ? 109 ASP A CA  1 
ATOM   813  C  C   . ASP A 1 103 ? -7.444  -3.095  3.339   1.00 34.39  ? 109 ASP A C   1 
ATOM   814  O  O   . ASP A 1 103 ? -7.284  -2.526  2.276   1.00 26.71  ? 109 ASP A O   1 
ATOM   815  C  CB  . ASP A 1 103 ? -9.355  -1.892  4.453   1.00 41.51  ? 109 ASP A CB  1 
ATOM   816  C  CG  . ASP A 1 103 ? -10.872 -1.817  4.484   1.00 49.65  ? 109 ASP A CG  1 
ATOM   817  O  OD1 . ASP A 1 103 ? -11.505 -2.715  3.910   1.00 55.38  ? 109 ASP A OD1 1 
ATOM   818  O  OD2 . ASP A 1 103 ? -11.437 -0.894  5.104   1.00 50.89  ? 109 ASP A OD2 1 
ATOM   819  N  N   . ALA A 1 104 ? -6.440  -3.637  4.025   1.00 24.52  ? 110 ALA A N   1 
ATOM   820  C  CA  . ALA A 1 104 ? -5.076  -3.579  3.501   1.00 30.79  ? 110 ALA A CA  1 
ATOM   821  C  C   . ALA A 1 104 ? -5.041  -4.232  2.149   1.00 34.33  ? 110 ALA A C   1 
ATOM   822  O  O   . ALA A 1 104 ? -5.675  -5.267  1.942   1.00 32.26  ? 110 ALA A O   1 
ATOM   823  C  CB  . ALA A 1 104 ? -4.107  -4.245  4.405   1.00 32.32  ? 110 ALA A CB  1 
ATOM   824  N  N   . GLY A 1 105 ? -4.311  -3.610  1.228   1.00 30.83  ? 111 GLY A N   1 
ATOM   825  C  CA  . GLY A 1 105 ? -4.195  -4.122  -0.115  1.00 23.16  ? 111 GLY A CA  1 
ATOM   826  C  C   . GLY A 1 105 ? -4.994  -3.340  -1.139  1.00 32.10  ? 111 GLY A C   1 
ATOM   827  O  O   . GLY A 1 105 ? -4.799  -3.535  -2.334  1.00 33.08  ? 111 GLY A O   1 
ATOM   828  N  N   . GLY A 1 106 ? -5.918  -2.491  -0.685  1.00 30.16  ? 112 GLY A N   1 
ATOM   829  C  CA  . GLY A 1 106 ? -6.636  -1.623  -1.601  1.00 29.49  ? 112 GLY A CA  1 
ATOM   830  C  C   . GLY A 1 106 ? -5.671  -0.622  -2.235  1.00 27.52  ? 112 GLY A C   1 
ATOM   831  O  O   . GLY A 1 106 ? -4.802  -0.060  -1.564  1.00 31.12  ? 112 GLY A O   1 
ATOM   832  N  N   . ILE A 1 107 ? -5.807  -0.418  -3.537  1.00 25.73  ? 113 ILE A N   1 
ATOM   833  C  CA  . ILE A 1 107 ? -4.861  0.404   -4.263  1.00 35.60  ? 113 ILE A CA  1 
ATOM   834  C  C   . ILE A 1 107 ? -5.388  1.841   -4.334  1.00 31.28  ? 113 ILE A C   1 
ATOM   835  O  O   . ILE A 1 107 ? -6.574  2.069   -4.564  1.00 30.71  ? 113 ILE A O   1 
ATOM   836  C  CB  . ILE A 1 107 ? -4.572  -0.177  -5.693  1.00 34.06  ? 113 ILE A CB  1 
ATOM   837  C  CG1 . ILE A 1 107 ? -3.674  -1.414  -5.595  1.00 37.12  ? 113 ILE A CG1 1 
ATOM   838  C  CG2 . ILE A 1 107 ? -3.832  0.823   -6.565  1.00 26.87  ? 113 ILE A CG2 1 
ATOM   839  C  CD1 . ILE A 1 107 ? -4.381  -2.685  -5.283  1.00 51.21  ? 113 ILE A CD1 1 
ATOM   840  N  N   . LEU A 1 108 ? -4.496  2.792   -4.078  1.00 22.14  ? 114 LEU A N   1 
ATOM   841  C  CA  . LEU A 1 108 ? -4.781  4.224   -4.184  1.00 23.24  ? 114 LEU A CA  1 
ATOM   842  C  C   . LEU A 1 108 ? -4.238  4.730   -5.501  1.00 37.00  ? 114 LEU A C   1 
ATOM   843  O  O   . LEU A 1 108 ? -3.052  4.532   -5.787  1.00 27.58  ? 114 LEU A O   1 
ATOM   844  C  CB  . LEU A 1 108 ? -4.145  4.988   -3.019  1.00 25.25  ? 114 LEU A CB  1 
ATOM   845  C  CG  . LEU A 1 108 ? -4.096  6.510   -3.054  1.00 31.21  ? 114 LEU A CG  1 
ATOM   846  C  CD1 . LEU A 1 108 ? -5.492  7.112   -2.824  1.00 28.54  ? 114 LEU A CD1 1 
ATOM   847  C  CD2 . LEU A 1 108 ? -3.094  7.006   -2.030  1.00 27.71  ? 114 LEU A CD2 1 
ATOM   848  N  N   . ARG A 1 109 ? -5.105  5.369   -6.289  1.00 30.11  ? 115 ARG A N   1 
ATOM   849  C  CA  . ARG A 1 109 ? -4.764  5.902   -7.599  1.00 35.34  ? 115 ARG A CA  1 
ATOM   850  C  C   . ARG A 1 109 ? -5.037  7.398   -7.694  1.00 40.03  ? 115 ARG A C   1 
ATOM   851  O  O   . ARG A 1 109 ? -5.967  7.908   -7.063  1.00 37.28  ? 115 ARG A O   1 
ATOM   852  C  CB  . ARG A 1 109 ? -5.555  5.192   -8.708  1.00 31.23  ? 115 ARG A CB  1 
ATOM   853  C  CG  . ARG A 1 109 ? -5.293  3.724   -8.816  1.00 33.51  ? 115 ARG A CG  1 
ATOM   854  C  CD  . ARG A 1 109 ? -6.237  3.007   -9.781  1.00 31.03  ? 115 ARG A CD  1 
ATOM   855  N  NE  . ARG A 1 109 ? -6.160  1.565   -9.544  1.00 46.86  ? 115 ARG A NE  1 
ATOM   856  C  CZ  . ARG A 1 109 ? -5.246  0.772   -10.100 1.00 40.71  ? 115 ARG A CZ  1 
ATOM   857  N  NH1 . ARG A 1 109 ? -4.353  1.286   -10.936 1.00 52.39  ? 115 ARG A NH1 1 
ATOM   858  N  NH2 . ARG A 1 109 ? -5.222  -0.530  -9.830  1.00 44.14  ? 115 ARG A NH2 1 
ATOM   859  N  N   . CYS A 1 110 ? -4.221  8.092   -8.489  1.00 34.64  ? 116 CYS A N   1 
ATOM   860  C  CA  . CYS A 1 110 ? -4.565  9.431   -8.974  1.00 37.54  ? 116 CYS A CA  1 
ATOM   861  C  C   . CYS A 1 110 ? -4.637  9.371   -10.498 1.00 38.42  ? 116 CYS A C   1 
ATOM   862  O  O   . CYS A 1 110 ? -4.573  8.291   -11.095 1.00 31.07  ? 116 CYS A O   1 
ATOM   863  C  CB  . CYS A 1 110 ? -3.536  10.476  -8.528  1.00 30.49  ? 116 CYS A CB  1 
ATOM   864  S  SG  . CYS A 1 110 ? -1.904  10.150  -9.251  1.00 36.05  ? 116 CYS A SG  1 
ATOM   865  N  N   . GLN A 1 111 ? -4.746  10.529  -11.135 1.00 31.01  ? 117 GLN A N   1 
ATOM   866  C  CA  . GLN A 1 111 ? -4.814  10.560  -12.590 1.00 33.94  ? 117 GLN A CA  1 
ATOM   867  C  C   . GLN A 1 111 ? -3.482  10.163  -13.236 1.00 46.40  ? 117 GLN A C   1 
ATOM   868  O  O   . GLN A 1 111 ? -3.442  9.801   -14.409 1.00 42.67  ? 117 GLN A O   1 
ATOM   869  C  CB  . GLN A 1 111 ? -5.246  11.945  -13.073 1.00 44.33  ? 117 GLN A CB  1 
ATOM   870  C  CG  . GLN A 1 111 ? -4.370  13.073  -12.561 1.00 53.14  ? 117 GLN A CG  1 
ATOM   871  C  CD  . GLN A 1 111 ? -4.316  14.257  -13.510 1.00 70.98  ? 117 GLN A CD  1 
ATOM   872  O  OE1 . GLN A 1 111 ? -4.453  14.108  -14.727 1.00 75.52  ? 117 GLN A OE1 1 
ATOM   873  N  NE2 . GLN A 1 111 ? -4.134  15.449  -12.950 1.00 66.00  ? 117 GLN A NE2 1 
ATOM   874  N  N   . HIS A 1 112 ? -2.398  10.197  -12.469 1.00 48.24  ? 118 HIS A N   1 
ATOM   875  C  CA  . HIS A 1 112 ? -1.094  9.844   -13.020 1.00 31.41  ? 118 HIS A CA  1 
ATOM   876  C  C   . HIS A 1 112 ? -0.782  8.358   -12.906 1.00 31.07  ? 118 HIS A C   1 
ATOM   877  O  O   . HIS A 1 112 ? 0.182   7.892   -13.495 1.00 40.77  ? 118 HIS A O   1 
ATOM   878  C  CB  . HIS A 1 112 ? 0.009   10.643  -12.332 1.00 37.20  ? 118 HIS A CB  1 
ATOM   879  C  CG  . HIS A 1 112 ? -0.202  12.125  -12.371 1.00 42.31  ? 118 HIS A CG  1 
ATOM   880  N  ND1 . HIS A 1 112 ? -0.516  12.861  -11.250 1.00 50.85  ? 118 HIS A ND1 1 
ATOM   881  C  CD2 . HIS A 1 112 ? -0.144  13.007  -13.395 1.00 42.30  ? 118 HIS A CD2 1 
ATOM   882  C  CE1 . HIS A 1 112 ? -0.639  14.134  -11.579 1.00 48.62  ? 118 HIS A CE1 1 
ATOM   883  N  NE2 . HIS A 1 112 ? -0.425  14.249  -12.877 1.00 54.03  ? 118 HIS A NE2 1 
ATOM   884  N  N   . GLY A 1 113 ? -1.580  7.610   -12.150 1.00 37.16  ? 119 GLY A N   1 
ATOM   885  C  CA  . GLY A 1 113 ? -1.320  6.180   -11.982 1.00 37.74  ? 119 GLY A CA  1 
ATOM   886  C  C   . GLY A 1 113 ? -1.450  5.716   -10.536 1.00 36.20  ? 119 GLY A C   1 
ATOM   887  O  O   . GLY A 1 113 ? -2.192  6.317   -9.763  1.00 33.68  ? 119 GLY A O   1 
ATOM   888  N  N   . VAL A 1 114 ? -0.735  4.650   -10.172 1.00 31.45  ? 120 VAL A N   1 
ATOM   889  C  CA  . VAL A 1 114 ? -0.794  4.110   -8.818  1.00 30.86  ? 120 VAL A CA  1 
ATOM   890  C  C   . VAL A 1 114 ? 0.034   4.969   -7.870  1.00 33.00  ? 120 VAL A C   1 
ATOM   891  O  O   . VAL A 1 114 ? 1.181   5.308   -8.168  1.00 32.54  ? 120 VAL A O   1 
ATOM   892  C  CB  . VAL A 1 114 ? -0.300  2.618   -8.758  1.00 30.15  ? 120 VAL A CB  1 
ATOM   893  C  CG1 . VAL A 1 114 ? -0.156  2.135   -7.296  1.00 26.18  ? 120 VAL A CG1 1 
ATOM   894  C  CG2 . VAL A 1 114 ? -1.252  1.714   -9.517  1.00 24.93  ? 120 VAL A CG2 1 
ATOM   895  N  N   . VAL A 1 115 ? -0.546  5.312   -6.722  1.00 29.56  ? 121 VAL A N   1 
ATOM   896  C  CA  . VAL A 1 115 ? 0.137   6.139   -5.726  1.00 22.14  ? 121 VAL A CA  1 
ATOM   897  C  C   . VAL A 1 115 ? 0.600   5.341   -4.512  1.00 29.33  ? 121 VAL A C   1 
ATOM   898  O  O   . VAL A 1 115 ? 1.654   5.621   -3.938  1.00 28.50  ? 121 VAL A O   1 
ATOM   899  C  CB  . VAL A 1 115 ? -0.788  7.297   -5.264  1.00 29.73  ? 121 VAL A CB  1 
ATOM   900  C  CG1 . VAL A 1 115 ? -0.178  8.074   -4.103  1.00 29.70  ? 121 VAL A CG1 1 
ATOM   901  C  CG2 . VAL A 1 115 ? -1.080  8.205   -6.433  1.00 27.26  ? 121 VAL A CG2 1 
ATOM   902  N  N   . GLY A 1 116 ? -0.176  4.334   -4.125  1.00 25.17  ? 122 GLY A N   1 
ATOM   903  C  CA  . GLY A 1 116 ? 0.127   3.591   -2.925  1.00 27.64  ? 122 GLY A CA  1 
ATOM   904  C  C   . GLY A 1 116 ? -0.891  2.510   -2.634  1.00 31.74  ? 122 GLY A C   1 
ATOM   905  O  O   . GLY A 1 116 ? -1.744  2.223   -3.468  1.00 27.94  ? 122 GLY A O   1 
ATOM   906  N  N   . ILE A 1 117 ? -0.800  1.919   -1.447  1.00 27.84  ? 123 ILE A N   1 
ATOM   907  C  CA  . ILE A 1 117 ? -1.611  0.751   -1.104  1.00 35.87  ? 123 ILE A CA  1 
ATOM   908  C  C   . ILE A 1 117 ? -1.975  0.786   0.389   1.00 31.43  ? 123 ILE A C   1 
ATOM   909  O  O   . ILE A 1 117 ? -1.146  1.151   1.224   1.00 28.25  ? 123 ILE A O   1 
ATOM   910  C  CB  . ILE A 1 117 ? -0.858  -0.568  -1.485  1.00 30.35  ? 123 ILE A CB  1 
ATOM   911  C  CG1 . ILE A 1 117 ? -1.747  -1.793  -1.310  1.00 40.32  ? 123 ILE A CG1 1 
ATOM   912  C  CG2 . ILE A 1 117 ? 0.419   -0.709  -0.706  1.00 32.08  ? 123 ILE A CG2 1 
ATOM   913  C  CD1 . ILE A 1 117 ? -1.110  -3.069  -1.789  1.00 49.81  ? 123 ILE A CD1 1 
ATOM   914  N  N   . VAL A 1 118 ? -3.229  0.466   0.722   1.00 26.68  ? 124 VAL A N   1 
ATOM   915  C  CA  . VAL A 1 118 ? -3.634  0.515   2.119   1.00 28.88  ? 124 VAL A CA  1 
ATOM   916  C  C   . VAL A 1 118 ? -2.794  -0.476  2.908   1.00 31.81  ? 124 VAL A C   1 
ATOM   917  O  O   . VAL A 1 118 ? -2.621  -1.632  2.514   1.00 27.47  ? 124 VAL A O   1 
ATOM   918  C  CB  . VAL A 1 118 ? -5.150  0.218   2.333   1.00 31.20  ? 124 VAL A CB  1 
ATOM   919  C  CG1 . VAL A 1 118 ? -5.483  0.165   3.818   1.00 23.42  ? 124 VAL A CG1 1 
ATOM   920  C  CG2 . VAL A 1 118 ? -5.998  1.276   1.667   1.00 28.66  ? 124 VAL A CG2 1 
ATOM   921  N  N   . SER A 1 119 ? -2.258  -0.001  4.021   1.00 29.21  ? 125 SER A N   1 
ATOM   922  C  CA  . SER A 1 119 ? -1.364  -0.806  4.830   1.00 29.79  ? 125 SER A CA  1 
ATOM   923  C  C   . SER A 1 119 ? -1.870  -0.897  6.255   1.00 31.60  ? 125 SER A C   1 
ATOM   924  O  O   . SER A 1 119 ? -1.817  -1.958  6.839   1.00 35.99  ? 125 SER A O   1 
ATOM   925  C  CB  . SER A 1 119 ? 0.052   -0.225  4.813   1.00 29.44  ? 125 SER A CB  1 
ATOM   926  O  OG  . SER A 1 119 ? 0.829   -0.739  5.886   1.00 32.88  ? 125 SER A OG  1 
ATOM   927  N  N   . THR A 1 120 ? -2.362  0.214   6.789   1.00 27.77  ? 126 THR A N   1 
ATOM   928  C  CA  . THR A 1 120 ? -2.754  0.326   8.199   1.00 42.81  ? 126 THR A CA  1 
ATOM   929  C  C   . THR A 1 120 ? -4.076  1.078   8.254   1.00 41.89  ? 126 THR A C   1 
ATOM   930  O  O   . THR A 1 120 ? -4.547  1.579   7.226   1.00 30.18  ? 126 THR A O   1 
ATOM   931  C  CB  . THR A 1 120 ? -1.755  1.148   9.077   1.00 44.74  ? 126 THR A CB  1 
ATOM   932  O  OG1 . THR A 1 120 ? -1.934  2.544   8.816   1.00 67.19  ? 126 THR A OG1 1 
ATOM   933  C  CG2 . THR A 1 120 ? -0.318  0.833   8.755   1.00 54.63  ? 126 THR A CG2 1 
ATOM   934  N  N   . GLY A 1 121 ? -4.632  1.208   9.459   1.00 38.53  ? 127 GLY A N   1 
ATOM   935  C  CA  . GLY A 1 121 ? -5.804  2.038   9.692   1.00 45.11  ? 127 GLY A CA  1 
ATOM   936  C  C   . GLY A 1 121 ? -6.306  1.970   11.131  1.00 39.76  ? 127 GLY A C   1 
ATOM   937  O  O   . GLY A 1 121 ? -5.845  1.157   11.924  1.00 33.80  ? 127 GLY A O   1 
ATOM   938  N  N   . GLY A 1 122 ? -7.264  2.825   11.469  1.00 37.94  ? 128 GLY A N   1 
ATOM   939  C  CA  . GLY A 1 122 ? -7.815  2.866   12.812  1.00 28.83  ? 128 GLY A CA  1 
ATOM   940  C  C   . GLY A 1 122 ? -7.944  4.301   13.286  1.00 32.12  ? 128 GLY A C   1 
ATOM   941  O  O   . GLY A 1 122 ? -7.374  5.212   12.687  1.00 39.01  ? 128 GLY A O   1 
ATOM   942  N  N   . ASN A 1 123 ? -8.710  4.506   14.351  1.00 33.02  ? 129 ASN A N   1 
ATOM   943  C  CA  A ASN A 1 123 ? -8.960  5.842   14.892  0.62 35.78  ? 129 ASN A CA  1 
ATOM   944  C  CA  B ASN A 1 123 ? -8.948  5.841   14.885  0.38 34.85  ? 129 ASN A CA  1 
ATOM   945  C  C   . ASN A 1 123 ? -9.411  6.827   13.809  1.00 34.15  ? 129 ASN A C   1 
ATOM   946  O  O   . ASN A 1 123 ? -9.014  7.985   13.811  1.00 38.91  ? 129 ASN A O   1 
ATOM   947  C  CB  A ASN A 1 123 ? -7.710  6.369   15.612  0.62 39.71  ? 129 ASN A CB  1 
ATOM   948  C  CB  B ASN A 1 123 ? -7.684  6.355   15.582  0.38 39.61  ? 129 ASN A CB  1 
ATOM   949  C  CG  A ASN A 1 123 ? -8.029  7.429   16.659  0.62 31.01  ? 129 ASN A CG  1 
ATOM   950  C  CG  B ASN A 1 123 ? -7.161  5.381   16.626  0.38 38.58  ? 129 ASN A CG  1 
ATOM   951  O  OD1 A ASN A 1 123 ? -9.124  7.467   17.218  0.62 43.60  ? 129 ASN A OD1 1 
ATOM   952  O  OD1 B ASN A 1 123 ? -6.260  4.576   16.358  0.38 33.24  ? 129 ASN A OD1 1 
ATOM   953  N  ND2 A ASN A 1 123 ? -7.071  8.293   16.923  0.62 44.35  ? 129 ASN A ND2 1 
ATOM   954  N  ND2 B ASN A 1 123 ? -7.735  5.439   17.822  0.38 40.89  ? 129 ASN A ND2 1 
ATOM   955  N  N   . GLY A 1 124 ? -10.251 6.353   12.887  1.00 31.98  ? 130 GLY A N   1 
ATOM   956  C  CA  . GLY A 1 124 ? -10.769 7.192   11.813  1.00 31.87  ? 130 GLY A CA  1 
ATOM   957  C  C   . GLY A 1 124 ? -9.769  7.573   10.729  1.00 37.58  ? 130 GLY A C   1 
ATOM   958  O  O   . GLY A 1 124 ? -10.011 8.483   9.930   1.00 37.17  ? 130 GLY A O   1 
ATOM   959  N  N   . LEU A 1 125 ? -8.639  6.877   10.698  1.00 30.22  ? 131 LEU A N   1 
ATOM   960  C  CA  . LEU A 1 125 ? -7.600  7.148   9.715   1.00 32.88  ? 131 LEU A CA  1 
ATOM   961  C  C   . LEU A 1 125 ? -7.316  5.903   8.879   1.00 31.89  ? 131 LEU A C   1 
ATOM   962  O  O   . LEU A 1 125 ? -7.345  4.787   9.389   1.00 33.83  ? 131 LEU A O   1 
ATOM   963  C  CB  . LEU A 1 125 ? -6.313  7.619   10.403  1.00 30.87  ? 131 LEU A CB  1 
ATOM   964  C  CG  . LEU A 1 125 ? -6.337  8.870   11.298  1.00 33.65  ? 131 LEU A CG  1 
ATOM   965  C  CD1 . LEU A 1 125 ? -5.045  8.985   12.116  1.00 29.52  ? 131 LEU A CD1 1 
ATOM   966  C  CD2 . LEU A 1 125 ? -6.585  10.122  10.507  1.00 30.44  ? 131 LEU A CD2 1 
ATOM   967  N  N   . VAL A 1 126 ? -7.071  6.112   7.592   1.00 34.62  ? 132 VAL A N   1 
ATOM   968  C  CA  . VAL A 1 126 ? -6.588  5.082   6.680   1.00 26.00  ? 132 VAL A CA  1 
ATOM   969  C  C   . VAL A 1 126 ? -5.124  5.387   6.357   1.00 36.60  ? 132 VAL A C   1 
ATOM   970  O  O   . VAL A 1 126 ? -4.796  6.510   5.962   1.00 28.91  ? 132 VAL A O   1 
ATOM   971  C  CB  . VAL A 1 126 ? -7.386  5.054   5.373   1.00 29.29  ? 132 VAL A CB  1 
ATOM   972  C  CG1 . VAL A 1 126 ? -6.826  3.991   4.439   1.00 31.10  ? 132 VAL A CG1 1 
ATOM   973  C  CG2 . VAL A 1 126 ? -8.840  4.823   5.634   1.00 33.65  ? 132 VAL A CG2 1 
ATOM   974  N  N   . GLY A 1 127 ? -4.244  4.414   6.536   1.00 28.84  ? 133 GLY A N   1 
ATOM   975  C  CA  . GLY A 1 127 ? -2.834  4.626   6.257   1.00 34.07  ? 133 GLY A CA  1 
ATOM   976  C  C   . GLY A 1 127 ? -2.418  3.940   4.967   1.00 34.07  ? 133 GLY A C   1 
ATOM   977  O  O   . GLY A 1 127 ? -2.597  2.740   4.834   1.00 26.85  ? 133 GLY A O   1 
ATOM   978  N  N   . PHE A 1 128 ? -1.872  4.715   4.030   1.00 25.57  ? 134 PHE A N   1 
ATOM   979  C  CA  . PHE A 1 128 ? -1.436  4.226   2.733   1.00 30.29  ? 134 PHE A CA  1 
ATOM   980  C  C   . PHE A 1 128 ? 0.089   4.175   2.639   1.00 32.87  ? 134 PHE A C   1 
ATOM   981  O  O   . PHE A 1 128 ? 0.769   5.130   2.989   1.00 30.91  ? 134 PHE A O   1 
ATOM   982  C  CB  . PHE A 1 128 ? -1.936  5.127   1.592   1.00 24.71  ? 134 PHE A CB  1 
ATOM   983  C  CG  . PHE A 1 128 ? -3.436  5.215   1.454   1.00 30.20  ? 134 PHE A CG  1 
ATOM   984  C  CD1 . PHE A 1 128 ? -4.121  4.336   0.616   1.00 29.27  ? 134 PHE A CD1 1 
ATOM   985  C  CD2 . PHE A 1 128 ? -4.149  6.225   2.101   1.00 32.87  ? 134 PHE A CD2 1 
ATOM   986  C  CE1 . PHE A 1 128 ? -5.488  4.434   0.450   1.00 27.24  ? 134 PHE A CE1 1 
ATOM   987  C  CE2 . PHE A 1 128 ? -5.521  6.337   1.949   1.00 26.88  ? 134 PHE A CE2 1 
ATOM   988  C  CZ  . PHE A 1 128 ? -6.199  5.438   1.121   1.00 32.01  ? 134 PHE A CZ  1 
ATOM   989  N  N   . ALA A 1 129 ? 0.620   3.083   2.113   1.00 32.35  ? 135 ALA A N   1 
ATOM   990  C  CA  . ALA A 1 129 ? 2.050   2.974   1.911   1.00 29.93  ? 135 ALA A CA  1 
ATOM   991  C  C   . ALA A 1 129 ? 2.341   3.565   0.545   1.00 29.16  ? 135 ALA A C   1 
ATOM   992  O  O   . ALA A 1 129 ? 1.864   3.046   -0.459  1.00 31.74  ? 135 ALA A O   1 
ATOM   993  C  CB  . ALA A 1 129 ? 2.507   1.528   1.998   1.00 25.13  ? 135 ALA A CB  1 
ATOM   994  N  N   . ASP A 1 130 ? 3.067   4.681   0.528   1.00 29.81  ? 136 ASP A N   1 
ATOM   995  C  CA  . ASP A 1 130 ? 3.463   5.373   -0.698  1.00 26.17  ? 136 ASP A CA  1 
ATOM   996  C  C   . ASP A 1 130 ? 4.409   4.472   -1.484  1.00 33.86  ? 136 ASP A C   1 
ATOM   997  O  O   . ASP A 1 130 ? 5.290   3.851   -0.896  1.00 28.57  ? 136 ASP A O   1 
ATOM   998  C  CB  . ASP A 1 130 ? 4.146   6.712   -0.358  1.00 31.42  ? 136 ASP A CB  1 
ATOM   999  C  CG  . ASP A 1 130 ? 4.226   7.674   -1.546  1.00 33.19  ? 136 ASP A CG  1 
ATOM   1000 O  OD1 . ASP A 1 130 ? 3.846   7.300   -2.667  1.00 40.80  ? 136 ASP A OD1 1 
ATOM   1001 O  OD2 . ASP A 1 130 ? 4.664   8.826   -1.350  1.00 55.66  ? 136 ASP A OD2 1 
ATOM   1002 N  N   . VAL A 1 131 ? 4.220   4.388   -2.798  1.00 30.54  ? 137 VAL A N   1 
ATOM   1003 C  CA  . VAL A 1 131 ? 5.133   3.629   -3.641  1.00 28.90  ? 137 VAL A CA  1 
ATOM   1004 C  C   . VAL A 1 131 ? 5.783   4.493   -4.719  1.00 32.03  ? 137 VAL A C   1 
ATOM   1005 O  O   . VAL A 1 131 ? 6.551   3.988   -5.518  1.00 31.13  ? 137 VAL A O   1 
ATOM   1006 C  CB  . VAL A 1 131 ? 4.435   2.449   -4.340  1.00 24.66  ? 137 VAL A CB  1 
ATOM   1007 C  CG1 . VAL A 1 131 ? 3.885   1.442   -3.312  1.00 28.15  ? 137 VAL A CG1 1 
ATOM   1008 C  CG2 . VAL A 1 131 ? 3.354   2.949   -5.294  1.00 29.28  ? 137 VAL A CG2 1 
ATOM   1009 N  N   . ARG A 1 132 ? 5.496   5.788   -4.741  1.00 28.38  ? 138 ARG A N   1 
ATOM   1010 C  CA  . ARG A 1 132 ? 5.943   6.627   -5.863  1.00 37.71  ? 138 ARG A CA  1 
ATOM   1011 C  C   . ARG A 1 132 ? 7.458   6.854   -5.940  1.00 33.29  ? 138 ARG A C   1 
ATOM   1012 O  O   . ARG A 1 132 ? 7.975   7.213   -6.991  1.00 35.28  ? 138 ARG A O   1 
ATOM   1013 C  CB  . ARG A 1 132 ? 5.223   7.977   -5.813  1.00 42.92  ? 138 ARG A CB  1 
ATOM   1014 C  CG  . ARG A 1 132 ? 3.761   7.883   -6.207  1.00 29.97  ? 138 ARG A CG  1 
ATOM   1015 C  CD  . ARG A 1 132 ? 3.069   9.199   -6.012  1.00 28.09  ? 138 ARG A CD  1 
ATOM   1016 N  NE  . ARG A 1 132 ? 3.023   9.548   -4.600  1.00 34.04  ? 138 ARG A NE  1 
ATOM   1017 C  CZ  . ARG A 1 132 ? 2.348   10.576  -4.100  1.00 31.00  ? 138 ARG A CZ  1 
ATOM   1018 N  NH1 . ARG A 1 132 ? 1.640   11.368  -4.902  1.00 34.98  ? 138 ARG A NH1 1 
ATOM   1019 N  NH2 . ARG A 1 132 ? 2.365   10.791  -2.794  1.00 28.40  ? 138 ARG A NH2 1 
ATOM   1020 N  N   . ASP A 1 133 ? 8.167   6.653   -4.838  1.00 31.01  ? 139 ASP A N   1 
ATOM   1021 C  CA  . ASP A 1 133 ? 9.629   6.779   -4.848  1.00 40.14  ? 139 ASP A CA  1 
ATOM   1022 C  C   . ASP A 1 133 ? 10.301  5.561   -5.507  1.00 36.86  ? 139 ASP A C   1 
ATOM   1023 O  O   . ASP A 1 133 ? 11.482  5.580   -5.814  1.00 41.49  ? 139 ASP A O   1 
ATOM   1024 C  CB  . ASP A 1 133 ? 10.157  6.964   -3.422  1.00 41.25  ? 139 ASP A CB  1 
ATOM   1025 C  CG  . ASP A 1 133 ? 9.839   5.770   -2.531  1.00 45.52  ? 139 ASP A CG  1 
ATOM   1026 O  OD1 . ASP A 1 133 ? 8.650   5.386   -2.462  1.00 49.25  ? 139 ASP A OD1 1 
ATOM   1027 O  OD2 . ASP A 1 133 ? 10.765  5.218   -1.898  1.00 42.52  ? 139 ASP A OD2 1 
ATOM   1028 N  N   . LEU A 1 134 ? 9.537   4.496   -5.726  1.00 43.71  ? 140 LEU A N   1 
ATOM   1029 C  CA  . LEU A 1 134 ? 10.094  3.294   -6.324  1.00 35.66  ? 140 LEU A CA  1 
ATOM   1030 C  C   . LEU A 1 134 ? 10.157  3.415   -7.854  1.00 45.94  ? 140 LEU A C   1 
ATOM   1031 O  O   . LEU A 1 134 ? 9.424   2.722   -8.571  1.00 33.58  ? 140 LEU A O   1 
ATOM   1032 C  CB  . LEU A 1 134 ? 9.277   2.067   -5.909  1.00 38.83  ? 140 LEU A CB  1 
ATOM   1033 C  CG  . LEU A 1 134 ? 9.146   1.859   -4.396  1.00 40.78  ? 140 LEU A CG  1 
ATOM   1034 C  CD1 . LEU A 1 134 ? 8.382   0.581   -4.094  1.00 43.57  ? 140 LEU A CD1 1 
ATOM   1035 C  CD2 . LEU A 1 134 ? 10.500  1.836   -3.724  1.00 37.25  ? 140 LEU A CD2 1 
ATOM   1036 N  N   . LEU A 1 135 ? 11.045  4.289   -8.342  1.00 48.03  ? 141 LEU A N   1 
ATOM   1037 C  CA  . LEU A 1 135 ? 11.130  4.615   -9.770  1.00 35.02  ? 141 LEU A CA  1 
ATOM   1038 C  C   . LEU A 1 135 ? 11.595  3.423   -10.613 1.00 45.01  ? 141 LEU A C   1 
ATOM   1039 O  O   . LEU A 1 135 ? 11.253  3.307   -11.795 1.00 39.65  ? 141 LEU A O   1 
ATOM   1040 C  CB  . LEU A 1 135 ? 12.065  5.803   -9.991  1.00 38.79  ? 141 LEU A CB  1 
ATOM   1041 C  CG  . LEU A 1 135 ? 11.769  7.045   -9.154  1.00 48.74  ? 141 LEU A CG  1 
ATOM   1042 C  CD1 . LEU A 1 135 ? 12.638  8.208   -9.591  1.00 49.08  ? 141 LEU A CD1 1 
ATOM   1043 C  CD2 . LEU A 1 135 ? 10.315  7.415   -9.257  1.00 38.32  ? 141 LEU A CD2 1 
ATOM   1044 N  N   . TRP A 1 136 ? 12.343  2.518   -9.987  1.00 39.72  ? 142 TRP A N   1 
ATOM   1045 C  CA  . TRP A 1 136 ? 12.841  1.331   -10.680 1.00 47.60  ? 142 TRP A CA  1 
ATOM   1046 C  C   . TRP A 1 136 ? 11.738  0.347   -11.043 1.00 44.81  ? 142 TRP A C   1 
ATOM   1047 O  O   . TRP A 1 136 ? 11.983  -0.603  -11.783 1.00 53.18  ? 142 TRP A O   1 
ATOM   1048 C  CB  . TRP A 1 136 ? 13.898  0.613   -9.837  1.00 37.87  ? 142 TRP A CB  1 
ATOM   1049 C  CG  . TRP A 1 136 ? 13.465  0.296   -8.448  1.00 44.65  ? 142 TRP A CG  1 
ATOM   1050 C  CD1 . TRP A 1 136 ? 13.652  1.062   -7.339  1.00 42.42  ? 142 TRP A CD1 1 
ATOM   1051 C  CD2 . TRP A 1 136 ? 12.785  -0.889  -8.011  1.00 34.80  ? 142 TRP A CD2 1 
ATOM   1052 N  NE1 . TRP A 1 136 ? 13.127  0.430   -6.236  1.00 41.00  ? 142 TRP A NE1 1 
ATOM   1053 C  CE2 . TRP A 1 136 ? 12.599  -0.764  -6.622  1.00 41.88  ? 142 TRP A CE2 1 
ATOM   1054 C  CE3 . TRP A 1 136 ? 12.321  -2.033  -8.661  1.00 49.13  ? 142 TRP A CE3 1 
ATOM   1055 C  CZ2 . TRP A 1 136 ? 11.947  -1.749  -5.875  1.00 44.23  ? 142 TRP A CZ2 1 
ATOM   1056 C  CZ3 . TRP A 1 136 ? 11.684  -3.008  -7.915  1.00 44.30  ? 142 TRP A CZ3 1 
ATOM   1057 C  CH2 . TRP A 1 136 ? 11.504  -2.860  -6.538  1.00 43.23  ? 142 TRP A CH2 1 
ATOM   1058 N  N   . LEU A 1 137 ? 10.534  0.568   -10.520 1.00 43.91  ? 143 LEU A N   1 
ATOM   1059 C  CA  . LEU A 1 137 ? 9.389   -0.272  -10.868 1.00 47.23  ? 143 LEU A CA  1 
ATOM   1060 C  C   . LEU A 1 137 ? 8.964   -0.033  -12.303 1.00 49.18  ? 143 LEU A C   1 
ATOM   1061 O  O   . LEU A 1 137 ? 8.482   -0.943  -12.979 1.00 56.64  ? 143 LEU A O   1 
ATOM   1062 C  CB  . LEU A 1 137 ? 8.212   -0.006  -9.930  1.00 49.56  ? 143 LEU A CB  1 
ATOM   1063 C  CG  . LEU A 1 137 ? 8.322   -0.647  -8.553  1.00 50.91  ? 143 LEU A CG  1 
ATOM   1064 C  CD1 . LEU A 1 137 ? 7.163   -0.200  -7.686  1.00 52.72  ? 143 LEU A CD1 1 
ATOM   1065 C  CD2 . LEU A 1 137 ? 8.363   -2.176  -8.689  1.00 48.18  ? 143 LEU A CD2 1 
ATOM   1066 N  N   . ASP A 1 138 ? 9.136   1.207   -12.746 1.00 54.67  ? 144 ASP A N   1 
ATOM   1067 C  CA  . ASP A 1 138 ? 8.911   1.590   -14.136 1.00 62.97  ? 144 ASP A CA  1 
ATOM   1068 C  C   . ASP A 1 138 ? 10.232  1.818   -14.864 1.00 43.22  ? 144 ASP A C   1 
ATOM   1069 O  O   . ASP A 1 138 ? 10.377  1.428   -16.015 1.00 67.41  ? 144 ASP A O   1 
ATOM   1070 C  CB  . ASP A 1 138 ? 8.053   2.853   -14.206 1.00 62.83  ? 144 ASP A CB  1 
ATOM   1071 C  CG  . ASP A 1 138 ? 6.575   2.566   -14.049 1.00 72.19  ? 144 ASP A CG  1 
ATOM   1072 O  OD1 . ASP A 1 138 ? 6.060   1.709   -14.798 1.00 84.23  ? 144 ASP A OD1 1 
ATOM   1073 O  OD2 . ASP A 1 138 ? 5.927   3.202   -13.189 1.00 50.10  ? 144 ASP A OD2 1 
ATOM   1074 N  N   . PHE B 2 1   ? -0.032  -2.992  11.515  1.00 69.78  ? -1  PHE C N   1 
ATOM   1075 C  CA  . PHE B 2 1   ? -0.962  -2.555  10.465  1.00 76.38  ? -1  PHE C CA  1 
ATOM   1076 C  C   . PHE B 2 1   ? -2.148  -3.500  10.201  1.00 73.32  ? -1  PHE C C   1 
ATOM   1077 O  O   . PHE B 2 1   ? -2.507  -4.329  11.041  1.00 88.52  ? -1  PHE C O   1 
ATOM   1078 C  CB  . PHE B 2 1   ? -0.265  -2.409  9.131   1.00 81.30  ? -1  PHE C CB  1 
ATOM   1079 C  CG  . PHE B 2 1   ? 0.617   -3.521  8.826   1.00 64.58  ? -1  PHE C CG  1 
ATOM   1080 C  CD1 . PHE B 2 1   ? 0.203   -4.810  9.025   1.00 78.12  ? -1  PHE C CD1 1 
ATOM   1081 C  CD2 . PHE B 2 1   ? 1.805   -3.285  8.228   1.00 69.46  ? -1  PHE C CD2 1 
ATOM   1082 C  CE1 . PHE B 2 1   ? 0.969   -5.805  8.727   1.00 82.07  ? -1  PHE C CE1 1 
ATOM   1083 C  CE2 . PHE B 2 1   ? 2.575   -4.307  7.910   1.00 80.93  ? -1  PHE C CE2 1 
ATOM   1084 C  CZ  . PHE B 2 1   ? 2.175   -5.588  8.193   1.00 82.74  ? -1  PHE C CZ  1 
ATOM   1085 N  N   . ARG B 2 2   ? -2.637  -3.462  8.952   1.00 66.82  ? 0   ARG C N   1 
ATOM   1086 C  CA  . ARG B 2 2   ? -3.902  -4.102  8.517   1.00 83.91  ? 0   ARG C CA  1 
ATOM   1087 C  C   . ARG B 2 2   ? -3.840  -5.564  7.948   1.00 76.82  ? 0   ARG C C   1 
ATOM   1088 O  O   . ARG B 2 2   ? -3.083  -6.397  8.446   1.00 90.45  ? 0   ARG C O   1 
ATOM   1089 C  CB  . ARG B 2 2   ? -4.548  -3.151  7.497   1.00 64.64  ? 0   ARG C CB  1 
ATOM   1090 C  CG  . ARG B 2 2   ? -6.031  -3.313  7.257   1.00 70.36  ? 0   ARG C CG  1 
ATOM   1091 C  CD  . ARG B 2 2   ? -6.587  -2.000  6.770   1.00 56.00  ? 0   ARG C CD  1 
ATOM   1092 N  NE  . ARG B 2 2   ? -7.254  -1.386  7.896   1.00 74.16  ? 0   ARG C NE  1 
ATOM   1093 C  CZ  . ARG B 2 2   ? -7.779  -0.170  7.924   1.00 86.07  ? 0   ARG C CZ  1 
ATOM   1094 N  NH1 . ARG B 2 2   ? -7.741  0.635   6.852   1.00 55.18  ? 0   ARG C NH1 1 
ATOM   1095 N  NH2 . ARG B 2 2   ? -8.345  0.221   9.059   1.00 71.88  ? 0   ARG C NH2 1 
ATOM   1096 N  N   . GLY B 2 3   ? -4.694  -5.878  6.966   1.00 64.93  ? 1   GLY C N   1 
ATOM   1097 C  CA  . GLY B 2 3   ? -4.743  -7.173  6.292   1.00 52.51  ? 1   GLY C CA  1 
ATOM   1098 C  C   . GLY B 2 3   ? -5.416  -8.304  7.067   1.00 93.15  ? 1   GLY C C   1 
ATOM   1099 O  O   . GLY B 2 3   ? -4.767  -9.280  7.471   1.00 83.21  ? 1   GLY C O   1 
ATOM   1100 N  N   . LYS B 2 4   ? -6.725  -8.190  7.280   1.00 100.99 ? 2   LYS C N   1 
ATOM   1101 C  CA  . LYS B 2 4   ? -7.413  -9.141  8.149   1.00 81.59  ? 2   LYS C CA  1 
ATOM   1102 C  C   . LYS B 2 4   ? -8.748  -9.605  7.546   1.00 87.80  ? 2   LYS C C   1 
ATOM   1103 O  O   . LYS B 2 4   ? -9.824  -9.269  8.061   1.00 85.92  ? 2   LYS C O   1 
ATOM   1104 C  CB  . LYS B 2 4   ? -7.670  -8.513  9.529   1.00 87.97  ? 2   LYS C CB  1 
ATOM   1105 C  CG  . LYS B 2 4   ? -6.533  -7.670  10.143  1.00 75.44  ? 2   LYS C CG  1 
ATOM   1106 C  CD  . LYS B 2 4   ? -6.207  -7.989  11.584  1.00 68.93  ? 2   LYS C CD  1 
ATOM   1107 C  CE  . LYS B 2 4   ? -5.264  -6.910  12.113  1.00 75.75  ? 2   LYS C CE  1 
ATOM   1108 N  NZ  . LYS B 2 4   ? -5.874  -5.842  12.953  1.00 69.32  ? 2   LYS C NZ  1 
HETATM 1109 ZN ZN  . ZN  C 3 .   ? -0.850  12.150  -9.448  1.00 43.83  ? 201 ZN  A ZN  1 
HETATM 1110 O  O   . HOH D 4 .   ? 11.651  -0.129  -16.700 1.00 53.06  ? 301 HOH A O   1 
HETATM 1111 O  O   . HOH D 4 .   ? 5.935   5.412   -13.622 1.00 48.87  ? 302 HOH A O   1 
HETATM 1112 O  O   . HOH D 4 .   ? 3.217   -2.514  -16.552 1.00 47.14  ? 303 HOH A O   1 
HETATM 1113 O  O   . HOH D 4 .   ? 1.305   -1.296  20.691  1.00 50.29  ? 304 HOH A O   1 
HETATM 1114 O  O   . HOH D 4 .   ? -4.155  -9.957  -7.071  1.00 63.09  ? 305 HOH A O   1 
HETATM 1115 O  O   . HOH D 4 .   ? -1.147  -11.324 -0.986  1.00 41.37  ? 306 HOH A O   1 
HETATM 1116 O  O   . HOH D 4 .   ? 4.213   14.083  -2.294  1.00 52.92  ? 307 HOH A O   1 
HETATM 1117 O  O   . HOH D 4 .   ? -9.239  -1.647  0.942   1.00 39.94  ? 308 HOH A O   1 
HETATM 1118 O  O   . HOH D 4 .   ? -1.046  -6.432  -0.516  1.00 33.03  ? 309 HOH A O   1 
HETATM 1119 O  O   . HOH D 4 .   ? -21.043 5.763   -1.095  1.00 52.24  ? 310 HOH A O   1 
HETATM 1120 O  O   . HOH D 4 .   ? 5.667   11.985  -4.713  1.00 53.47  ? 311 HOH A O   1 
HETATM 1121 O  O   . HOH D 4 .   ? -20.818 -0.741  1.016   1.00 48.44  ? 312 HOH A O   1 
HETATM 1122 O  O   . HOH D 4 .   ? -8.426  13.008  4.706   1.00 36.05  ? 313 HOH A O   1 
HETATM 1123 O  O   . HOH D 4 .   ? 1.377   -15.032 -4.950  1.00 51.68  ? 314 HOH A O   1 
HETATM 1124 O  O   . HOH D 4 .   ? 5.697   -8.612  7.640   1.00 33.58  ? 315 HOH A O   1 
HETATM 1125 O  O   . HOH D 4 .   ? 1.482   -18.620 0.526   1.00 42.17  ? 316 HOH A O   1 
HETATM 1126 O  O   . HOH D 4 .   ? -3.833  -4.097  -9.616  1.00 49.14  ? 317 HOH A O   1 
HETATM 1127 O  O   . HOH D 4 .   ? 12.748  -5.344  6.029   1.00 45.88  ? 318 HOH A O   1 
HETATM 1128 O  O   . HOH D 4 .   ? 3.294   -1.677  14.047  1.00 36.89  ? 319 HOH A O   1 
HETATM 1129 O  O   . HOH D 4 .   ? 4.472   2.617   4.374   1.00 37.47  ? 320 HOH A O   1 
HETATM 1130 O  O   . HOH D 4 .   ? -4.920  5.838   -12.424 1.00 45.32  ? 321 HOH A O   1 
HETATM 1131 O  O   . HOH D 4 .   ? 0.888   16.452  4.630   1.00 37.52  ? 322 HOH A O   1 
HETATM 1132 O  O   . HOH D 4 .   ? 8.128   3.730   -10.891 1.00 45.95  ? 323 HOH A O   1 
HETATM 1133 O  O   . HOH D 4 .   ? 9.367   -3.062  10.850  1.00 41.69  ? 324 HOH A O   1 
HETATM 1134 O  O   . HOH D 4 .   ? -16.710 4.105   9.253   1.00 46.97  ? 325 HOH A O   1 
HETATM 1135 O  O   . HOH D 4 .   ? 5.731   2.644   1.698   1.00 35.87  ? 326 HOH A O   1 
HETATM 1136 O  O   . HOH D 4 .   ? -6.816  -2.833  -9.007  1.00 45.51  ? 327 HOH A O   1 
HETATM 1137 O  O   . HOH D 4 .   ? 13.446  -13.505 -8.755  1.00 62.77  ? 328 HOH A O   1 
HETATM 1138 O  O   . HOH D 4 .   ? -3.224  -10.182 -3.801  1.00 55.15  ? 329 HOH A O   1 
HETATM 1139 O  O   . HOH D 4 .   ? -14.605 9.408   0.842   1.00 53.01  ? 330 HOH A O   1 
HETATM 1140 O  O   . HOH D 4 .   ? 4.946   -4.132  20.642  1.00 41.39  ? 331 HOH A O   1 
HETATM 1141 O  O   . HOH D 4 .   ? 10.674  1.767   14.580  1.00 49.49  ? 332 HOH A O   1 
HETATM 1142 O  O   . HOH D 4 .   ? -1.711  2.316   15.209  1.00 55.66  ? 333 HOH A O   1 
HETATM 1143 O  O   . HOH D 4 .   ? -2.085  2.307   -13.556 1.00 46.01  ? 334 HOH A O   1 
HETATM 1144 O  O   . HOH D 4 .   ? -10.330 12.333  2.736   1.00 54.97  ? 335 HOH A O   1 
HETATM 1145 O  O   . HOH D 4 .   ? -5.902  -7.648  0.056   1.00 58.95  ? 336 HOH A O   1 
HETATM 1146 O  O   . HOH D 4 .   ? -18.259 6.386   3.288   1.00 53.32  ? 337 HOH A O   1 
HETATM 1147 O  O   . HOH D 4 .   ? 2.378   -9.005  -13.833 1.00 49.18  ? 338 HOH A O   1 
HETATM 1148 O  O   . HOH D 4 .   ? -8.064  0.381   -6.756  1.00 56.35  ? 339 HOH A O   1 
HETATM 1149 O  O   . HOH D 4 .   ? 1.832   -18.935 -2.533  1.00 43.97  ? 340 HOH A O   1 
HETATM 1150 O  O   . HOH D 4 .   ? -7.682  -2.094  -5.732  1.00 44.87  ? 341 HOH A O   1 
HETATM 1151 O  O   . HOH D 4 .   ? -2.505  -9.613  -1.165  1.00 49.37  ? 342 HOH A O   1 
HETATM 1152 O  O   . HOH D 4 .   ? 9.327   -4.418  12.629  1.00 46.92  ? 343 HOH A O   1 
HETATM 1153 O  O   . HOH D 4 .   ? -5.056  14.094  6.946   1.00 44.47  ? 344 HOH A O   1 
HETATM 1154 O  O   . HOH D 4 .   ? -7.615  -2.925  -11.435 1.00 46.62  ? 345 HOH A O   1 
HETATM 1155 O  O   . HOH D 4 .   ? -4.755  15.465  4.768   1.00 56.90  ? 346 HOH A O   1 
HETATM 1156 O  O   . HOH D 4 .   ? 4.261   -6.452  19.819  1.00 58.26  ? 347 HOH A O   1 
HETATM 1157 O  O   . HOH D 4 .   ? -4.113  13.258  8.769   1.00 44.74  ? 348 HOH A O   1 
# 
